data_5TA5
#
_entry.id   5TA5
#
_cell.length_a   60.741
_cell.length_b   73.601
_cell.length_c   83.390
_cell.angle_alpha   85.840
_cell.angle_beta   86.190
_cell.angle_gamma   71.820
#
_symmetry.space_group_name_H-M   'P 1'
#
loop_
_entity.id
_entity.type
_entity.pdbx_description
1 polymer 'Glycoside Hydrolase'
2 branched 3,6-anhydro-alpha-L-galactopyranose-(1-3)-beta-D-galactopyranose
3 branched beta-D-galactopyranose-(1-4)-3,6-anhydro-alpha-L-galactopyranose
4 non-polymer 'SULFATE ION'
5 non-polymer 1,2-ETHANEDIOL
6 non-polymer 'CALCIUM ION'
7 water water
#
_entity_poly.entity_id   1
_entity_poly.type   'polypeptide(L)'
_entity_poly.pdbx_seq_one_letter_code
;MGSSHHHHHHSSGLVPRGSHMASQTHVQLNLNVKHKLGDVTEFNRPKFINFHATINENYWDSANKIADLRDDLIRKYDVY
VGRETGMIKTVLRNVKEDPERPGFADPDDLARLCSQNKKRYVQNTKVHPYEKYSNLILCNQFSPFYPDGTKTLKGWALSQ
KDTEDEPFGTASGEFYGRYIKEYFGEGGESGEPKPGFCEVINEPLWDIYDKPKAPKSSITKLFEFHSTIAAQVKKFNPDM
KVGGYCTAFPDFELQNFGRWNARWKQFIDIAGKDMDFFTIHLYDFPCKDGKQMYRKGSNMEATMDMIEQYSMIKLGEVKP
LMISEYSAQTHDYNRKPWSPYRDWLRLKSTNSMLMQFMERTDNICYAMPFAMLKSEWGYNPKTGLAHTARMLRRENEPES
FTGEYVYSELIKFYQLWKDVKGTRVETNCDNPDIMCDAYVDGKNVYFIINNLDFKPVDLNLSVNGTSKDAKSIEVRHLYL
KGGKDGVPILDVYDAKSLDHFTLETEATCVICYNFDRKVKINETMEEVKYYATDYLKEIAAGKELVFNINNVKKTEYGEA
VIRLGLGRNHGLSLLPELLVNGKKVDIPDNFRGDVQKDRASFFGVIEVPVDYSILKGNNTISLKFPDNGGHVSTVTMQIF
NFSNNIRGI
;
_entity_poly.pdbx_strand_id   A,B
#
# COMPACT_ATOMS: atom_id res chain seq x y z
N GLN A 24 -34.87 -3.69 4.82
CA GLN A 24 -34.30 -2.94 3.66
C GLN A 24 -32.77 -2.89 3.73
N THR A 25 -32.13 -2.82 2.56
CA THR A 25 -30.69 -2.74 2.49
C THR A 25 -30.28 -1.30 2.19
N HIS A 26 -29.30 -0.76 2.89
N HIS A 26 -29.41 -0.79 3.06
CA HIS A 26 -28.82 0.61 2.61
CA HIS A 26 -28.82 0.52 2.91
C HIS A 26 -27.67 0.61 1.59
C HIS A 26 -27.60 0.36 2.02
N VAL A 27 -27.80 1.35 0.47
N VAL A 27 -27.61 1.12 0.92
CA VAL A 27 -26.70 1.40 -0.48
CA VAL A 27 -26.47 1.24 0.01
C VAL A 27 -26.21 2.82 -0.62
C VAL A 27 -26.08 2.71 -0.15
N GLN A 28 -24.93 2.99 -0.31
N GLN A 28 -24.79 2.97 -0.13
CA GLN A 28 -24.33 4.30 -0.16
CA GLN A 28 -24.27 4.32 -0.07
C GLN A 28 -23.28 4.51 -1.23
C GLN A 28 -23.23 4.53 -1.17
N LEU A 29 -23.27 5.69 -1.81
CA LEU A 29 -22.36 6.06 -2.88
C LEU A 29 -21.62 7.29 -2.37
N ASN A 30 -20.32 7.19 -2.17
CA ASN A 30 -19.50 8.33 -1.71
C ASN A 30 -18.72 8.80 -2.91
N LEU A 31 -19.35 9.65 -3.73
CA LEU A 31 -18.83 9.92 -5.07
C LEU A 31 -17.63 10.88 -5.11
N ASN A 32 -17.21 11.41 -3.95
CA ASN A 32 -16.01 12.24 -3.87
C ASN A 32 -14.80 11.44 -3.37
N VAL A 33 -14.98 10.15 -3.14
CA VAL A 33 -13.93 9.28 -2.55
C VAL A 33 -13.48 8.27 -3.58
N LYS A 34 -12.28 8.46 -4.11
CA LYS A 34 -11.69 7.54 -5.09
C LYS A 34 -11.42 6.20 -4.42
N HIS A 35 -11.72 5.10 -5.11
CA HIS A 35 -11.38 3.76 -4.61
C HIS A 35 -10.19 3.27 -5.43
N LYS A 36 -9.00 3.27 -4.82
CA LYS A 36 -7.75 2.87 -5.49
C LYS A 36 -7.43 1.45 -5.08
N LEU A 37 -6.95 0.65 -6.05
CA LEU A 37 -6.54 -0.72 -5.77
C LEU A 37 -5.30 -0.95 -6.57
N GLY A 38 -4.16 -1.08 -5.89
CA GLY A 38 -2.88 -1.05 -6.58
C GLY A 38 -2.72 0.29 -7.27
N ASP A 39 -2.42 0.26 -8.57
CA ASP A 39 -2.42 1.46 -9.41
C ASP A 39 -3.67 1.57 -10.30
N VAL A 40 -4.70 0.79 -9.98
CA VAL A 40 -5.94 0.85 -10.76
C VAL A 40 -6.93 1.74 -10.07
N THR A 41 -7.35 2.77 -10.80
CA THR A 41 -8.35 3.67 -10.30
C THR A 41 -9.54 3.89 -11.22
N GLU A 42 -9.56 3.24 -12.39
N GLU A 42 -9.53 3.25 -12.40
CA GLU A 42 -10.57 3.51 -13.39
CA GLU A 42 -10.49 3.48 -13.47
C GLU A 42 -11.13 2.21 -13.94
C GLU A 42 -11.20 2.16 -13.80
N PHE A 43 -12.40 2.26 -14.38
CA PHE A 43 -13.03 1.12 -15.02
C PHE A 43 -12.30 0.87 -16.35
N ASN A 44 -12.00 -0.39 -16.62
CA ASN A 44 -11.29 -0.76 -17.82
C ASN A 44 -12.25 -1.44 -18.79
N ARG A 45 -12.83 -0.68 -19.73
CA ARG A 45 -13.82 -1.27 -20.63
C ARG A 45 -13.25 -2.41 -21.48
N PRO A 46 -12.05 -2.25 -22.06
CA PRO A 46 -11.55 -3.39 -22.86
C PRO A 46 -11.41 -4.70 -22.08
N LYS A 47 -11.00 -4.57 -20.82
CA LYS A 47 -10.79 -5.71 -19.95
C LYS A 47 -12.08 -6.42 -19.60
N PHE A 48 -13.19 -5.68 -19.53
CA PHE A 48 -14.45 -6.21 -18.98
C PHE A 48 -15.63 -6.23 -19.96
N ILE A 49 -15.76 -5.23 -20.80
CA ILE A 49 -16.94 -5.17 -21.69
C ILE A 49 -16.51 -5.65 -23.06
N ASN A 50 -16.60 -6.96 -23.22
CA ASN A 50 -16.07 -7.62 -24.38
C ASN A 50 -16.83 -8.90 -24.65
N PHE A 51 -16.47 -9.60 -25.73
CA PHE A 51 -17.03 -10.92 -26.00
C PHE A 51 -16.10 -11.74 -26.84
N HIS A 52 -16.49 -13.00 -26.95
CA HIS A 52 -15.65 -14.05 -27.53
C HIS A 52 -15.80 -14.08 -29.06
N ALA A 53 -15.18 -13.11 -29.73
CA ALA A 53 -15.30 -12.91 -31.17
C ALA A 53 -14.03 -12.27 -31.70
N THR A 54 -13.97 -12.08 -33.01
CA THR A 54 -12.91 -11.31 -33.62
C THR A 54 -13.55 -10.30 -34.56
N ILE A 55 -12.80 -9.28 -34.90
CA ILE A 55 -13.32 -8.30 -35.85
C ILE A 55 -13.45 -8.79 -37.28
N ASN A 56 -12.75 -9.87 -37.63
CA ASN A 56 -12.67 -10.32 -39.03
C ASN A 56 -13.46 -11.57 -39.33
N GLU A 57 -14.14 -12.15 -38.35
CA GLU A 57 -14.98 -13.29 -38.67
C GLU A 57 -16.01 -12.89 -39.72
N ASN A 58 -16.24 -13.76 -40.69
CA ASN A 58 -17.08 -13.36 -41.81
C ASN A 58 -18.56 -13.31 -41.45
N TYR A 59 -18.91 -13.83 -40.27
CA TYR A 59 -20.29 -13.76 -39.80
C TYR A 59 -20.79 -12.34 -39.60
N TRP A 60 -19.90 -11.36 -39.47
CA TRP A 60 -20.33 -9.97 -39.41
C TRP A 60 -20.99 -9.46 -40.71
N ASP A 61 -20.68 -10.13 -41.81
CA ASP A 61 -20.84 -9.57 -43.14
C ASP A 61 -21.90 -10.21 -44.01
N SER A 62 -22.68 -11.12 -43.46
CA SER A 62 -23.76 -11.73 -44.21
C SER A 62 -24.91 -12.15 -43.32
N ALA A 63 -26.11 -12.12 -43.90
CA ALA A 63 -27.33 -12.69 -43.31
C ALA A 63 -27.85 -11.96 -42.09
N ASN A 64 -27.44 -10.71 -41.89
CA ASN A 64 -27.86 -9.96 -40.71
C ASN A 64 -28.86 -8.87 -41.07
N LYS A 65 -29.84 -8.67 -40.21
CA LYS A 65 -30.80 -7.58 -40.41
C LYS A 65 -30.09 -6.21 -40.46
N ILE A 66 -29.12 -6.00 -39.57
CA ILE A 66 -28.36 -4.75 -39.55
C ILE A 66 -27.23 -4.85 -40.59
N ALA A 67 -27.18 -3.88 -41.51
CA ALA A 67 -26.23 -3.90 -42.61
C ALA A 67 -24.78 -3.73 -42.14
N ASP A 68 -24.58 -2.75 -41.28
CA ASP A 68 -23.27 -2.52 -40.67
C ASP A 68 -23.29 -2.89 -39.20
N LEU A 69 -23.14 -4.18 -38.95
CA LEU A 69 -23.29 -4.73 -37.62
C LEU A 69 -22.10 -4.38 -36.72
N ARG A 70 -20.89 -4.29 -37.28
CA ARG A 70 -19.75 -3.83 -36.49
C ARG A 70 -19.99 -2.43 -35.93
N ASP A 71 -20.52 -1.55 -36.77
CA ASP A 71 -20.79 -0.20 -36.30
C ASP A 71 -21.82 -0.19 -35.17
N ASP A 72 -22.84 -1.05 -35.24
CA ASP A 72 -23.83 -1.08 -34.20
C ASP A 72 -23.30 -1.73 -32.93
N LEU A 73 -22.68 -2.89 -33.03
CA LEU A 73 -22.28 -3.63 -31.82
C LEU A 73 -20.99 -3.12 -31.22
N ILE A 74 -19.93 -3.03 -32.03
N ILE A 74 -19.93 -3.05 -32.02
CA ILE A 74 -18.62 -2.64 -31.52
CA ILE A 74 -18.61 -2.66 -31.51
C ILE A 74 -18.58 -1.14 -31.27
C ILE A 74 -18.57 -1.14 -31.27
N ARG A 75 -18.91 -0.34 -32.28
CA ARG A 75 -18.75 1.10 -32.16
C ARG A 75 -19.81 1.73 -31.25
N LYS A 76 -21.08 1.51 -31.55
CA LYS A 76 -22.15 2.19 -30.81
C LYS A 76 -22.19 1.81 -29.34
N TYR A 77 -22.00 0.53 -29.04
CA TYR A 77 -22.04 0.07 -27.66
C TYR A 77 -20.68 0.09 -26.99
N ASP A 78 -19.62 0.34 -27.77
CA ASP A 78 -18.23 0.40 -27.27
C ASP A 78 -17.83 -0.92 -26.60
N VAL A 79 -17.81 -1.95 -27.44
CA VAL A 79 -17.57 -3.33 -26.99
C VAL A 79 -16.29 -3.87 -27.62
N TYR A 80 -15.50 -4.58 -26.84
CA TYR A 80 -14.17 -5.04 -27.23
C TYR A 80 -14.13 -6.54 -27.51
N VAL A 81 -13.09 -6.96 -28.22
CA VAL A 81 -12.85 -8.38 -28.55
C VAL A 81 -11.37 -8.65 -28.22
N GLY A 82 -10.95 -9.90 -28.11
CA GLY A 82 -11.74 -11.12 -28.27
C GLY A 82 -10.84 -12.35 -28.11
N ARG A 83 -11.34 -13.48 -28.56
CA ARG A 83 -10.63 -14.76 -28.39
C ARG A 83 -10.96 -15.61 -29.61
N GLU A 84 -10.02 -16.39 -30.11
CA GLU A 84 -10.23 -17.18 -31.31
C GLU A 84 -9.31 -18.38 -31.30
N THR A 85 -9.90 -19.55 -31.51
CA THR A 85 -9.18 -20.83 -31.59
C THR A 85 -9.33 -21.55 -32.91
N GLY A 86 -10.29 -21.17 -33.75
CA GLY A 86 -10.56 -21.93 -34.93
C GLY A 86 -9.59 -21.81 -36.09
N MET A 87 -9.05 -20.60 -36.30
CA MET A 87 -8.11 -20.40 -37.41
C MET A 87 -6.87 -21.24 -37.21
N ILE A 88 -6.31 -21.18 -36.00
CA ILE A 88 -5.08 -21.94 -35.73
C ILE A 88 -5.35 -23.47 -35.82
N LYS A 89 -6.53 -23.91 -35.38
CA LYS A 89 -6.90 -25.31 -35.52
C LYS A 89 -6.92 -25.74 -36.96
N THR A 90 -7.52 -24.93 -37.82
CA THR A 90 -7.63 -25.29 -39.22
C THR A 90 -6.23 -25.41 -39.85
N VAL A 91 -5.32 -24.52 -39.49
CA VAL A 91 -3.94 -24.63 -40.00
C VAL A 91 -3.28 -25.90 -39.48
N LEU A 92 -3.35 -26.14 -38.17
CA LEU A 92 -2.77 -27.36 -37.62
C LEU A 92 -3.31 -28.64 -38.26
N ARG A 93 -4.62 -28.68 -38.47
N ARG A 93 -4.63 -28.68 -38.46
CA ARG A 93 -5.23 -29.90 -39.00
CA ARG A 93 -5.28 -29.87 -39.00
C ARG A 93 -4.93 -30.17 -40.47
C ARG A 93 -4.94 -30.16 -40.46
N ASN A 94 -4.46 -29.15 -41.19
CA ASN A 94 -4.18 -29.27 -42.62
C ASN A 94 -2.73 -29.13 -43.05
N VAL A 95 -1.86 -28.71 -42.15
CA VAL A 95 -0.45 -28.50 -42.52
C VAL A 95 0.25 -29.84 -42.77
N LYS A 96 1.13 -29.82 -43.76
CA LYS A 96 1.91 -31.00 -44.07
C LYS A 96 3.01 -31.22 -43.01
N GLU A 97 3.47 -32.46 -42.95
CA GLU A 97 4.49 -32.89 -42.02
C GLU A 97 5.87 -32.58 -42.57
N ASP A 98 6.78 -32.19 -41.69
CA ASP A 98 8.17 -31.96 -42.07
C ASP A 98 8.80 -33.31 -42.54
N PRO A 99 9.23 -33.38 -43.80
CA PRO A 99 9.85 -34.64 -44.26
C PRO A 99 11.16 -35.02 -43.56
N GLU A 100 11.84 -34.06 -42.93
CA GLU A 100 13.04 -34.33 -42.17
C GLU A 100 12.80 -34.71 -40.72
N ARG A 101 11.60 -34.37 -40.18
CA ARG A 101 11.31 -34.55 -38.74
C ARG A 101 9.90 -35.05 -38.52
N PRO A 102 9.71 -36.37 -38.51
CA PRO A 102 8.40 -36.94 -38.20
C PRO A 102 7.79 -36.31 -36.94
N GLY A 103 6.51 -35.98 -37.05
CA GLY A 103 5.79 -35.42 -35.94
C GLY A 103 5.94 -33.93 -35.77
N PHE A 104 6.57 -33.25 -36.73
CA PHE A 104 6.65 -31.79 -36.72
C PHE A 104 5.92 -31.25 -37.94
N ALA A 105 5.28 -30.12 -37.78
CA ALA A 105 4.69 -29.40 -38.92
C ALA A 105 5.82 -28.96 -39.83
N ASP A 106 5.62 -29.09 -41.12
CA ASP A 106 6.62 -28.63 -42.09
C ASP A 106 6.74 -27.09 -42.04
N PRO A 107 7.95 -26.55 -41.80
CA PRO A 107 8.03 -25.08 -41.71
C PRO A 107 7.62 -24.38 -43.00
N ASP A 108 7.93 -24.95 -44.15
CA ASP A 108 7.53 -24.32 -45.42
C ASP A 108 6.02 -24.33 -45.65
N ASP A 109 5.37 -25.47 -45.44
CA ASP A 109 3.92 -25.52 -45.62
C ASP A 109 3.21 -24.65 -44.58
N LEU A 110 3.73 -24.64 -43.36
CA LEU A 110 3.16 -23.76 -42.34
C LEU A 110 3.24 -22.30 -42.75
N ALA A 111 4.39 -21.88 -43.24
CA ALA A 111 4.53 -20.51 -43.72
C ALA A 111 3.55 -20.22 -44.87
N ARG A 112 3.32 -21.20 -45.73
CA ARG A 112 2.40 -21.05 -46.88
C ARG A 112 0.96 -20.85 -46.42
N LEU A 113 0.51 -21.69 -45.51
CA LEU A 113 -0.86 -21.59 -45.01
C LEU A 113 -1.05 -20.29 -44.25
N CYS A 114 -0.09 -19.96 -43.42
CA CYS A 114 -0.13 -18.69 -42.67
C CYS A 114 -0.15 -17.45 -43.60
N SER A 115 0.68 -17.50 -44.65
N SER A 115 0.67 -17.50 -44.65
N SER A 115 0.67 -17.49 -44.65
CA SER A 115 0.73 -16.44 -45.67
CA SER A 115 0.72 -16.43 -45.64
CA SER A 115 0.71 -16.39 -45.63
C SER A 115 -0.59 -16.24 -46.40
C SER A 115 -0.58 -16.25 -46.42
C SER A 115 -0.59 -16.23 -46.42
N GLN A 116 -1.25 -17.35 -46.73
CA GLN A 116 -2.58 -17.33 -47.39
C GLN A 116 -3.59 -16.60 -46.50
N ASN A 117 -3.60 -16.96 -45.21
CA ASN A 117 -4.48 -16.28 -44.25
C ASN A 117 -4.12 -14.82 -44.04
N LYS A 118 -2.82 -14.51 -44.03
CA LYS A 118 -2.37 -13.15 -43.82
C LYS A 118 -2.80 -12.29 -45.00
N LYS A 119 -2.62 -12.82 -46.22
CA LYS A 119 -3.07 -12.10 -47.41
C LYS A 119 -4.57 -11.77 -47.34
N ARG A 120 -5.37 -12.74 -46.90
CA ARG A 120 -6.81 -12.54 -46.72
C ARG A 120 -7.07 -11.40 -45.73
N TYR A 121 -6.32 -11.36 -44.62
CA TYR A 121 -6.49 -10.28 -43.64
C TYR A 121 -6.13 -8.91 -44.23
N VAL A 122 -5.00 -8.86 -44.91
CA VAL A 122 -4.49 -7.65 -45.51
C VAL A 122 -5.48 -7.04 -46.51
N GLN A 123 -6.14 -7.90 -47.29
CA GLN A 123 -7.14 -7.47 -48.28
C GLN A 123 -8.47 -7.10 -47.66
N ASN A 124 -8.69 -7.49 -46.40
CA ASN A 124 -9.96 -7.23 -45.71
C ASN A 124 -9.94 -5.84 -45.06
N THR A 125 -9.84 -4.80 -45.90
CA THR A 125 -9.60 -3.46 -45.40
C THR A 125 -10.75 -2.91 -44.55
N LYS A 126 -11.97 -3.41 -44.74
CA LYS A 126 -13.12 -2.91 -43.98
C LYS A 126 -12.98 -3.15 -42.47
N VAL A 127 -12.20 -4.16 -42.07
CA VAL A 127 -12.07 -4.47 -40.66
C VAL A 127 -10.93 -3.71 -40.00
N HIS A 128 -9.97 -3.18 -40.79
CA HIS A 128 -8.76 -2.60 -40.20
C HIS A 128 -9.03 -1.47 -39.21
N PRO A 129 -10.04 -0.61 -39.50
CA PRO A 129 -10.34 0.45 -38.52
C PRO A 129 -10.87 -0.02 -37.17
N TYR A 130 -11.28 -1.29 -37.09
CA TYR A 130 -11.73 -1.87 -35.83
C TYR A 130 -10.63 -2.52 -35.00
N GLU A 131 -9.39 -2.49 -35.47
CA GLU A 131 -8.26 -3.02 -34.69
C GLU A 131 -8.13 -2.39 -33.30
N LYS A 132 -8.46 -1.10 -33.18
CA LYS A 132 -8.43 -0.43 -31.89
C LYS A 132 -9.40 -1.01 -30.85
N TYR A 133 -10.34 -1.86 -31.28
CA TYR A 133 -11.25 -2.54 -30.35
C TYR A 133 -10.80 -3.97 -30.01
N SER A 134 -9.66 -4.39 -30.55
CA SER A 134 -9.25 -5.80 -30.47
C SER A 134 -7.94 -6.00 -29.72
N ASN A 135 -7.99 -6.88 -28.74
CA ASN A 135 -6.78 -7.38 -28.06
C ASN A 135 -7.00 -8.89 -27.98
N LEU A 136 -6.36 -9.64 -28.87
CA LEU A 136 -6.73 -11.02 -29.05
C LEU A 136 -6.12 -11.93 -28.01
N ILE A 137 -6.98 -12.79 -27.47
CA ILE A 137 -6.55 -14.00 -26.77
C ILE A 137 -6.51 -15.14 -27.79
N LEU A 138 -5.31 -15.69 -28.03
CA LEU A 138 -5.13 -16.86 -28.87
C LEU A 138 -5.03 -18.09 -27.98
N CYS A 139 -5.59 -19.21 -28.43
CA CYS A 139 -5.56 -20.46 -27.69
C CYS A 139 -5.71 -21.62 -28.66
N ASN A 140 -5.11 -22.76 -28.35
CA ASN A 140 -5.34 -23.99 -29.10
C ASN A 140 -6.48 -24.78 -28.47
N GLN A 141 -7.39 -25.26 -29.28
CA GLN A 141 -8.26 -26.36 -28.86
C GLN A 141 -7.41 -27.60 -28.50
N PHE A 142 -7.98 -28.46 -27.67
CA PHE A 142 -7.24 -29.58 -27.16
C PHE A 142 -6.63 -30.48 -28.23
N SER A 143 -7.40 -30.79 -29.24
CA SER A 143 -7.03 -31.76 -30.26
C SER A 143 -6.90 -31.07 -31.61
N PRO A 144 -5.88 -31.37 -32.42
CA PRO A 144 -4.84 -32.36 -32.14
C PRO A 144 -3.58 -31.78 -31.52
N PHE A 145 -3.64 -30.56 -30.98
CA PHE A 145 -2.47 -29.90 -30.41
C PHE A 145 -1.80 -30.68 -29.29
N TYR A 146 -2.57 -31.28 -28.39
CA TYR A 146 -1.96 -32.08 -27.32
C TYR A 146 -1.47 -33.38 -27.95
N PRO A 147 -0.18 -33.69 -27.77
CA PRO A 147 0.40 -34.80 -28.53
C PRO A 147 0.12 -36.15 -27.87
N ASP A 148 -1.09 -36.65 -28.09
CA ASP A 148 -1.55 -37.96 -27.59
C ASP A 148 -1.69 -39.02 -28.66
N GLY A 149 -1.15 -38.76 -29.86
CA GLY A 149 -1.25 -39.67 -30.99
C GLY A 149 -2.36 -39.34 -31.96
N THR A 150 -3.16 -38.32 -31.67
CA THR A 150 -4.26 -37.96 -32.55
C THR A 150 -3.71 -37.44 -33.87
N LYS A 151 -4.16 -38.02 -34.97
CA LYS A 151 -3.69 -37.58 -36.28
C LYS A 151 -4.49 -36.43 -36.82
N THR A 152 -3.80 -35.63 -37.64
CA THR A 152 -4.43 -34.51 -38.33
C THR A 152 -5.14 -35.04 -39.59
N LEU A 153 -5.73 -34.12 -40.34
CA LEU A 153 -6.33 -34.49 -41.62
C LEU A 153 -5.29 -34.92 -42.67
N LYS A 154 -4.01 -34.60 -42.44
CA LYS A 154 -2.94 -35.09 -43.28
C LYS A 154 -2.37 -36.45 -42.85
N GLY A 155 -2.94 -37.06 -41.81
CA GLY A 155 -2.59 -38.42 -41.43
C GLY A 155 -1.36 -38.59 -40.55
N TRP A 156 -0.88 -37.50 -39.96
CA TRP A 156 0.29 -37.57 -39.05
C TRP A 156 -0.08 -36.97 -37.71
N ALA A 157 0.65 -37.39 -36.67
CA ALA A 157 0.40 -36.91 -35.30
C ALA A 157 1.59 -36.09 -34.82
N LEU A 158 1.32 -35.07 -34.02
CA LEU A 158 2.41 -34.30 -33.42
C LEU A 158 3.31 -35.20 -32.53
N SER A 159 4.62 -34.96 -32.58
CA SER A 159 5.55 -35.78 -31.85
C SER A 159 5.20 -35.97 -30.39
N GLN A 160 5.26 -37.22 -29.95
CA GLN A 160 4.97 -37.57 -28.56
C GLN A 160 6.23 -37.83 -27.76
N LYS A 161 7.40 -37.47 -28.31
CA LYS A 161 8.68 -37.69 -27.66
C LYS A 161 8.78 -36.94 -26.35
N ASP A 162 9.60 -37.47 -25.45
CA ASP A 162 9.92 -36.73 -24.24
C ASP A 162 11.34 -37.07 -23.81
N THR A 163 12.28 -36.51 -24.54
CA THR A 163 13.71 -36.72 -24.31
C THR A 163 14.36 -35.45 -23.76
N GLU A 164 15.63 -35.53 -23.37
CA GLU A 164 16.37 -34.35 -22.92
C GLU A 164 16.38 -33.22 -23.94
N ASP A 165 16.62 -33.57 -25.21
CA ASP A 165 16.70 -32.57 -26.26
C ASP A 165 15.34 -32.26 -26.87
N GLU A 166 14.37 -33.16 -26.72
CA GLU A 166 13.03 -32.95 -27.26
C GLU A 166 12.02 -33.22 -26.15
N PRO A 167 11.89 -32.27 -25.21
CA PRO A 167 10.92 -32.49 -24.15
C PRO A 167 9.49 -32.54 -24.69
N PHE A 168 8.63 -33.23 -23.96
CA PHE A 168 7.24 -33.41 -24.38
C PHE A 168 6.59 -32.09 -24.75
N GLY A 169 6.07 -32.01 -25.98
CA GLY A 169 5.42 -30.83 -26.50
C GLY A 169 6.30 -29.96 -27.37
N THR A 170 7.56 -30.35 -27.60
CA THR A 170 8.45 -29.54 -28.46
C THR A 170 7.83 -29.24 -29.84
N ALA A 171 7.33 -30.26 -30.50
CA ALA A 171 6.75 -30.07 -31.85
C ALA A 171 5.49 -29.24 -31.81
N SER A 172 4.64 -29.48 -30.81
CA SER A 172 3.45 -28.66 -30.62
C SER A 172 3.83 -27.20 -30.38
N GLY A 173 4.86 -26.99 -29.56
CA GLY A 173 5.36 -25.66 -29.25
C GLY A 173 5.94 -24.94 -30.44
N GLU A 174 6.70 -25.66 -31.24
CA GLU A 174 7.29 -25.10 -32.45
C GLU A 174 6.20 -24.71 -33.40
N PHE A 175 5.19 -25.56 -33.58
CA PHE A 175 4.05 -25.19 -34.42
C PHE A 175 3.45 -23.86 -33.93
N TYR A 176 3.17 -23.79 -32.64
CA TYR A 176 2.53 -22.59 -32.07
C TYR A 176 3.38 -21.32 -32.26
N GLY A 177 4.67 -21.45 -31.94
CA GLY A 177 5.59 -20.32 -32.10
C GLY A 177 5.70 -19.87 -33.54
N ARG A 178 5.84 -20.81 -34.47
CA ARG A 178 5.93 -20.49 -35.90
C ARG A 178 4.63 -19.89 -36.42
N TYR A 179 3.50 -20.44 -35.98
CA TYR A 179 2.21 -19.90 -36.40
C TYR A 179 2.13 -18.42 -36.06
N ILE A 180 2.42 -18.09 -34.82
CA ILE A 180 2.31 -16.70 -34.37
C ILE A 180 3.25 -15.82 -35.20
N LYS A 181 4.47 -16.27 -35.38
CA LYS A 181 5.46 -15.48 -36.14
C LYS A 181 5.08 -15.27 -37.60
N GLU A 182 4.56 -16.30 -38.25
CA GLU A 182 4.26 -16.31 -39.69
C GLU A 182 2.95 -15.59 -40.02
N TYR A 183 1.91 -15.79 -39.21
CA TYR A 183 0.60 -15.23 -39.55
C TYR A 183 0.45 -13.75 -39.19
N PHE A 184 0.82 -13.39 -37.97
CA PHE A 184 0.53 -12.03 -37.48
C PHE A 184 1.50 -10.98 -38.01
N GLY A 185 0.99 -9.78 -38.17
CA GLY A 185 1.78 -8.61 -38.56
C GLY A 185 1.68 -7.53 -37.53
N GLU A 186 1.59 -6.27 -37.98
CA GLU A 186 1.58 -5.10 -37.09
C GLU A 186 0.34 -4.23 -37.32
N GLY A 187 -0.67 -4.80 -37.96
CA GLY A 187 -1.93 -4.13 -38.22
C GLY A 187 -2.12 -3.79 -39.66
N GLY A 188 -3.37 -3.76 -40.08
CA GLY A 188 -3.79 -3.34 -41.41
C GLY A 188 -3.13 -4.11 -42.54
N GLU A 189 -2.53 -3.34 -43.45
CA GLU A 189 -1.88 -3.94 -44.60
C GLU A 189 -0.61 -4.70 -44.28
N SER A 190 -0.13 -4.64 -43.03
CA SER A 190 1.02 -5.44 -42.60
C SER A 190 0.61 -6.79 -41.99
N GLY A 191 -0.69 -6.99 -41.79
CA GLY A 191 -1.20 -8.26 -41.23
C GLY A 191 -1.91 -7.99 -39.92
N GLU A 192 -2.57 -9.02 -39.42
CA GLU A 192 -3.32 -8.90 -38.19
C GLU A 192 -2.38 -8.61 -37.00
N PRO A 193 -2.74 -7.66 -36.12
CA PRO A 193 -1.90 -7.46 -34.97
C PRO A 193 -1.66 -8.71 -34.11
N LYS A 194 -0.47 -8.81 -33.55
CA LYS A 194 -0.14 -9.93 -32.65
C LYS A 194 -1.17 -10.06 -31.53
N PRO A 195 -1.41 -11.30 -31.08
CA PRO A 195 -2.23 -11.45 -29.89
C PRO A 195 -1.64 -10.80 -28.67
N GLY A 196 -2.51 -10.29 -27.81
CA GLY A 196 -2.11 -9.82 -26.50
C GLY A 196 -1.70 -10.91 -25.57
N PHE A 197 -2.32 -12.08 -25.71
CA PHE A 197 -2.14 -13.18 -24.78
C PHE A 197 -2.24 -14.48 -25.53
N CYS A 198 -1.35 -15.42 -25.22
CA CYS A 198 -1.38 -16.76 -25.78
C CYS A 198 -1.62 -17.78 -24.68
N GLU A 199 -2.82 -18.33 -24.63
CA GLU A 199 -3.10 -19.45 -23.75
C GLU A 199 -2.53 -20.67 -24.43
N VAL A 200 -2.05 -21.62 -23.64
CA VAL A 200 -1.45 -22.83 -24.24
C VAL A 200 -2.51 -23.71 -24.88
N ILE A 201 -3.50 -24.11 -24.10
CA ILE A 201 -4.41 -25.15 -24.53
C ILE A 201 -5.73 -25.05 -23.77
N ASN A 202 -6.85 -25.20 -24.49
CA ASN A 202 -8.18 -25.03 -23.92
C ASN A 202 -8.67 -26.27 -23.16
N GLU A 203 -9.05 -26.07 -21.90
CA GLU A 203 -9.71 -27.12 -21.08
C GLU A 203 -9.06 -28.50 -21.18
N PRO A 204 -7.75 -28.58 -20.86
CA PRO A 204 -7.05 -29.83 -21.14
C PRO A 204 -7.41 -31.02 -20.25
N LEU A 205 -7.65 -30.77 -18.97
CA LEU A 205 -7.96 -31.85 -18.07
C LEU A 205 -9.36 -32.39 -18.23
N TRP A 206 -10.25 -31.58 -18.80
CA TRP A 206 -11.54 -32.10 -19.23
C TRP A 206 -11.29 -33.26 -20.22
N ASP A 207 -10.47 -33.04 -21.23
CA ASP A 207 -10.19 -34.07 -22.22
C ASP A 207 -9.32 -35.19 -21.66
N ILE A 208 -8.32 -34.85 -20.86
CA ILE A 208 -7.37 -35.85 -20.35
C ILE A 208 -7.98 -36.77 -19.30
N TYR A 209 -8.75 -36.18 -18.39
CA TYR A 209 -9.15 -36.88 -17.17
C TYR A 209 -10.64 -36.99 -16.90
N ASP A 210 -11.40 -35.93 -17.14
CA ASP A 210 -12.76 -35.82 -16.58
C ASP A 210 -13.91 -36.16 -17.49
N LYS A 211 -13.74 -35.97 -18.78
CA LYS A 211 -14.87 -36.23 -19.70
C LYS A 211 -15.22 -37.73 -19.74
N PRO A 212 -16.41 -38.07 -20.24
CA PRO A 212 -16.74 -39.47 -20.43
C PRO A 212 -15.71 -40.14 -21.35
N LYS A 213 -15.26 -41.32 -20.95
CA LYS A 213 -14.24 -42.09 -21.71
C LYS A 213 -12.88 -41.36 -21.86
N ALA A 214 -12.58 -40.46 -20.93
CA ALA A 214 -11.28 -39.83 -20.90
C ALA A 214 -10.23 -40.91 -20.66
N PRO A 215 -9.03 -40.74 -21.21
CA PRO A 215 -7.99 -41.75 -21.04
C PRO A 215 -7.38 -41.79 -19.63
N LYS A 216 -7.58 -40.71 -18.86
N LYS A 216 -7.57 -40.74 -18.84
CA LYS A 216 -6.97 -40.57 -17.56
CA LYS A 216 -6.95 -40.63 -17.53
C LYS A 216 -5.45 -40.79 -17.60
C LYS A 216 -5.43 -40.80 -17.60
N SER A 217 -4.83 -40.10 -18.55
CA SER A 217 -3.40 -40.04 -18.64
C SER A 217 -2.86 -39.02 -17.62
N SER A 218 -1.54 -38.86 -17.60
CA SER A 218 -0.87 -38.07 -16.59
C SER A 218 -1.29 -36.61 -16.55
N ILE A 219 -1.62 -36.15 -15.35
CA ILE A 219 -2.02 -34.77 -15.12
C ILE A 219 -0.79 -33.85 -15.08
N THR A 220 0.25 -34.25 -14.33
CA THR A 220 1.46 -33.42 -14.25
C THR A 220 2.21 -33.33 -15.59
N LYS A 221 2.08 -34.34 -16.48
CA LYS A 221 2.65 -34.25 -17.80
C LYS A 221 2.06 -33.07 -18.56
N LEU A 222 0.76 -32.83 -18.40
CA LEU A 222 0.12 -31.68 -19.00
C LEU A 222 0.71 -30.34 -18.47
N PHE A 223 1.00 -30.34 -17.18
CA PHE A 223 1.58 -29.14 -16.59
C PHE A 223 3.00 -28.89 -17.09
N GLU A 224 3.83 -29.93 -17.19
N GLU A 224 3.81 -29.93 -17.18
CA GLU A 224 5.16 -29.79 -17.79
CA GLU A 224 5.15 -29.82 -17.77
C GLU A 224 5.07 -29.31 -19.24
C GLU A 224 5.11 -29.38 -19.24
N PHE A 225 4.10 -29.84 -19.97
CA PHE A 225 3.86 -29.44 -21.36
C PHE A 225 3.72 -27.92 -21.47
N HIS A 226 3.07 -27.29 -20.49
CA HIS A 226 2.94 -25.83 -20.48
C HIS A 226 4.28 -25.10 -20.48
N SER A 227 5.21 -25.54 -19.66
CA SER A 227 6.55 -24.94 -19.65
C SER A 227 7.23 -25.06 -21.03
N THR A 228 7.12 -26.25 -21.64
CA THR A 228 7.71 -26.48 -22.93
C THR A 228 7.09 -25.61 -24.01
N ILE A 229 5.76 -25.49 -23.98
CA ILE A 229 5.08 -24.65 -24.95
C ILE A 229 5.49 -23.19 -24.80
N ALA A 230 5.53 -22.70 -23.57
CA ALA A 230 5.91 -21.31 -23.34
C ALA A 230 7.31 -21.03 -23.91
N ALA A 231 8.22 -21.95 -23.67
CA ALA A 231 9.60 -21.72 -24.11
C ALA A 231 9.69 -21.70 -25.61
N GLN A 232 8.92 -22.58 -26.27
CA GLN A 232 8.91 -22.61 -27.75
C GLN A 232 8.23 -21.38 -28.35
N VAL A 233 7.13 -20.94 -27.75
CA VAL A 233 6.47 -19.72 -28.25
C VAL A 233 7.42 -18.53 -28.14
N LYS A 234 8.10 -18.44 -27.01
N LYS A 234 8.13 -18.44 -27.03
CA LYS A 234 9.02 -17.35 -26.72
CA LYS A 234 9.04 -17.31 -26.77
C LYS A 234 10.27 -17.40 -27.60
C LYS A 234 10.38 -17.41 -27.50
N LYS A 235 10.75 -18.61 -27.94
CA LYS A 235 11.89 -18.77 -28.87
C LYS A 235 11.60 -18.02 -30.18
N PHE A 236 10.39 -18.17 -30.68
CA PHE A 236 10.01 -17.52 -31.93
C PHE A 236 9.45 -16.09 -31.77
N ASN A 237 8.93 -15.76 -30.59
CA ASN A 237 8.19 -14.52 -30.31
C ASN A 237 8.53 -14.05 -28.90
N PRO A 238 9.70 -13.41 -28.74
CA PRO A 238 10.23 -13.18 -27.40
C PRO A 238 9.36 -12.39 -26.43
N ASP A 239 8.57 -11.47 -26.93
CA ASP A 239 7.76 -10.65 -26.02
C ASP A 239 6.38 -11.21 -25.71
N MET A 240 6.03 -12.39 -26.22
CA MET A 240 4.65 -12.90 -26.07
C MET A 240 4.35 -13.39 -24.68
N LYS A 241 3.19 -13.02 -24.14
CA LYS A 241 2.73 -13.53 -22.86
C LYS A 241 2.04 -14.86 -23.05
N VAL A 242 2.40 -15.86 -22.22
CA VAL A 242 1.89 -17.21 -22.32
C VAL A 242 1.27 -17.58 -20.96
N GLY A 243 0.16 -18.31 -21.00
CA GLY A 243 -0.53 -18.65 -19.76
C GLY A 243 -1.23 -20.00 -19.81
N GLY A 244 -1.74 -20.39 -18.66
CA GLY A 244 -2.41 -21.67 -18.52
C GLY A 244 -3.06 -21.79 -17.17
N TYR A 245 -3.74 -22.91 -16.89
CA TYR A 245 -3.95 -24.02 -17.82
C TYR A 245 -5.33 -24.04 -18.49
N CYS A 246 -6.10 -22.98 -18.28
N CYS A 246 -6.10 -22.95 -18.40
CA CYS A 246 -7.34 -22.75 -18.97
CA CYS A 246 -7.42 -22.77 -19.04
C CYS A 246 -8.37 -23.77 -18.51
C CYS A 246 -8.40 -23.77 -18.51
N THR A 247 -8.52 -23.78 -17.19
CA THR A 247 -9.28 -24.83 -16.47
C THR A 247 -10.77 -24.80 -16.75
N ALA A 248 -11.32 -25.93 -17.15
CA ALA A 248 -12.75 -26.04 -17.47
C ALA A 248 -13.61 -25.85 -16.22
N PHE A 249 -13.20 -26.51 -15.11
CA PHE A 249 -14.00 -26.57 -13.89
C PHE A 249 -13.04 -26.56 -12.69
N PRO A 250 -12.64 -25.37 -12.24
CA PRO A 250 -11.74 -25.27 -11.09
C PRO A 250 -12.53 -25.53 -9.80
N ASP A 251 -12.45 -26.77 -9.33
CA ASP A 251 -13.30 -27.32 -8.25
C ASP A 251 -12.39 -27.87 -7.12
N PHE A 252 -11.84 -26.94 -6.35
CA PHE A 252 -10.68 -27.20 -5.51
C PHE A 252 -10.98 -28.10 -4.32
N GLU A 253 -12.19 -27.99 -3.81
CA GLU A 253 -12.55 -28.71 -2.58
C GLU A 253 -12.80 -30.20 -2.80
N LEU A 254 -12.98 -30.63 -4.05
CA LEU A 254 -13.36 -32.02 -4.32
C LEU A 254 -12.31 -33.01 -3.80
N GLN A 255 -12.78 -34.19 -3.44
CA GLN A 255 -11.93 -35.19 -2.79
C GLN A 255 -11.18 -34.66 -1.56
N ASN A 256 -11.90 -33.91 -0.72
N ASN A 256 -11.89 -33.88 -0.73
CA ASN A 256 -11.35 -33.32 0.50
CA ASN A 256 -11.33 -33.33 0.49
C ASN A 256 -10.08 -32.50 0.22
C ASN A 256 -10.05 -32.51 0.21
N PHE A 257 -10.12 -31.72 -0.86
CA PHE A 257 -9.01 -30.90 -1.38
C PHE A 257 -7.91 -31.66 -2.08
N GLY A 258 -8.15 -32.95 -2.34
CA GLY A 258 -7.28 -33.72 -3.18
C GLY A 258 -7.26 -33.17 -4.59
N ARG A 259 -8.35 -32.57 -5.03
CA ARG A 259 -8.37 -32.03 -6.41
C ARG A 259 -7.47 -30.81 -6.52
N TRP A 260 -7.57 -29.93 -5.55
CA TRP A 260 -6.60 -28.83 -5.44
C TRP A 260 -5.16 -29.35 -5.43
N ASN A 261 -4.90 -30.34 -4.57
CA ASN A 261 -3.51 -30.79 -4.37
C ASN A 261 -2.95 -31.48 -5.61
N ALA A 262 -3.80 -32.10 -6.42
CA ALA A 262 -3.37 -32.83 -7.60
C ALA A 262 -3.26 -31.95 -8.85
N ARG A 263 -3.96 -30.82 -8.85
CA ARG A 263 -4.11 -30.03 -10.06
C ARG A 263 -3.49 -28.65 -9.91
N TRP A 264 -4.26 -27.64 -9.50
CA TRP A 264 -3.71 -26.27 -9.44
C TRP A 264 -2.46 -26.14 -8.54
N LYS A 265 -2.44 -26.84 -7.41
CA LYS A 265 -1.22 -26.83 -6.62
C LYS A 265 -0.02 -27.25 -7.44
N GLN A 266 -0.17 -28.38 -8.11
CA GLN A 266 0.91 -28.93 -8.95
C GLN A 266 1.23 -28.02 -10.11
N PHE A 267 0.22 -27.43 -10.75
CA PHE A 267 0.49 -26.55 -11.88
C PHE A 267 1.34 -25.34 -11.43
N ILE A 268 0.97 -24.77 -10.30
CA ILE A 268 1.76 -23.66 -9.74
C ILE A 268 3.19 -24.13 -9.44
N ASP A 269 3.33 -25.31 -8.84
CA ASP A 269 4.65 -25.86 -8.48
C ASP A 269 5.54 -26.17 -9.68
N ILE A 270 4.93 -26.63 -10.77
CA ILE A 270 5.64 -27.12 -11.96
C ILE A 270 5.88 -26.01 -12.97
N ALA A 271 4.83 -25.28 -13.32
CA ALA A 271 4.87 -24.36 -14.45
C ALA A 271 4.62 -22.90 -14.04
N GLY A 272 4.30 -22.64 -12.77
CA GLY A 272 3.91 -21.29 -12.35
C GLY A 272 4.91 -20.23 -12.69
N LYS A 273 6.18 -20.50 -12.41
CA LYS A 273 7.26 -19.56 -12.71
C LYS A 273 7.43 -19.27 -14.19
N ASP A 274 6.95 -20.16 -15.06
CA ASP A 274 7.08 -20.01 -16.50
C ASP A 274 5.89 -19.35 -17.16
N MET A 275 4.81 -19.19 -16.43
CA MET A 275 3.61 -18.57 -17.00
C MET A 275 3.61 -17.07 -16.73
N ASP A 276 3.24 -16.28 -17.74
CA ASP A 276 3.02 -14.85 -17.54
C ASP A 276 1.69 -14.53 -16.88
N PHE A 277 0.72 -15.43 -17.09
CA PHE A 277 -0.63 -15.29 -16.50
C PHE A 277 -1.23 -16.67 -16.26
N PHE A 278 -2.18 -16.71 -15.33
CA PHE A 278 -3.00 -17.89 -15.08
C PHE A 278 -4.35 -17.66 -15.73
N THR A 279 -4.97 -18.76 -16.15
CA THR A 279 -6.24 -18.66 -16.85
C THR A 279 -7.14 -19.81 -16.47
N ILE A 280 -8.39 -19.45 -16.18
CA ILE A 280 -9.44 -20.39 -15.82
C ILE A 280 -10.75 -19.99 -16.51
N HIS A 281 -11.68 -20.92 -16.49
CA HIS A 281 -13.06 -20.68 -16.87
C HIS A 281 -13.94 -20.82 -15.66
N LEU A 282 -14.95 -19.93 -15.53
CA LEU A 282 -15.87 -19.94 -14.39
C LEU A 282 -17.31 -19.97 -14.86
N TYR A 283 -17.96 -21.14 -14.75
CA TYR A 283 -19.36 -21.28 -15.14
C TYR A 283 -20.26 -21.67 -13.95
N ASP A 284 -21.33 -20.92 -13.79
CA ASP A 284 -22.42 -21.30 -12.87
C ASP A 284 -23.19 -22.42 -13.52
N PHE A 285 -23.78 -23.28 -12.69
CA PHE A 285 -24.70 -24.32 -13.16
C PHE A 285 -26.10 -24.04 -12.59
N PRO A 286 -26.87 -23.16 -13.25
CA PRO A 286 -28.23 -22.85 -12.76
C PRO A 286 -29.24 -23.99 -12.91
N CYS A 287 -28.95 -24.99 -13.73
CA CYS A 287 -29.95 -26.03 -14.01
C CYS A 287 -29.27 -27.27 -14.57
N LYS A 288 -28.68 -28.06 -13.69
CA LYS A 288 -28.07 -29.31 -14.08
C LYS A 288 -28.88 -30.42 -13.42
N ASP A 289 -29.68 -31.12 -14.21
CA ASP A 289 -30.59 -32.15 -13.69
C ASP A 289 -31.45 -31.60 -12.55
N GLY A 290 -31.96 -30.38 -12.75
CA GLY A 290 -32.76 -29.67 -11.78
C GLY A 290 -32.05 -29.09 -10.56
N LYS A 291 -30.72 -29.21 -10.49
CA LYS A 291 -29.92 -28.66 -9.40
C LYS A 291 -29.31 -27.31 -9.75
N GLN A 292 -29.17 -26.45 -8.74
N GLN A 292 -29.16 -26.48 -8.72
CA GLN A 292 -28.59 -25.09 -8.86
CA GLN A 292 -28.54 -25.17 -8.79
C GLN A 292 -27.27 -25.02 -8.10
C GLN A 292 -27.21 -25.23 -8.07
N MET A 293 -26.13 -25.07 -8.81
CA MET A 293 -24.80 -25.07 -8.21
C MET A 293 -24.08 -23.86 -8.71
N TYR A 294 -24.01 -22.83 -7.87
CA TYR A 294 -23.41 -21.56 -8.30
C TYR A 294 -21.98 -21.33 -7.85
N ARG A 295 -21.22 -20.66 -8.71
CA ARG A 295 -19.94 -20.08 -8.32
C ARG A 295 -20.10 -18.64 -7.89
N LYS A 296 -21.00 -17.89 -8.55
CA LYS A 296 -21.24 -16.51 -8.15
C LYS A 296 -21.53 -16.43 -6.67
N GLY A 297 -21.01 -15.39 -6.04
CA GLY A 297 -21.02 -15.31 -4.59
C GLY A 297 -19.76 -15.88 -3.98
N SER A 298 -19.87 -16.48 -2.80
CA SER A 298 -18.70 -16.81 -1.99
C SER A 298 -17.81 -17.91 -2.57
N ASN A 299 -18.38 -18.80 -3.40
CA ASN A 299 -17.63 -19.92 -3.96
C ASN A 299 -16.48 -19.45 -4.88
N MET A 300 -16.79 -18.60 -5.85
N MET A 300 -16.78 -18.63 -5.87
CA MET A 300 -15.77 -18.05 -6.75
CA MET A 300 -15.69 -18.13 -6.74
C MET A 300 -14.71 -17.22 -6.01
C MET A 300 -14.68 -17.25 -5.98
N GLU A 301 -15.11 -16.57 -4.91
CA GLU A 301 -14.18 -15.85 -4.06
C GLU A 301 -13.15 -16.78 -3.46
N ALA A 302 -13.60 -17.96 -3.03
CA ALA A 302 -12.69 -18.95 -2.45
C ALA A 302 -11.74 -19.52 -3.48
N THR A 303 -12.26 -19.79 -4.69
CA THR A 303 -11.42 -20.30 -5.77
C THR A 303 -10.30 -19.32 -6.07
N MET A 304 -10.67 -18.06 -6.24
CA MET A 304 -9.68 -17.04 -6.64
C MET A 304 -8.71 -16.75 -5.48
N ASP A 305 -9.22 -16.70 -4.26
CA ASP A 305 -8.32 -16.51 -3.09
C ASP A 305 -7.31 -17.63 -2.94
N MET A 306 -7.68 -18.87 -3.26
CA MET A 306 -6.77 -19.99 -3.10
C MET A 306 -5.66 -19.92 -4.15
N ILE A 307 -5.99 -19.56 -5.38
CA ILE A 307 -4.94 -19.38 -6.40
C ILE A 307 -3.96 -18.30 -5.95
N GLU A 308 -4.48 -17.15 -5.50
CA GLU A 308 -3.62 -16.06 -5.10
C GLU A 308 -2.76 -16.41 -3.87
N GLN A 309 -3.40 -16.99 -2.88
CA GLN A 309 -2.70 -17.31 -1.63
C GLN A 309 -1.58 -18.30 -1.87
N TYR A 310 -1.88 -19.36 -2.61
CA TYR A 310 -0.80 -20.35 -2.88
C TYR A 310 0.30 -19.79 -3.82
N SER A 311 -0.09 -18.95 -4.77
CA SER A 311 0.90 -18.25 -5.58
C SER A 311 1.84 -17.44 -4.71
N MET A 312 1.28 -16.70 -3.75
CA MET A 312 2.14 -15.98 -2.81
C MET A 312 3.10 -16.91 -2.04
N ILE A 313 2.59 -18.01 -1.54
CA ILE A 313 3.43 -18.94 -0.76
C ILE A 313 4.55 -19.53 -1.62
N LYS A 314 4.19 -20.02 -2.79
CA LYS A 314 5.13 -20.78 -3.60
C LYS A 314 5.99 -19.91 -4.50
N LEU A 315 5.34 -18.99 -5.21
CA LEU A 315 6.01 -18.13 -6.19
C LEU A 315 6.47 -16.79 -5.60
N GLY A 316 5.90 -16.42 -4.46
CA GLY A 316 6.19 -15.11 -3.85
C GLY A 316 5.50 -13.93 -4.50
N GLU A 317 4.49 -14.18 -5.33
CA GLU A 317 3.75 -13.09 -5.99
C GLU A 317 2.43 -13.61 -6.48
N VAL A 318 1.49 -12.71 -6.65
CA VAL A 318 0.23 -13.01 -7.31
C VAL A 318 0.43 -12.89 -8.80
N LYS A 319 0.00 -13.91 -9.53
N LYS A 319 0.07 -13.93 -9.55
CA LYS A 319 0.07 -13.94 -10.98
CA LYS A 319 0.10 -13.86 -11.01
C LYS A 319 -1.18 -13.29 -11.56
C LYS A 319 -1.16 -13.22 -11.53
N PRO A 320 -1.04 -12.49 -12.65
CA PRO A 320 -2.25 -11.95 -13.30
C PRO A 320 -3.19 -13.10 -13.70
N LEU A 321 -4.48 -12.92 -13.45
CA LEU A 321 -5.47 -13.95 -13.71
C LEU A 321 -6.35 -13.53 -14.87
N MET A 322 -6.48 -14.43 -15.84
CA MET A 322 -7.40 -14.29 -16.94
C MET A 322 -8.57 -15.23 -16.72
N ILE A 323 -9.78 -14.73 -16.97
N ILE A 323 -9.78 -14.74 -16.99
CA ILE A 323 -10.98 -15.59 -17.02
CA ILE A 323 -10.96 -15.60 -17.03
C ILE A 323 -11.44 -15.59 -18.47
C ILE A 323 -11.42 -15.58 -18.47
N SER A 324 -10.92 -16.52 -19.28
CA SER A 324 -11.15 -16.44 -20.72
C SER A 324 -12.55 -16.89 -21.16
N GLU A 325 -13.30 -17.53 -20.27
CA GLU A 325 -14.73 -17.83 -20.49
C GLU A 325 -15.43 -17.79 -19.14
N TYR A 326 -16.56 -17.11 -19.08
CA TYR A 326 -17.40 -17.20 -17.91
C TYR A 326 -18.85 -16.91 -18.24
N SER A 327 -19.69 -17.33 -17.31
CA SER A 327 -21.12 -17.00 -17.16
C SER A 327 -21.83 -18.27 -16.64
N ALA A 328 -22.77 -18.80 -17.40
CA ALA A 328 -23.50 -20.02 -16.99
C ALA A 328 -23.39 -21.07 -18.07
N GLN A 329 -23.38 -22.34 -17.64
CA GLN A 329 -23.65 -23.45 -18.54
C GLN A 329 -25.07 -23.91 -18.20
N THR A 330 -25.91 -24.06 -19.20
CA THR A 330 -27.35 -24.27 -18.97
C THR A 330 -27.80 -25.68 -19.39
N HIS A 331 -27.32 -26.69 -18.69
CA HIS A 331 -27.45 -28.10 -19.09
C HIS A 331 -28.88 -28.48 -19.46
N ASP A 332 -29.82 -28.12 -18.60
CA ASP A 332 -31.20 -28.56 -18.80
C ASP A 332 -31.88 -27.88 -19.98
N TYR A 333 -31.25 -26.84 -20.53
CA TYR A 333 -31.73 -26.16 -21.71
C TYR A 333 -30.84 -26.37 -22.94
N ASN A 334 -29.81 -27.20 -22.83
CA ASN A 334 -28.87 -27.33 -23.94
C ASN A 334 -29.25 -28.32 -25.02
N ARG A 335 -30.36 -29.05 -24.84
CA ARG A 335 -30.97 -29.81 -25.94
C ARG A 335 -32.30 -29.19 -26.35
N LYS A 336 -32.47 -27.92 -26.02
CA LYS A 336 -33.62 -27.15 -26.47
C LYS A 336 -33.21 -26.12 -27.48
N PRO A 337 -34.16 -25.62 -28.27
CA PRO A 337 -33.83 -24.47 -29.10
C PRO A 337 -33.65 -23.20 -28.28
N TRP A 338 -33.26 -22.14 -28.95
CA TRP A 338 -33.03 -20.85 -28.29
C TRP A 338 -34.28 -20.38 -27.57
N SER A 339 -34.08 -19.71 -26.44
CA SER A 339 -35.19 -18.98 -25.80
C SER A 339 -34.64 -17.74 -25.12
N PRO A 340 -35.45 -16.69 -24.99
CA PRO A 340 -35.05 -15.57 -24.14
C PRO A 340 -34.66 -16.00 -22.71
N TYR A 341 -35.37 -16.97 -22.16
CA TYR A 341 -35.07 -17.42 -20.79
C TYR A 341 -33.67 -18.01 -20.67
N ARG A 342 -33.28 -18.83 -21.64
CA ARG A 342 -31.93 -19.42 -21.61
C ARG A 342 -30.89 -18.29 -21.62
N ASP A 343 -31.13 -17.25 -22.40
CA ASP A 343 -30.24 -16.07 -22.39
C ASP A 343 -30.23 -15.37 -21.02
N TRP A 344 -31.39 -15.24 -20.37
CA TRP A 344 -31.42 -14.70 -19.01
C TRP A 344 -30.53 -15.47 -18.03
N LEU A 345 -30.54 -16.80 -18.13
CA LEU A 345 -29.72 -17.61 -17.26
C LEU A 345 -28.25 -17.20 -17.41
N ARG A 346 -27.84 -16.89 -18.64
CA ARG A 346 -26.49 -16.44 -18.91
C ARG A 346 -26.26 -15.02 -18.42
N LEU A 347 -27.21 -14.15 -18.69
CA LEU A 347 -27.09 -12.72 -18.27
C LEU A 347 -26.88 -12.55 -16.79
N LYS A 348 -27.68 -13.27 -15.97
CA LYS A 348 -27.60 -13.03 -14.53
C LYS A 348 -26.27 -13.50 -13.95
N SER A 349 -25.71 -14.55 -14.53
CA SER A 349 -24.42 -15.04 -14.10
C SER A 349 -23.33 -14.06 -14.54
N THR A 350 -23.45 -13.57 -15.76
CA THR A 350 -22.45 -12.63 -16.26
C THR A 350 -22.35 -11.39 -15.38
N ASN A 351 -23.49 -10.79 -15.06
CA ASN A 351 -23.46 -9.52 -14.31
C ASN A 351 -22.84 -9.71 -12.91
N SER A 352 -23.23 -10.78 -12.22
CA SER A 352 -22.67 -11.03 -10.91
C SER A 352 -21.18 -11.32 -10.97
N MET A 353 -20.77 -12.21 -11.87
CA MET A 353 -19.35 -12.55 -11.94
C MET A 353 -18.52 -11.31 -12.29
N LEU A 354 -19.04 -10.51 -13.21
CA LEU A 354 -18.33 -9.29 -13.63
C LEU A 354 -18.07 -8.37 -12.42
N MET A 355 -19.07 -8.12 -11.59
N MET A 355 -19.09 -8.14 -11.59
CA MET A 355 -18.84 -7.26 -10.43
CA MET A 355 -18.91 -7.31 -10.38
C MET A 355 -17.79 -7.86 -9.48
C MET A 355 -17.79 -7.86 -9.50
N GLN A 356 -17.76 -9.19 -9.36
CA GLN A 356 -16.72 -9.82 -8.54
C GLN A 356 -15.34 -9.65 -9.15
N PHE A 357 -15.23 -9.71 -10.48
CA PHE A 357 -13.91 -9.51 -11.14
C PHE A 357 -13.47 -8.05 -11.04
N MET A 358 -14.44 -7.15 -11.08
CA MET A 358 -14.15 -5.73 -10.92
C MET A 358 -13.53 -5.42 -9.56
N GLU A 359 -13.93 -6.17 -8.54
CA GLU A 359 -13.36 -6.02 -7.19
C GLU A 359 -11.90 -6.42 -7.12
N ARG A 360 -11.42 -7.21 -8.10
CA ARG A 360 -10.00 -7.64 -8.18
C ARG A 360 -9.30 -7.13 -9.39
N THR A 361 -9.68 -5.96 -9.86
CA THR A 361 -9.22 -5.49 -11.14
C THR A 361 -7.69 -5.42 -11.22
N ASP A 362 -7.02 -5.17 -10.10
CA ASP A 362 -5.56 -5.09 -10.12
C ASP A 362 -4.89 -6.40 -10.50
N ASN A 363 -5.51 -7.53 -10.15
CA ASN A 363 -4.94 -8.86 -10.45
C ASN A 363 -5.68 -9.64 -11.50
N ILE A 364 -6.59 -9.00 -12.23
CA ILE A 364 -7.27 -9.61 -13.36
C ILE A 364 -6.79 -8.93 -14.62
N CYS A 365 -6.27 -9.69 -15.56
CA CYS A 365 -5.75 -9.09 -16.78
C CYS A 365 -6.79 -9.05 -17.88
N TYR A 366 -7.83 -9.87 -17.78
CA TYR A 366 -8.85 -9.97 -18.84
C TYR A 366 -9.96 -10.88 -18.30
N ALA A 367 -11.22 -10.51 -18.51
CA ALA A 367 -12.33 -11.39 -18.18
C ALA A 367 -13.31 -11.27 -19.33
N MET A 368 -13.66 -12.43 -19.90
CA MET A 368 -14.42 -12.47 -21.17
C MET A 368 -15.67 -13.29 -20.96
N PRO A 369 -16.85 -12.63 -20.95
CA PRO A 369 -18.07 -13.42 -20.95
C PRO A 369 -18.14 -14.34 -22.18
N PHE A 370 -18.58 -15.59 -21.98
CA PHE A 370 -18.66 -16.50 -23.11
C PHE A 370 -19.94 -16.26 -23.89
N ALA A 371 -19.82 -15.41 -24.88
CA ALA A 371 -20.84 -15.16 -25.86
C ALA A 371 -20.12 -15.00 -27.17
N MET A 372 -20.50 -15.78 -28.17
CA MET A 372 -19.90 -15.67 -29.50
C MET A 372 -20.83 -14.86 -30.37
N LEU A 373 -20.35 -14.40 -31.52
CA LEU A 373 -21.19 -13.57 -32.38
C LEU A 373 -22.36 -14.36 -32.97
N LYS A 374 -22.04 -15.48 -33.61
CA LYS A 374 -23.00 -16.21 -34.41
C LYS A 374 -22.78 -17.71 -34.40
N SER A 375 -21.53 -18.14 -34.55
CA SER A 375 -21.18 -19.56 -34.49
C SER A 375 -22.12 -20.46 -35.31
N GLU A 376 -22.32 -20.15 -36.58
CA GLU A 376 -23.15 -20.99 -37.44
C GLU A 376 -22.57 -22.39 -37.61
N TRP A 377 -21.24 -22.51 -37.50
CA TRP A 377 -20.58 -23.81 -37.45
C TRP A 377 -21.13 -24.73 -36.35
N GLY A 378 -21.69 -24.14 -35.29
CA GLY A 378 -22.23 -24.88 -34.16
C GLY A 378 -23.66 -25.34 -34.33
N TYR A 379 -24.31 -24.98 -35.44
CA TYR A 379 -25.68 -25.42 -35.72
C TYR A 379 -25.61 -26.84 -36.25
N ASN A 380 -26.39 -27.75 -35.63
CA ASN A 380 -26.40 -29.16 -36.04
C ASN A 380 -27.68 -29.45 -36.78
N PRO A 381 -27.62 -29.63 -38.12
CA PRO A 381 -28.85 -29.87 -38.85
C PRO A 381 -29.54 -31.20 -38.51
N LYS A 382 -28.83 -32.16 -37.94
CA LYS A 382 -29.42 -33.44 -37.50
C LYS A 382 -30.47 -33.20 -36.42
N THR A 383 -30.19 -32.30 -35.50
CA THR A 383 -31.00 -32.10 -34.29
C THR A 383 -31.79 -30.78 -34.32
N GLY A 384 -31.37 -29.84 -35.19
CA GLY A 384 -31.95 -28.49 -35.21
C GLY A 384 -31.46 -27.59 -34.09
N LEU A 385 -30.36 -27.96 -33.43
CA LEU A 385 -29.85 -27.22 -32.26
C LEU A 385 -28.74 -26.27 -32.65
N ALA A 386 -28.98 -24.99 -32.39
CA ALA A 386 -28.01 -23.92 -32.62
C ALA A 386 -27.09 -23.80 -31.44
N HIS A 387 -26.01 -23.04 -31.62
CA HIS A 387 -25.05 -22.80 -30.54
C HIS A 387 -25.75 -22.09 -29.35
N THR A 388 -25.40 -22.47 -28.13
CA THR A 388 -26.17 -22.00 -26.96
C THR A 388 -25.75 -20.66 -26.35
N ALA A 389 -24.75 -20.00 -26.94
CA ALA A 389 -24.23 -18.70 -26.41
C ALA A 389 -23.88 -17.73 -27.55
N ARG A 390 -24.91 -17.19 -28.19
CA ARG A 390 -24.79 -16.34 -29.36
C ARG A 390 -25.35 -14.94 -29.14
N MET A 391 -24.65 -13.94 -29.66
CA MET A 391 -25.12 -12.57 -29.70
C MET A 391 -26.24 -12.37 -30.72
N LEU A 392 -26.26 -13.23 -31.73
CA LEU A 392 -27.26 -13.16 -32.81
C LEU A 392 -28.00 -14.47 -32.93
N ARG A 393 -29.29 -14.37 -33.26
CA ARG A 393 -30.10 -15.54 -33.54
C ARG A 393 -30.99 -15.23 -34.71
N ARG A 394 -31.41 -16.26 -35.43
CA ARG A 394 -32.22 -16.04 -36.65
C ARG A 394 -33.62 -15.63 -36.25
N GLU A 395 -34.25 -14.82 -37.08
CA GLU A 395 -35.52 -14.21 -36.74
C GLU A 395 -36.62 -15.23 -36.43
N ASN A 396 -36.59 -16.39 -37.06
CA ASN A 396 -37.65 -17.39 -36.84
C ASN A 396 -37.35 -18.40 -35.77
N GLU A 397 -36.20 -18.30 -35.11
CA GLU A 397 -35.93 -19.12 -33.94
C GLU A 397 -36.88 -18.71 -32.80
N PRO A 398 -37.39 -19.64 -32.00
CA PRO A 398 -36.98 -21.04 -31.91
C PRO A 398 -37.67 -22.05 -32.83
N GLU A 399 -38.71 -21.62 -33.53
CA GLU A 399 -39.49 -22.55 -34.37
C GLU A 399 -38.66 -23.11 -35.52
N SER A 400 -37.82 -22.27 -36.12
CA SER A 400 -36.94 -22.75 -37.19
C SER A 400 -35.72 -21.88 -37.32
N PHE A 401 -34.66 -22.52 -37.80
CA PHE A 401 -33.38 -21.85 -37.99
C PHE A 401 -33.39 -21.21 -39.38
N THR A 402 -34.26 -20.21 -39.53
CA THR A 402 -34.45 -19.52 -40.80
C THR A 402 -34.67 -18.04 -40.54
N GLY A 403 -34.47 -17.23 -41.59
CA GLY A 403 -34.62 -15.82 -41.49
C GLY A 403 -33.29 -15.15 -41.18
N GLU A 404 -33.27 -13.83 -41.29
N GLU A 404 -33.28 -13.83 -41.29
CA GLU A 404 -32.04 -13.09 -41.05
CA GLU A 404 -32.07 -13.04 -41.04
C GLU A 404 -31.74 -12.98 -39.56
C GLU A 404 -31.74 -13.02 -39.56
N TYR A 405 -30.48 -12.76 -39.24
CA TYR A 405 -30.06 -12.67 -37.87
C TYR A 405 -30.38 -11.30 -37.24
N VAL A 406 -30.82 -11.39 -35.99
CA VAL A 406 -31.15 -10.28 -35.13
C VAL A 406 -30.46 -10.52 -33.78
N TYR A 407 -30.38 -9.49 -32.96
CA TYR A 407 -29.78 -9.69 -31.63
C TYR A 407 -30.58 -10.69 -30.78
N SER A 408 -29.86 -11.54 -30.07
CA SER A 408 -30.41 -12.35 -29.00
C SER A 408 -30.64 -11.45 -27.79
N GLU A 409 -31.08 -12.01 -26.67
CA GLU A 409 -31.24 -11.22 -25.45
C GLU A 409 -29.90 -10.87 -24.82
N LEU A 410 -28.81 -11.49 -25.26
CA LEU A 410 -27.52 -11.18 -24.68
C LEU A 410 -27.08 -9.73 -24.96
N ILE A 411 -27.66 -9.11 -25.99
CA ILE A 411 -27.37 -7.69 -26.25
C ILE A 411 -27.73 -6.81 -25.07
N LYS A 412 -28.65 -7.27 -24.24
CA LYS A 412 -29.08 -6.49 -23.06
C LYS A 412 -27.95 -6.25 -22.08
N PHE A 413 -26.95 -7.13 -22.04
CA PHE A 413 -25.78 -6.91 -21.20
C PHE A 413 -25.04 -5.64 -21.66
N TYR A 414 -24.86 -5.52 -22.96
CA TYR A 414 -24.08 -4.40 -23.54
C TYR A 414 -24.90 -3.11 -23.48
N GLN A 415 -26.23 -3.23 -23.56
CA GLN A 415 -27.11 -2.08 -23.37
C GLN A 415 -27.05 -1.59 -21.92
N LEU A 416 -27.04 -2.51 -20.97
CA LEU A 416 -27.02 -2.17 -19.54
C LEU A 416 -25.73 -1.44 -19.19
N TRP A 417 -24.61 -1.93 -19.75
CA TRP A 417 -23.28 -1.41 -19.42
C TRP A 417 -22.82 -0.30 -20.37
N LYS A 418 -23.71 0.16 -21.25
CA LYS A 418 -23.34 1.22 -22.19
C LYS A 418 -22.90 2.47 -21.44
N ASP A 419 -21.86 3.11 -21.95
CA ASP A 419 -21.32 4.34 -21.37
C ASP A 419 -20.50 4.19 -20.10
N VAL A 420 -20.64 3.11 -19.34
CA VAL A 420 -20.04 3.00 -18.01
C VAL A 420 -18.51 3.07 -18.14
N LYS A 421 -17.94 4.07 -17.47
CA LYS A 421 -16.51 4.29 -17.42
C LYS A 421 -16.23 5.31 -16.34
N GLY A 422 -14.95 5.46 -16.05
CA GLY A 422 -14.50 6.56 -15.23
C GLY A 422 -13.72 6.13 -13.99
N THR A 423 -13.56 7.06 -13.07
CA THR A 423 -12.78 6.84 -11.86
C THR A 423 -13.64 6.14 -10.82
N ARG A 424 -13.17 5.00 -10.33
CA ARG A 424 -13.89 4.28 -9.29
C ARG A 424 -14.02 5.07 -8.00
N VAL A 425 -15.20 5.04 -7.42
CA VAL A 425 -15.45 5.69 -6.14
C VAL A 425 -16.07 4.72 -5.16
N GLU A 426 -15.97 5.09 -3.89
CA GLU A 426 -16.38 4.22 -2.81
C GLU A 426 -17.90 4.01 -2.76
N THR A 427 -18.29 2.76 -2.61
CA THR A 427 -19.67 2.39 -2.30
C THR A 427 -19.67 1.47 -1.10
N ASN A 428 -20.78 1.43 -0.39
CA ASN A 428 -20.94 0.36 0.55
C ASN A 428 -22.38 -0.01 0.65
N CYS A 429 -22.58 -1.29 0.83
N CYS A 429 -22.61 -1.31 0.75
CA CYS A 429 -23.90 -1.81 0.96
CA CYS A 429 -23.96 -1.88 0.85
C CYS A 429 -23.82 -2.74 2.15
C CYS A 429 -23.97 -2.88 2.00
N ASP A 430 -24.84 -2.68 3.01
CA ASP A 430 -24.81 -3.47 4.25
C ASP A 430 -25.54 -4.81 4.16
N ASN A 431 -25.45 -5.48 3.00
CA ASN A 431 -26.03 -6.80 2.81
C ASN A 431 -25.03 -7.54 1.94
N PRO A 432 -24.42 -8.63 2.43
CA PRO A 432 -23.42 -9.33 1.60
C PRO A 432 -23.99 -9.93 0.31
N ASP A 433 -25.30 -10.08 0.21
CA ASP A 433 -25.94 -10.50 -1.05
C ASP A 433 -26.16 -9.40 -2.07
N ILE A 434 -25.85 -8.15 -1.73
CA ILE A 434 -25.94 -7.03 -2.67
C ILE A 434 -24.52 -6.57 -2.94
N MET A 435 -24.13 -6.53 -4.20
CA MET A 435 -22.81 -6.03 -4.57
C MET A 435 -23.00 -4.68 -5.23
N CYS A 436 -22.10 -3.74 -4.96
N CYS A 436 -22.07 -3.75 -4.96
CA CYS A 436 -22.22 -2.42 -5.53
CA CYS A 436 -22.15 -2.36 -5.39
C CYS A 436 -20.85 -1.89 -5.92
C CYS A 436 -20.82 -1.92 -5.94
N ASP A 437 -20.87 -0.99 -6.89
CA ASP A 437 -19.67 -0.37 -7.41
C ASP A 437 -20.10 0.95 -8.08
N ALA A 438 -19.15 1.84 -8.33
CA ALA A 438 -19.48 3.12 -8.95
C ALA A 438 -18.29 3.74 -9.61
N TYR A 439 -18.54 4.44 -10.72
CA TYR A 439 -17.49 5.09 -11.52
C TYR A 439 -17.95 6.48 -11.94
N VAL A 440 -17.04 7.44 -11.83
CA VAL A 440 -17.29 8.85 -12.14
C VAL A 440 -16.56 9.26 -13.41
N ASP A 441 -17.33 9.67 -14.43
CA ASP A 441 -16.79 10.14 -15.69
C ASP A 441 -17.26 11.57 -15.90
N GLY A 442 -16.46 12.51 -15.42
CA GLY A 442 -16.79 13.94 -15.56
C GLY A 442 -18.06 14.29 -14.81
N LYS A 443 -19.11 14.61 -15.59
CA LYS A 443 -20.41 14.99 -15.05
C LYS A 443 -21.32 13.77 -14.80
N ASN A 444 -20.91 12.59 -15.29
CA ASN A 444 -21.71 11.38 -15.16
C ASN A 444 -21.17 10.44 -14.07
N VAL A 445 -22.08 9.86 -13.31
CA VAL A 445 -21.73 8.87 -12.30
C VAL A 445 -22.60 7.62 -12.56
N TYR A 446 -21.97 6.45 -12.59
CA TYR A 446 -22.60 5.16 -12.84
C TYR A 446 -22.52 4.40 -11.54
N PHE A 447 -23.68 4.08 -10.98
CA PHE A 447 -23.81 3.39 -9.71
C PHE A 447 -24.41 2.02 -10.04
N ILE A 448 -23.63 0.95 -9.85
CA ILE A 448 -24.05 -0.39 -10.29
C ILE A 448 -24.35 -1.24 -9.09
N ILE A 449 -25.53 -1.88 -9.09
CA ILE A 449 -25.95 -2.70 -7.96
C ILE A 449 -26.44 -4.03 -8.50
N ASN A 450 -25.97 -5.11 -7.90
CA ASN A 450 -26.33 -6.47 -8.32
C ASN A 450 -26.82 -7.29 -7.16
N ASN A 451 -27.83 -8.11 -7.43
CA ASN A 451 -28.46 -8.94 -6.43
C ASN A 451 -28.07 -10.40 -6.56
N LEU A 452 -27.43 -10.95 -5.51
CA LEU A 452 -27.13 -12.39 -5.42
C LEU A 452 -28.23 -13.19 -4.75
N ASP A 453 -29.20 -12.50 -4.15
CA ASP A 453 -30.35 -13.19 -3.51
C ASP A 453 -31.35 -13.66 -4.56
N PHE A 454 -32.15 -14.64 -4.16
CA PHE A 454 -33.18 -15.25 -5.02
C PHE A 454 -34.57 -14.71 -4.71
N LYS A 455 -34.62 -13.45 -4.31
CA LYS A 455 -35.85 -12.72 -4.12
C LYS A 455 -35.53 -11.25 -4.34
N PRO A 456 -36.57 -10.44 -4.55
CA PRO A 456 -36.34 -9.00 -4.63
C PRO A 456 -35.82 -8.44 -3.32
N VAL A 457 -35.01 -7.38 -3.43
CA VAL A 457 -34.43 -6.71 -2.30
C VAL A 457 -34.74 -5.20 -2.39
N ASP A 458 -35.30 -4.67 -1.31
CA ASP A 458 -35.64 -3.26 -1.24
C ASP A 458 -34.40 -2.47 -0.80
N LEU A 459 -34.02 -1.48 -1.60
CA LEU A 459 -32.82 -0.69 -1.34
C LEU A 459 -33.19 0.72 -0.92
N ASN A 460 -32.44 1.23 0.03
CA ASN A 460 -32.51 2.64 0.43
C ASN A 460 -31.18 3.24 -0.02
N LEU A 461 -31.23 4.21 -0.93
CA LEU A 461 -30.04 4.77 -1.58
C LEU A 461 -29.64 6.11 -0.99
N SER A 462 -28.35 6.28 -0.70
CA SER A 462 -27.78 7.56 -0.23
C SER A 462 -26.64 7.96 -1.14
N VAL A 463 -26.64 9.19 -1.62
CA VAL A 463 -25.55 9.67 -2.45
C VAL A 463 -24.89 10.80 -1.67
N ASN A 464 -23.65 10.59 -1.25
CA ASN A 464 -22.91 11.56 -0.45
C ASN A 464 -21.74 12.13 -1.21
N GLY A 465 -21.28 13.32 -0.79
CA GLY A 465 -20.05 13.90 -1.30
C GLY A 465 -20.19 15.06 -2.24
N THR A 466 -21.43 15.43 -2.57
CA THR A 466 -21.68 16.62 -3.38
C THR A 466 -22.75 17.45 -2.69
N SER A 467 -22.70 18.76 -2.92
CA SER A 467 -23.74 19.67 -2.43
C SER A 467 -24.87 19.86 -3.45
N LYS A 468 -24.63 19.49 -4.71
CA LYS A 468 -25.63 19.64 -5.77
C LYS A 468 -26.46 18.38 -5.98
N ASP A 469 -27.74 18.55 -6.29
CA ASP A 469 -28.56 17.46 -6.79
C ASP A 469 -28.17 17.16 -8.23
N ALA A 470 -28.42 15.94 -8.67
CA ALA A 470 -28.24 15.61 -10.06
C ALA A 470 -29.23 16.36 -10.93
N LYS A 471 -28.79 16.70 -12.12
CA LYS A 471 -29.65 17.28 -13.15
C LYS A 471 -30.65 16.22 -13.68
N SER A 472 -30.20 14.97 -13.82
CA SER A 472 -31.08 13.88 -14.20
C SER A 472 -30.57 12.54 -13.66
N ILE A 473 -31.48 11.57 -13.57
CA ILE A 473 -31.17 10.20 -13.16
C ILE A 473 -31.75 9.28 -14.21
N GLU A 474 -30.94 8.41 -14.80
CA GLU A 474 -31.44 7.34 -15.66
C GLU A 474 -31.24 6.03 -14.91
N VAL A 475 -32.33 5.27 -14.76
CA VAL A 475 -32.32 3.96 -14.14
C VAL A 475 -32.35 2.93 -15.25
N ARG A 476 -31.42 1.97 -15.18
CA ARG A 476 -31.42 0.82 -16.08
C ARG A 476 -31.54 -0.42 -15.19
N HIS A 477 -32.55 -1.26 -15.42
CA HIS A 477 -32.83 -2.38 -14.53
C HIS A 477 -33.06 -3.60 -15.40
N LEU A 478 -32.21 -4.61 -15.22
CA LEU A 478 -32.25 -5.85 -15.99
C LEU A 478 -32.73 -6.97 -15.10
N TYR A 479 -33.87 -7.57 -15.45
CA TYR A 479 -34.51 -8.58 -14.58
C TYR A 479 -35.36 -9.53 -15.41
N LEU A 480 -35.86 -10.58 -14.77
CA LEU A 480 -36.69 -11.58 -15.39
C LEU A 480 -38.16 -11.29 -15.15
N LYS A 481 -38.92 -11.25 -16.24
CA LYS A 481 -40.40 -11.13 -16.18
C LYS A 481 -41.05 -12.48 -16.46
N GLY A 482 -41.96 -12.90 -15.58
CA GLY A 482 -42.74 -14.14 -15.82
C GLY A 482 -42.17 -15.44 -15.30
N GLY A 483 -41.15 -15.38 -14.45
CA GLY A 483 -40.52 -16.54 -13.87
C GLY A 483 -39.90 -17.49 -14.86
N LYS A 484 -39.82 -18.75 -14.49
CA LYS A 484 -39.19 -19.76 -15.32
C LYS A 484 -39.81 -19.77 -16.71
N ASP A 485 -38.95 -19.82 -17.72
CA ASP A 485 -39.30 -19.69 -19.11
C ASP A 485 -39.91 -18.37 -19.53
N GLY A 486 -39.71 -17.33 -18.71
CA GLY A 486 -40.13 -15.98 -19.02
C GLY A 486 -39.11 -15.25 -19.87
N VAL A 487 -39.10 -13.92 -19.78
CA VAL A 487 -38.22 -13.14 -20.64
C VAL A 487 -37.47 -12.10 -19.83
N PRO A 488 -36.24 -11.83 -20.24
CA PRO A 488 -35.56 -10.73 -19.59
C PRO A 488 -36.05 -9.38 -20.08
N ILE A 489 -36.10 -8.42 -19.16
CA ILE A 489 -36.53 -7.05 -19.45
C ILE A 489 -35.40 -6.13 -19.06
N LEU A 490 -35.10 -5.17 -19.93
CA LEU A 490 -34.23 -4.06 -19.59
C LEU A 490 -35.07 -2.79 -19.55
N ASP A 491 -35.47 -2.40 -18.33
N ASP A 491 -35.41 -2.36 -18.34
CA ASP A 491 -36.22 -1.17 -18.11
CA ASP A 491 -36.24 -1.20 -18.08
C ASP A 491 -35.23 -0.03 -18.07
C ASP A 491 -35.33 0.03 -17.97
N VAL A 492 -35.50 1.01 -18.86
CA VAL A 492 -34.66 2.21 -18.88
C VAL A 492 -35.60 3.40 -18.79
N TYR A 493 -35.46 4.20 -17.73
CA TYR A 493 -36.36 5.32 -17.53
C TYR A 493 -35.71 6.42 -16.75
N ASP A 494 -36.23 7.63 -16.90
N ASP A 494 -36.27 7.62 -16.90
CA ASP A 494 -35.75 8.77 -16.13
CA ASP A 494 -35.85 8.80 -16.17
C ASP A 494 -36.53 8.92 -14.83
C ASP A 494 -36.55 8.87 -14.81
N ALA A 495 -35.81 9.25 -13.77
CA ALA A 495 -36.37 9.35 -12.40
C ALA A 495 -36.10 10.75 -11.85
N LYS A 496 -37.11 11.38 -11.26
CA LYS A 496 -36.93 12.71 -10.69
C LYS A 496 -36.15 12.62 -9.38
N SER A 497 -36.33 11.51 -8.68
CA SER A 497 -35.57 11.20 -7.49
C SER A 497 -35.45 9.69 -7.40
N LEU A 498 -34.49 9.21 -6.61
CA LEU A 498 -34.34 7.76 -6.42
C LEU A 498 -33.78 7.44 -5.05
N ASP A 499 -34.61 7.68 -4.04
CA ASP A 499 -34.24 7.38 -2.68
C ASP A 499 -34.44 5.92 -2.29
N HIS A 500 -35.34 5.25 -3.00
CA HIS A 500 -35.69 3.85 -2.76
C HIS A 500 -35.77 3.17 -4.11
N PHE A 501 -35.41 1.89 -4.14
CA PHE A 501 -35.48 1.11 -5.37
C PHE A 501 -35.55 -0.36 -4.99
N THR A 502 -36.47 -1.10 -5.62
CA THR A 502 -36.57 -2.54 -5.44
C THR A 502 -35.80 -3.23 -6.59
N LEU A 503 -34.71 -3.87 -6.22
CA LEU A 503 -33.92 -4.62 -7.17
C LEU A 503 -34.48 -6.03 -7.24
N GLU A 504 -34.80 -6.49 -8.45
CA GLU A 504 -35.47 -7.78 -8.62
C GLU A 504 -34.54 -8.95 -8.36
N THR A 505 -35.12 -10.13 -8.28
CA THR A 505 -34.39 -11.38 -8.04
C THR A 505 -33.23 -11.53 -9.01
N GLU A 506 -32.03 -11.72 -8.47
CA GLU A 506 -30.81 -11.90 -9.30
C GLU A 506 -30.61 -10.81 -10.35
N ALA A 507 -31.15 -9.62 -10.09
CA ALA A 507 -31.14 -8.54 -11.08
C ALA A 507 -29.97 -7.60 -10.89
N THR A 508 -29.77 -6.78 -11.90
CA THR A 508 -28.76 -5.73 -11.88
C THR A 508 -29.39 -4.42 -12.26
N CYS A 509 -28.99 -3.34 -11.61
CA CYS A 509 -29.29 -2.01 -12.09
C CYS A 509 -28.02 -1.19 -12.27
N VAL A 510 -28.08 -0.31 -13.26
CA VAL A 510 -27.05 0.71 -13.45
C VAL A 510 -27.81 2.03 -13.38
N ILE A 511 -27.50 2.83 -12.37
CA ILE A 511 -28.14 4.14 -12.17
C ILE A 511 -27.14 5.17 -12.66
N CYS A 512 -27.58 6.00 -13.59
CA CYS A 512 -26.74 7.00 -14.24
C CYS A 512 -27.16 8.38 -13.71
N TYR A 513 -26.30 9.01 -12.92
CA TYR A 513 -26.53 10.39 -12.44
C TYR A 513 -25.79 11.33 -13.35
N ASN A 514 -26.45 12.38 -13.81
CA ASN A 514 -25.82 13.43 -14.61
C ASN A 514 -25.88 14.72 -13.82
N PHE A 515 -24.73 15.36 -13.66
CA PHE A 515 -24.62 16.61 -12.88
C PHE A 515 -24.39 17.80 -13.80
N ASP A 516 -24.72 18.99 -13.29
CA ASP A 516 -24.50 20.25 -14.01
C ASP A 516 -23.03 20.44 -14.40
N ARG A 517 -22.14 20.12 -13.48
CA ARG A 517 -20.70 20.30 -13.67
C ARG A 517 -19.99 19.04 -13.22
N LYS A 518 -18.71 18.95 -13.55
CA LYS A 518 -17.91 17.74 -13.25
C LYS A 518 -17.85 17.50 -11.74
N VAL A 519 -17.95 16.23 -11.38
CA VAL A 519 -17.98 15.81 -9.99
C VAL A 519 -16.56 15.93 -9.43
N LYS A 520 -16.41 16.53 -8.24
CA LYS A 520 -15.09 16.73 -7.63
C LYS A 520 -14.75 15.53 -6.75
N ILE A 521 -13.63 14.88 -7.05
CA ILE A 521 -13.16 13.74 -6.25
C ILE A 521 -11.99 14.26 -5.43
N ASN A 522 -12.17 14.35 -4.12
CA ASN A 522 -11.21 15.02 -3.24
C ASN A 522 -10.68 14.19 -2.08
N GLU A 523 -11.02 12.90 -2.02
CA GLU A 523 -10.51 12.01 -1.00
C GLU A 523 -10.18 10.69 -1.70
N THR A 524 -9.39 9.87 -1.03
CA THR A 524 -9.00 8.55 -1.53
C THR A 524 -9.16 7.50 -0.46
N MET A 525 -9.69 6.33 -0.87
CA MET A 525 -9.72 5.12 -0.07
C MET A 525 -8.84 4.15 -0.83
N GLU A 526 -7.73 3.74 -0.21
CA GLU A 526 -6.83 2.76 -0.80
C GLU A 526 -7.07 1.39 -0.21
N GLU A 527 -7.40 0.42 -1.08
CA GLU A 527 -7.58 -0.96 -0.69
C GLU A 527 -6.28 -1.70 -0.90
N VAL A 528 -5.87 -2.44 0.14
CA VAL A 528 -4.74 -3.36 0.02
C VAL A 528 -5.18 -4.71 0.52
N LYS A 529 -4.78 -5.75 -0.21
CA LYS A 529 -5.10 -7.13 0.17
C LYS A 529 -3.84 -7.82 0.68
N TYR A 530 -3.94 -8.45 1.85
CA TYR A 530 -2.82 -9.09 2.51
C TYR A 530 -3.08 -10.59 2.63
N TYR A 531 -2.00 -11.37 2.50
CA TYR A 531 -2.10 -12.83 2.54
C TYR A 531 -1.43 -13.36 3.79
N ALA A 532 -1.86 -14.53 4.22
CA ALA A 532 -1.30 -15.20 5.39
C ALA A 532 -0.01 -15.89 5.04
N THR A 533 0.73 -16.30 6.06
CA THR A 533 1.97 -17.01 5.86
C THR A 533 1.75 -18.48 5.44
N ASP A 534 0.56 -19.02 5.69
CA ASP A 534 0.25 -20.41 5.41
C ASP A 534 -1.21 -20.56 4.99
N TYR A 535 -1.61 -21.77 4.63
CA TYR A 535 -2.95 -21.99 4.10
C TYR A 535 -3.32 -23.46 4.26
N LEU A 536 -4.54 -23.79 3.93
CA LEU A 536 -5.02 -25.17 3.78
C LEU A 536 -4.79 -26.03 5.03
N LYS A 537 -5.55 -25.74 6.06
CA LYS A 537 -5.42 -26.43 7.35
C LYS A 537 -6.67 -27.24 7.65
N GLU A 538 -6.46 -28.46 8.11
CA GLU A 538 -7.55 -29.35 8.54
C GLU A 538 -8.18 -28.88 9.84
N ILE A 539 -9.49 -29.02 9.91
CA ILE A 539 -10.27 -28.58 11.07
C ILE A 539 -10.57 -29.76 11.99
N ALA A 540 -10.13 -29.64 13.25
CA ALA A 540 -10.46 -30.60 14.31
C ALA A 540 -11.24 -29.86 15.39
N ALA A 541 -12.24 -30.53 15.98
CA ALA A 541 -13.13 -29.89 16.98
C ALA A 541 -12.32 -29.39 18.19
N GLY A 542 -12.54 -28.13 18.54
CA GLY A 542 -11.89 -27.49 19.67
C GLY A 542 -10.40 -27.19 19.53
N LYS A 543 -9.80 -27.48 18.37
CA LYS A 543 -8.37 -27.29 18.16
C LYS A 543 -8.17 -25.94 17.45
N GLU A 544 -7.38 -25.08 18.06
CA GLU A 544 -7.15 -23.73 17.54
C GLU A 544 -6.32 -23.80 16.25
N LEU A 545 -6.76 -23.08 15.21
CA LEU A 545 -5.97 -22.89 14.00
C LEU A 545 -5.50 -21.44 13.96
N VAL A 546 -4.20 -21.23 13.81
CA VAL A 546 -3.61 -19.91 13.93
C VAL A 546 -3.01 -19.52 12.60
N PHE A 547 -3.43 -18.37 12.10
CA PHE A 547 -2.89 -17.78 10.90
C PHE A 547 -2.27 -16.46 11.24
N ASN A 548 -1.28 -16.07 10.46
CA ASN A 548 -0.57 -14.81 10.65
C ASN A 548 -0.59 -14.01 9.38
N ILE A 549 -0.99 -12.74 9.47
CA ILE A 549 -0.97 -11.79 8.33
C ILE A 549 -0.14 -10.62 8.77
N ASN A 550 1.01 -10.44 8.12
CA ASN A 550 2.04 -9.52 8.59
C ASN A 550 2.38 -8.40 7.58
N ASN A 551 3.09 -7.37 8.08
CA ASN A 551 3.49 -6.17 7.32
C ASN A 551 2.26 -5.40 6.79
N VAL A 552 1.19 -5.40 7.60
CA VAL A 552 -0.01 -4.63 7.26
C VAL A 552 0.24 -3.15 7.57
N LYS A 553 -0.09 -2.29 6.62
CA LYS A 553 0.14 -0.87 6.76
C LYS A 553 -1.16 -0.18 7.11
N LYS A 554 -1.21 0.35 8.32
CA LYS A 554 -2.36 1.12 8.76
C LYS A 554 -2.13 2.61 8.67
N THR A 555 -3.23 3.34 8.55
CA THR A 555 -3.24 4.79 8.65
C THR A 555 -4.18 5.17 9.79
N GLU A 556 -4.44 6.45 9.98
CA GLU A 556 -5.27 6.88 11.11
C GLU A 556 -6.70 6.37 11.00
N TYR A 557 -7.25 6.43 9.80
CA TYR A 557 -8.64 6.05 9.54
C TYR A 557 -8.67 4.95 8.51
N GLY A 558 -9.44 3.92 8.81
CA GLY A 558 -9.55 2.76 7.94
C GLY A 558 -10.64 1.80 8.35
N GLU A 559 -10.89 0.83 7.48
CA GLU A 559 -11.79 -0.28 7.71
C GLU A 559 -11.13 -1.55 7.25
N ALA A 560 -11.67 -2.70 7.63
CA ALA A 560 -11.02 -3.96 7.31
C ALA A 560 -12.00 -5.11 7.24
N VAL A 561 -11.66 -6.08 6.39
CA VAL A 561 -12.45 -7.29 6.22
C VAL A 561 -11.53 -8.48 6.24
N ILE A 562 -11.83 -9.44 7.11
CA ILE A 562 -11.10 -10.70 7.10
C ILE A 562 -11.88 -11.67 6.23
N ARG A 563 -11.15 -12.45 5.43
CA ARG A 563 -11.73 -13.31 4.44
C ARG A 563 -11.40 -14.77 4.78
N LEU A 564 -12.39 -15.49 5.30
CA LEU A 564 -12.19 -16.89 5.71
C LEU A 564 -12.68 -17.87 4.65
N GLY A 565 -11.76 -18.50 3.94
CA GLY A 565 -12.13 -19.52 2.97
C GLY A 565 -12.33 -20.82 3.72
N LEU A 566 -13.53 -21.38 3.62
CA LEU A 566 -13.89 -22.62 4.35
C LEU A 566 -14.38 -23.63 3.34
N GLY A 567 -13.90 -24.87 3.46
CA GLY A 567 -14.39 -25.97 2.67
C GLY A 567 -14.82 -27.07 3.62
N ARG A 568 -16.12 -27.20 3.83
CA ARG A 568 -16.64 -28.22 4.79
C ARG A 568 -17.89 -28.87 4.26
N ASN A 569 -18.05 -30.15 4.59
CA ASN A 569 -19.32 -30.80 4.30
C ASN A 569 -20.50 -30.08 4.93
N HIS A 570 -21.67 -30.23 4.32
CA HIS A 570 -22.88 -29.66 4.86
C HIS A 570 -23.16 -30.25 6.23
N GLY A 571 -23.72 -29.43 7.11
CA GLY A 571 -23.96 -29.84 8.49
C GLY A 571 -22.90 -29.39 9.46
N LEU A 572 -21.73 -29.04 8.95
CA LEU A 572 -20.63 -28.55 9.75
C LEU A 572 -20.65 -27.03 9.89
N SER A 573 -20.20 -26.56 11.06
CA SER A 573 -20.31 -25.16 11.42
C SER A 573 -19.51 -24.24 10.48
N LEU A 574 -20.11 -23.13 10.09
CA LEU A 574 -19.40 -22.04 9.41
C LEU A 574 -19.27 -20.83 10.33
N LEU A 575 -19.31 -21.08 11.65
CA LEU A 575 -19.27 -20.04 12.69
C LEU A 575 -18.21 -20.38 13.73
N PRO A 576 -16.95 -20.37 13.32
CA PRO A 576 -15.92 -20.62 14.31
C PRO A 576 -15.85 -19.48 15.33
N GLU A 577 -15.23 -19.77 16.47
CA GLU A 577 -14.78 -18.70 17.35
C GLU A 577 -13.57 -18.06 16.69
N LEU A 578 -13.61 -16.74 16.54
CA LEU A 578 -12.56 -15.97 15.87
C LEU A 578 -11.94 -15.01 16.87
N LEU A 579 -10.63 -15.08 17.02
CA LEU A 579 -9.86 -14.11 17.75
C LEU A 579 -8.86 -13.45 16.83
N VAL A 580 -8.81 -12.12 16.86
CA VAL A 580 -7.86 -11.35 16.06
C VAL A 580 -6.99 -10.61 17.06
N ASN A 581 -5.70 -10.91 17.10
CA ASN A 581 -4.80 -10.35 18.10
C ASN A 581 -5.35 -10.51 19.54
N GLY A 582 -5.91 -11.68 19.78
CA GLY A 582 -6.46 -12.01 21.09
C GLY A 582 -7.85 -11.46 21.40
N LYS A 583 -8.43 -10.68 20.49
CA LYS A 583 -9.75 -10.07 20.70
C LYS A 583 -10.83 -10.80 19.95
N LYS A 584 -11.97 -10.97 20.60
CA LYS A 584 -13.10 -11.63 19.97
C LYS A 584 -13.67 -10.78 18.86
N VAL A 585 -13.90 -11.41 17.71
CA VAL A 585 -14.58 -10.81 16.56
C VAL A 585 -15.75 -11.70 16.16
N ASP A 586 -16.94 -11.12 16.06
CA ASP A 586 -18.14 -11.87 15.66
C ASP A 586 -18.13 -12.17 14.17
N ILE A 587 -18.59 -13.37 13.83
CA ILE A 587 -18.76 -13.78 12.43
C ILE A 587 -20.23 -13.63 12.03
N PRO A 588 -20.49 -12.91 10.91
CA PRO A 588 -21.88 -12.71 10.48
C PRO A 588 -22.60 -14.02 10.13
N ASP A 589 -23.91 -14.08 10.35
CA ASP A 589 -24.72 -15.20 9.87
C ASP A 589 -24.83 -15.23 8.34
N ASN A 590 -24.86 -14.04 7.72
CA ASN A 590 -25.01 -13.95 6.27
C ASN A 590 -23.64 -13.76 5.60
N PHE A 591 -23.43 -14.46 4.49
CA PHE A 591 -22.26 -14.32 3.66
C PHE A 591 -22.71 -14.10 2.20
N ARG A 592 -21.74 -13.80 1.35
CA ARG A 592 -22.01 -13.47 -0.03
C ARG A 592 -22.60 -14.65 -0.82
N GLY A 593 -23.84 -14.51 -1.28
CA GLY A 593 -24.47 -15.52 -2.09
C GLY A 593 -25.12 -16.66 -1.33
N ASP A 594 -25.33 -17.77 -2.05
CA ASP A 594 -26.26 -18.81 -1.60
C ASP A 594 -25.62 -19.81 -0.64
N VAL A 595 -26.45 -20.58 0.07
CA VAL A 595 -25.92 -21.54 1.06
C VAL A 595 -25.39 -22.86 0.45
N GLN A 596 -25.42 -22.98 -0.88
CA GLN A 596 -24.78 -24.07 -1.62
C GLN A 596 -25.46 -25.43 -1.40
N LYS A 597 -26.78 -25.39 -1.26
CA LYS A 597 -27.57 -26.58 -0.88
C LYS A 597 -27.37 -27.76 -1.83
N ASP A 598 -27.42 -27.51 -3.15
CA ASP A 598 -27.27 -28.58 -4.14
C ASP A 598 -25.81 -28.98 -4.44
N ARG A 599 -24.84 -28.16 -4.03
CA ARG A 599 -23.45 -28.58 -4.06
C ARG A 599 -23.19 -29.67 -3.03
N ALA A 600 -22.19 -30.51 -3.31
CA ALA A 600 -21.87 -31.65 -2.46
C ALA A 600 -21.34 -31.24 -1.08
N SER A 601 -20.73 -30.07 -1.01
CA SER A 601 -20.21 -29.51 0.21
C SER A 601 -20.18 -28.00 0.03
N PHE A 602 -19.93 -27.29 1.11
CA PHE A 602 -19.74 -25.86 1.09
C PHE A 602 -18.28 -25.52 0.84
N PHE A 603 -18.05 -24.65 -0.15
CA PHE A 603 -16.73 -24.04 -0.33
C PHE A 603 -16.93 -22.58 -0.68
N GLY A 604 -16.49 -21.72 0.21
CA GLY A 604 -16.72 -20.28 0.02
C GLY A 604 -15.98 -19.45 1.01
N VAL A 605 -15.81 -18.16 0.67
CA VAL A 605 -15.23 -17.19 1.59
C VAL A 605 -16.33 -16.50 2.40
N ILE A 606 -16.19 -16.58 3.72
CA ILE A 606 -17.00 -15.82 4.66
C ILE A 606 -16.25 -14.51 4.95
N GLU A 607 -16.89 -13.40 4.62
CA GLU A 607 -16.29 -12.07 4.83
C GLU A 607 -16.70 -11.56 6.20
N VAL A 608 -15.71 -11.15 6.99
CA VAL A 608 -15.90 -10.77 8.40
C VAL A 608 -15.35 -9.37 8.61
N PRO A 609 -16.24 -8.38 8.79
CA PRO A 609 -15.78 -7.03 9.15
C PRO A 609 -15.07 -7.10 10.47
N VAL A 610 -13.98 -6.35 10.60
CA VAL A 610 -13.22 -6.35 11.83
C VAL A 610 -12.90 -4.90 12.18
N ASP A 611 -13.09 -4.57 13.44
CA ASP A 611 -12.80 -3.24 13.97
C ASP A 611 -11.33 -2.88 13.67
N TYR A 612 -11.15 -1.77 12.98
CA TYR A 612 -9.82 -1.35 12.54
C TYR A 612 -8.84 -1.19 13.69
N SER A 613 -9.34 -0.78 14.85
CA SER A 613 -8.50 -0.56 16.03
C SER A 613 -7.88 -1.82 16.63
N ILE A 614 -8.47 -2.98 16.32
CA ILE A 614 -7.94 -4.29 16.71
C ILE A 614 -6.69 -4.68 15.92
N LEU A 615 -6.57 -4.16 14.71
CA LEU A 615 -5.49 -4.58 13.81
C LEU A 615 -4.19 -3.86 14.12
N LYS A 616 -3.10 -4.49 13.76
CA LYS A 616 -1.79 -3.84 13.82
C LYS A 616 -0.97 -4.29 12.62
N GLY A 617 0.35 -4.14 12.64
CA GLY A 617 1.14 -4.55 11.49
C GLY A 617 1.26 -6.04 11.32
N ASN A 618 1.53 -6.74 12.43
CA ASN A 618 1.61 -8.18 12.45
C ASN A 618 0.42 -8.69 13.25
N ASN A 619 -0.38 -9.54 12.61
CA ASN A 619 -1.67 -9.93 13.14
C ASN A 619 -1.78 -11.43 13.26
N THR A 620 -2.38 -11.89 14.36
N THR A 620 -2.29 -11.90 14.42
CA THR A 620 -2.64 -13.29 14.58
CA THR A 620 -2.71 -13.28 14.57
C THR A 620 -4.16 -13.50 14.52
C THR A 620 -4.20 -13.36 14.33
N ILE A 621 -4.60 -14.43 13.67
CA ILE A 621 -6.01 -14.72 13.44
C ILE A 621 -6.18 -16.18 13.84
N SER A 622 -7.00 -16.40 14.86
CA SER A 622 -7.20 -17.70 15.45
C SER A 622 -8.65 -18.16 15.24
N LEU A 623 -8.80 -19.40 14.78
CA LEU A 623 -10.11 -19.98 14.51
C LEU A 623 -10.28 -21.24 15.31
N LYS A 624 -11.44 -21.40 15.95
CA LYS A 624 -11.77 -22.63 16.67
C LYS A 624 -13.19 -23.07 16.33
N PHE A 625 -13.30 -24.27 15.77
CA PHE A 625 -14.58 -24.83 15.36
C PHE A 625 -15.05 -25.83 16.40
N PRO A 626 -16.37 -26.01 16.53
CA PRO A 626 -16.96 -26.94 17.50
C PRO A 626 -17.05 -28.38 17.02
N ASP A 627 -16.71 -28.64 15.74
CA ASP A 627 -16.91 -29.95 15.12
C ASP A 627 -15.74 -30.32 14.21
N ASN A 628 -15.66 -31.60 13.87
CA ASN A 628 -14.55 -32.16 13.09
C ASN A 628 -14.88 -32.13 11.60
N GLY A 629 -13.88 -31.84 10.78
CA GLY A 629 -13.92 -32.12 9.36
C GLY A 629 -13.71 -30.90 8.50
N GLY A 630 -13.20 -31.13 7.30
CA GLY A 630 -13.01 -30.04 6.34
C GLY A 630 -11.75 -29.24 6.61
N HIS A 631 -11.65 -28.12 5.91
CA HIS A 631 -10.45 -27.30 5.92
C HIS A 631 -10.79 -25.83 5.92
N VAL A 632 -9.86 -25.07 6.49
CA VAL A 632 -9.73 -23.63 6.23
C VAL A 632 -8.78 -23.56 5.05
N SER A 633 -9.31 -23.18 3.89
CA SER A 633 -8.50 -23.10 2.69
C SER A 633 -7.55 -21.89 2.71
N THR A 634 -8.09 -20.70 3.00
CA THR A 634 -7.30 -19.49 3.04
C THR A 634 -7.83 -18.55 4.10
N VAL A 635 -6.92 -17.75 4.63
CA VAL A 635 -7.25 -16.57 5.42
C VAL A 635 -6.49 -15.40 4.83
N THR A 636 -7.24 -14.41 4.37
CA THR A 636 -6.65 -13.20 3.77
C THR A 636 -7.40 -12.01 4.35
N MET A 637 -6.92 -10.81 4.06
CA MET A 637 -7.54 -9.63 4.68
C MET A 637 -7.46 -8.46 3.74
N GLN A 638 -8.57 -7.72 3.65
CA GLN A 638 -8.58 -6.47 2.89
C GLN A 638 -8.58 -5.33 3.89
N ILE A 639 -7.70 -4.37 3.65
CA ILE A 639 -7.61 -3.15 4.45
C ILE A 639 -8.00 -2.00 3.56
N PHE A 640 -8.84 -1.10 4.08
CA PHE A 640 -9.23 0.09 3.35
C PHE A 640 -8.77 1.30 4.13
N ASN A 641 -7.77 2.00 3.61
CA ASN A 641 -7.18 3.16 4.27
C ASN A 641 -7.67 4.46 3.66
N PHE A 642 -8.06 5.40 4.52
N PHE A 642 -8.10 5.41 4.50
CA PHE A 642 -8.68 6.65 4.09
CA PHE A 642 -8.75 6.64 4.01
C PHE A 642 -7.66 7.80 4.08
C PHE A 642 -7.84 7.88 4.18
N SER A 643 -7.88 8.76 3.19
CA SER A 643 -7.02 9.98 3.17
C SER A 643 -7.31 10.93 4.33
N ASN A 644 -8.55 10.96 4.77
CA ASN A 644 -8.96 11.75 5.94
C ASN A 644 -10.06 10.98 6.71
N ASN A 645 -10.59 11.59 7.75
CA ASN A 645 -11.69 11.02 8.52
C ASN A 645 -12.98 11.11 7.71
N ILE A 646 -13.12 10.26 6.70
CA ILE A 646 -14.28 10.37 5.80
C ILE A 646 -15.57 9.82 6.41
N ARG A 647 -15.48 9.02 7.47
CA ARG A 647 -16.66 8.57 8.21
C ARG A 647 -17.06 9.63 9.22
N GLN B 24 29.56 16.43 -10.97
CA GLN B 24 28.32 17.15 -10.53
C GLN B 24 27.21 16.19 -10.11
N THR B 25 26.39 16.65 -9.16
CA THR B 25 25.27 15.89 -8.65
C THR B 25 24.02 16.42 -9.32
N HIS B 26 23.19 15.53 -9.82
N HIS B 26 23.21 15.53 -9.86
CA HIS B 26 21.93 15.91 -10.47
CA HIS B 26 21.94 15.93 -10.45
C HIS B 26 20.78 15.85 -9.48
C HIS B 26 20.85 15.90 -9.38
N VAL B 27 20.07 16.97 -9.31
CA VAL B 27 18.92 17.01 -8.40
C VAL B 27 17.70 17.33 -9.26
N GLN B 28 16.65 16.50 -9.13
CA GLN B 28 15.45 16.57 -9.94
C GLN B 28 14.24 16.83 -9.03
N LEU B 29 13.42 17.80 -9.42
CA LEU B 29 12.19 18.12 -8.70
C LEU B 29 11.06 17.81 -9.65
N ASN B 30 10.20 16.86 -9.31
CA ASN B 30 9.09 16.49 -10.17
C ASN B 30 7.86 17.02 -9.49
N LEU B 31 7.55 18.28 -9.77
CA LEU B 31 6.58 19.00 -8.93
C LEU B 31 5.11 18.65 -9.21
N ASN B 32 4.86 17.79 -10.19
CA ASN B 32 3.51 17.27 -10.46
C ASN B 32 3.26 15.92 -9.80
N VAL B 33 4.25 15.39 -9.07
CA VAL B 33 4.18 14.06 -8.50
C VAL B 33 4.13 14.15 -6.98
N LYS B 34 2.96 13.90 -6.42
CA LYS B 34 2.79 13.89 -4.96
C LYS B 34 3.60 12.77 -4.34
N HIS B 35 4.27 13.04 -3.22
CA HIS B 35 4.98 12.02 -2.45
C HIS B 35 4.15 11.72 -1.22
N LYS B 36 3.47 10.57 -1.23
CA LYS B 36 2.62 10.14 -0.13
C LYS B 36 3.36 9.12 0.73
N LEU B 37 3.23 9.24 2.04
CA LEU B 37 3.84 8.32 3.00
C LEU B 37 2.81 8.05 4.08
N GLY B 38 2.23 6.86 4.04
CA GLY B 38 1.03 6.58 4.83
C GLY B 38 -0.10 7.53 4.43
N ASP B 39 -0.66 8.23 5.41
CA ASP B 39 -1.66 9.28 5.11
C ASP B 39 -1.05 10.69 5.22
N VAL B 40 0.28 10.78 5.31
CA VAL B 40 0.95 12.08 5.30
C VAL B 40 1.33 12.51 3.88
N THR B 41 0.80 13.64 3.49
CA THR B 41 1.13 14.23 2.21
C THR B 41 1.61 15.67 2.27
N GLU B 42 1.64 16.29 3.45
N GLU B 42 1.65 16.26 3.47
CA GLU B 42 1.96 17.70 3.57
CA GLU B 42 1.93 17.68 3.68
C GLU B 42 3.02 17.96 4.62
C GLU B 42 3.15 17.87 4.55
N PHE B 43 3.75 19.05 4.45
CA PHE B 43 4.72 19.49 5.45
C PHE B 43 3.97 19.90 6.71
N ASN B 44 4.44 19.46 7.87
CA ASN B 44 3.76 19.74 9.14
C ASN B 44 4.60 20.75 9.90
N ARG B 45 4.31 22.05 9.76
CA ARG B 45 5.14 23.05 10.40
C ARG B 45 5.17 22.90 11.92
N PRO B 46 4.00 22.66 12.55
CA PRO B 46 4.09 22.53 14.00
C PRO B 46 4.99 21.39 14.47
N LYS B 47 4.99 20.28 13.74
N LYS B 47 5.01 20.29 13.74
CA LYS B 47 5.79 19.09 14.08
CA LYS B 47 5.78 19.12 14.13
C LYS B 47 7.28 19.35 13.97
C LYS B 47 7.28 19.32 13.94
N PHE B 48 7.66 20.24 13.05
CA PHE B 48 9.08 20.39 12.67
C PHE B 48 9.69 21.78 12.92
N ILE B 49 8.95 22.87 12.72
CA ILE B 49 9.52 24.19 12.84
C ILE B 49 9.10 24.77 14.18
N ASN B 50 9.87 24.42 15.20
CA ASN B 50 9.50 24.72 16.56
C ASN B 50 10.73 24.93 17.39
N PHE B 51 10.54 25.26 18.67
CA PHE B 51 11.69 25.26 19.58
C PHE B 51 11.24 25.03 21.02
N HIS B 52 12.24 24.88 21.87
CA HIS B 52 12.07 24.36 23.22
C HIS B 52 11.74 25.50 24.18
N ALA B 53 10.51 25.96 24.10
CA ALA B 53 10.06 27.09 24.91
C ALA B 53 8.57 27.01 25.14
N THR B 54 8.02 27.97 25.85
CA THR B 54 6.57 28.08 26.01
C THR B 54 6.16 29.52 25.78
N ILE B 55 4.89 29.72 25.51
CA ILE B 55 4.42 31.06 25.24
C ILE B 55 4.38 31.94 26.48
N ASN B 56 4.28 31.32 27.66
CA ASN B 56 4.04 32.07 28.90
C ASN B 56 5.27 32.29 29.76
N GLU B 57 6.41 31.74 29.38
CA GLU B 57 7.63 32.01 30.15
C GLU B 57 7.96 33.52 30.20
N ASN B 58 8.59 33.92 31.31
CA ASN B 58 8.90 35.33 31.58
C ASN B 58 9.95 35.91 30.64
N TYR B 59 10.80 35.05 30.07
CA TYR B 59 11.88 35.52 29.20
C TYR B 59 11.47 36.43 28.01
N TRP B 60 10.25 36.26 27.53
CA TRP B 60 9.76 37.04 26.39
C TRP B 60 9.60 38.54 26.71
N ASP B 61 9.44 38.86 27.99
CA ASP B 61 8.82 40.13 28.39
C ASP B 61 9.75 41.18 28.98
N SER B 62 11.06 40.94 28.95
CA SER B 62 12.02 41.92 29.49
C SER B 62 13.45 41.78 28.95
N ALA B 63 14.16 42.92 28.97
CA ALA B 63 15.58 43.04 28.62
C ALA B 63 15.89 42.73 27.15
N ASN B 64 14.92 42.83 26.26
CA ASN B 64 15.15 42.57 24.82
C ASN B 64 15.27 43.85 24.02
N LYS B 65 16.21 43.86 23.09
CA LYS B 65 16.32 44.94 22.12
C LYS B 65 15.17 44.86 21.11
N ILE B 66 14.73 43.64 20.82
CA ILE B 66 13.59 43.38 19.95
C ILE B 66 12.29 43.85 20.62
N ALA B 67 11.47 44.55 19.85
N ALA B 67 11.44 44.53 19.87
CA ALA B 67 10.16 44.96 20.29
CA ALA B 67 10.32 45.27 20.47
C ALA B 67 9.25 43.75 20.17
C ALA B 67 9.25 44.36 21.12
N ASP B 68 8.48 43.47 21.21
N ASP B 68 8.69 43.45 20.34
CA ASP B 68 7.50 42.39 21.12
CA ASP B 68 7.70 42.49 20.85
C ASP B 68 8.10 41.16 20.46
C ASP B 68 8.15 41.12 20.38
N LEU B 69 8.91 40.43 21.21
CA LEU B 69 9.61 39.25 20.73
C LEU B 69 8.65 38.12 20.33
N ARG B 70 7.51 37.95 21.01
CA ARG B 70 6.54 36.94 20.56
C ARG B 70 6.04 37.22 19.15
N ASP B 71 5.74 38.47 18.87
CA ASP B 71 5.26 38.80 17.52
C ASP B 71 6.38 38.66 16.51
N ASP B 72 7.61 39.04 16.89
CA ASP B 72 8.73 38.97 15.95
C ASP B 72 9.17 37.56 15.66
N LEU B 73 9.14 36.70 16.66
CA LEU B 73 9.66 35.33 16.48
C LEU B 73 8.55 34.38 16.10
N ILE B 74 7.56 34.23 16.98
N ILE B 74 7.57 34.20 17.00
CA ILE B 74 6.51 33.24 16.78
CA ILE B 74 6.53 33.23 16.76
C ILE B 74 5.58 33.61 15.64
C ILE B 74 5.66 33.65 15.57
N ARG B 75 5.12 34.86 15.61
CA ARG B 75 4.15 35.24 14.57
C ARG B 75 4.84 35.50 13.23
N LYS B 76 5.89 36.29 13.23
CA LYS B 76 6.52 36.68 11.96
C LYS B 76 7.12 35.49 11.22
N TYR B 77 7.75 34.58 11.95
CA TYR B 77 8.39 33.41 11.31
C TYR B 77 7.52 32.15 11.33
N ASP B 78 6.35 32.19 11.98
CA ASP B 78 5.43 31.05 12.08
C ASP B 78 6.14 29.86 12.72
N VAL B 79 6.51 30.07 13.97
CA VAL B 79 7.29 29.11 14.76
C VAL B 79 6.42 28.57 15.89
N TYR B 80 6.50 27.27 16.14
CA TYR B 80 5.68 26.60 17.12
C TYR B 80 6.47 26.21 18.37
N VAL B 81 5.73 25.93 19.43
CA VAL B 81 6.33 25.50 20.72
C VAL B 81 5.47 24.32 21.19
N GLY B 82 5.90 23.54 22.18
CA GLY B 82 7.18 23.67 22.86
C GLY B 82 7.30 22.56 23.88
N ARG B 83 8.24 22.73 24.79
CA ARG B 83 8.52 21.72 25.83
C ARG B 83 8.87 22.44 27.12
N GLU B 84 8.44 21.93 28.27
CA GLU B 84 8.72 22.61 29.52
C GLU B 84 8.72 21.61 30.67
N THR B 85 9.78 21.69 31.45
CA THR B 85 9.94 20.84 32.64
C THR B 85 10.07 21.61 33.94
N GLY B 86 10.28 22.93 33.87
CA GLY B 86 10.56 23.74 35.04
C GLY B 86 9.40 23.96 35.97
N MET B 87 8.20 24.21 35.44
N MET B 87 8.21 24.19 35.43
CA MET B 87 7.05 24.52 36.28
CA MET B 87 7.07 24.51 36.27
C MET B 87 6.66 23.30 37.12
C MET B 87 6.65 23.30 37.11
N ILE B 88 6.60 22.12 36.48
CA ILE B 88 6.23 20.91 37.23
C ILE B 88 7.29 20.60 38.28
N LYS B 89 8.55 20.83 37.98
CA LYS B 89 9.65 20.62 38.96
C LYS B 89 9.43 21.53 40.17
N THR B 90 9.06 22.79 39.92
CA THR B 90 8.89 23.74 41.01
C THR B 90 7.72 23.31 41.90
N VAL B 91 6.64 22.87 41.29
CA VAL B 91 5.52 22.38 42.09
C VAL B 91 5.91 21.15 42.92
N LEU B 92 6.56 20.16 42.29
CA LEU B 92 7.02 18.99 43.02
C LEU B 92 7.97 19.36 44.16
N ARG B 93 8.87 20.31 43.92
CA ARG B 93 9.83 20.69 44.95
C ARG B 93 9.19 21.39 46.16
N ASN B 94 8.04 22.00 45.94
CA ASN B 94 7.37 22.78 46.98
C ASN B 94 6.15 22.14 47.62
N VAL B 95 5.61 21.09 47.03
CA VAL B 95 4.33 20.52 47.51
C VAL B 95 4.55 19.80 48.85
N LYS B 96 3.60 19.99 49.75
CA LYS B 96 3.69 19.31 51.03
C LYS B 96 3.36 17.83 50.86
N GLU B 97 3.81 17.06 51.85
CA GLU B 97 3.60 15.62 51.91
C GLU B 97 2.20 15.30 52.45
N ASP B 98 1.59 14.25 51.93
CA ASP B 98 0.32 13.76 52.43
C ASP B 98 0.49 13.25 53.87
N PRO B 99 -0.21 13.84 54.85
CA PRO B 99 -0.04 13.35 56.22
C PRO B 99 -0.53 11.92 56.44
N GLU B 100 -1.37 11.41 55.54
CA GLU B 100 -1.87 10.04 55.65
C GLU B 100 -1.00 9.04 54.92
N ARG B 101 -0.10 9.52 54.02
CA ARG B 101 0.67 8.63 53.15
C ARG B 101 2.09 9.17 52.97
N PRO B 102 3.02 8.74 53.83
CA PRO B 102 4.40 9.17 53.64
C PRO B 102 4.89 8.85 52.24
N GLY B 103 5.62 9.81 51.69
CA GLY B 103 6.19 9.62 50.35
C GLY B 103 5.25 9.94 49.23
N PHE B 104 4.07 10.47 49.54
CA PHE B 104 3.11 10.93 48.50
C PHE B 104 2.94 12.43 48.64
N ALA B 105 2.72 13.11 47.51
CA ALA B 105 2.34 14.51 47.58
C ALA B 105 0.95 14.64 48.16
N ASP B 106 0.74 15.64 49.00
CA ASP B 106 -0.60 15.89 49.54
C ASP B 106 -1.57 16.34 48.45
N PRO B 107 -2.68 15.61 48.25
CA PRO B 107 -3.61 16.01 47.19
C PRO B 107 -4.15 17.43 47.38
N ASP B 108 -4.44 17.85 48.62
CA ASP B 108 -4.91 19.22 48.84
C ASP B 108 -3.90 20.31 48.51
N ASP B 109 -2.67 20.16 49.01
CA ASP B 109 -1.65 21.15 48.69
C ASP B 109 -1.32 21.14 47.22
N LEU B 110 -1.32 19.98 46.60
CA LEU B 110 -1.07 19.95 45.16
C LEU B 110 -2.12 20.72 44.39
N ALA B 111 -3.37 20.53 44.76
CA ALA B 111 -4.48 21.24 44.12
C ALA B 111 -4.32 22.75 44.35
N ARG B 112 -3.88 23.14 45.54
CA ARG B 112 -3.68 24.55 45.85
C ARG B 112 -2.60 25.17 44.96
N LEU B 113 -1.44 24.49 44.86
CA LEU B 113 -0.34 25.03 44.06
C LEU B 113 -0.70 25.08 42.59
N CYS B 114 -1.35 24.03 42.10
CA CYS B 114 -1.84 24.00 40.72
C CYS B 114 -2.84 25.12 40.42
N SER B 115 -3.76 25.33 41.37
N SER B 115 -3.75 25.36 41.36
CA SER B 115 -4.75 26.43 41.26
CA SER B 115 -4.74 26.44 41.18
C SER B 115 -4.09 27.80 41.18
C SER B 115 -4.12 27.83 41.20
N GLN B 116 -3.10 28.05 42.03
CA GLN B 116 -2.35 29.30 42.04
C GLN B 116 -1.71 29.52 40.68
N ASN B 117 -1.10 28.46 40.14
CA ASN B 117 -0.44 28.60 38.82
C ASN B 117 -1.47 28.78 37.70
N LYS B 118 -2.61 28.11 37.82
CA LYS B 118 -3.68 28.25 36.84
C LYS B 118 -4.17 29.68 36.84
N LYS B 119 -4.40 30.25 38.02
CA LYS B 119 -4.85 31.65 38.13
C LYS B 119 -3.83 32.59 37.47
N ARG B 120 -2.54 32.35 37.67
CA ARG B 120 -1.52 33.16 37.02
C ARG B 120 -1.63 33.06 35.50
N TYR B 121 -1.85 31.86 34.97
CA TYR B 121 -2.01 31.70 33.52
C TYR B 121 -3.26 32.44 33.01
N VAL B 122 -4.35 32.28 33.73
CA VAL B 122 -5.62 32.91 33.41
C VAL B 122 -5.49 34.43 33.35
N GLN B 123 -4.70 34.99 34.26
CA GLN B 123 -4.45 36.43 34.31
C GLN B 123 -3.47 36.95 33.27
N ASN B 124 -2.70 36.05 32.68
CA ASN B 124 -1.68 36.44 31.72
C ASN B 124 -2.30 36.52 30.32
N THR B 125 -3.23 37.45 30.14
CA THR B 125 -4.06 37.44 28.94
C THR B 125 -3.25 37.78 27.68
N LYS B 126 -2.10 38.44 27.83
CA LYS B 126 -1.29 38.79 26.65
C LYS B 126 -0.80 37.57 25.88
N VAL B 127 -0.68 36.42 26.55
CA VAL B 127 -0.15 35.23 25.85
C VAL B 127 -1.23 34.38 25.23
N HIS B 128 -2.50 34.59 25.63
CA HIS B 128 -3.57 33.70 25.18
C HIS B 128 -3.71 33.60 23.66
N PRO B 129 -3.50 34.71 22.92
CA PRO B 129 -3.60 34.63 21.47
C PRO B 129 -2.54 33.76 20.83
N TYR B 130 -1.49 33.41 21.58
CA TYR B 130 -0.44 32.58 21.02
C TYR B 130 -0.68 31.09 21.28
N GLU B 131 -1.79 30.73 21.93
CA GLU B 131 -2.09 29.30 22.11
C GLU B 131 -2.15 28.50 20.79
N LYS B 132 -2.55 29.13 19.70
CA LYS B 132 -2.59 28.44 18.42
C LYS B 132 -1.21 28.01 17.91
N TYR B 133 -0.15 28.55 18.51
CA TYR B 133 1.20 28.13 18.17
C TYR B 133 1.75 27.06 19.09
N SER B 134 0.97 26.62 20.07
CA SER B 134 1.52 25.81 21.18
C SER B 134 0.89 24.43 21.26
N ASN B 135 1.75 23.40 21.30
CA ASN B 135 1.34 22.04 21.59
C ASN B 135 2.43 21.51 22.53
N LEU B 136 2.13 21.50 23.82
CA LEU B 136 3.18 21.30 24.82
C LEU B 136 3.57 19.84 24.97
N ILE B 137 4.88 19.62 25.01
CA ILE B 137 5.46 18.36 25.50
C ILE B 137 5.80 18.61 26.97
N LEU B 138 5.13 17.89 27.88
CA LEU B 138 5.43 17.97 29.30
C LEU B 138 6.38 16.83 29.67
N CYS B 139 7.30 17.08 30.60
CA CYS B 139 8.25 16.06 31.02
C CYS B 139 8.73 16.40 32.41
N ASN B 140 9.09 15.40 33.18
CA ASN B 140 9.77 15.62 34.46
C ASN B 140 11.28 15.54 34.28
N GLN B 141 11.97 16.52 34.83
CA GLN B 141 13.40 16.33 35.13
C GLN B 141 13.62 15.18 36.10
N PHE B 142 14.83 14.67 36.10
CA PHE B 142 15.12 13.43 36.81
C PHE B 142 14.79 13.51 38.29
N SER B 143 15.24 14.59 38.96
CA SER B 143 15.01 14.73 40.39
C SER B 143 14.16 15.96 40.72
N PRO B 144 13.26 15.89 41.71
CA PRO B 144 13.09 14.76 42.63
C PRO B 144 12.06 13.73 42.21
N PHE B 145 11.64 13.78 40.94
CA PHE B 145 10.59 12.86 40.47
C PHE B 145 10.97 11.38 40.56
N TYR B 146 12.20 11.03 40.20
CA TYR B 146 12.57 9.61 40.24
C TYR B 146 12.71 9.17 41.70
N PRO B 147 12.22 7.97 42.06
CA PRO B 147 12.27 7.55 43.47
C PRO B 147 13.65 7.02 43.88
N ASP B 148 14.57 7.93 44.14
CA ASP B 148 15.93 7.60 44.61
C ASP B 148 16.25 8.14 46.01
N GLY B 149 15.24 8.65 46.71
CA GLY B 149 15.41 9.18 48.04
C GLY B 149 15.70 10.67 48.12
N THR B 150 15.80 11.35 46.98
CA THR B 150 16.10 12.76 46.99
C THR B 150 14.93 13.53 47.58
N LYS B 151 15.22 14.33 48.61
CA LYS B 151 14.15 15.08 49.26
C LYS B 151 13.83 16.36 48.49
N THR B 152 12.57 16.75 48.56
CA THR B 152 12.09 18.02 48.02
C THR B 152 12.52 19.15 48.96
N LEU B 153 12.15 20.38 48.61
CA LEU B 153 12.42 21.53 49.48
C LEU B 153 11.57 21.52 50.75
N LYS B 154 10.56 20.64 50.78
CA LYS B 154 9.75 20.42 51.96
C LYS B 154 10.26 19.30 52.85
N GLY B 155 11.39 18.67 52.48
CA GLY B 155 12.10 17.74 53.35
C GLY B 155 11.64 16.30 53.30
N TRP B 156 10.88 15.94 52.29
CA TRP B 156 10.43 14.55 52.12
C TRP B 156 10.73 14.05 50.72
N ALA B 157 10.83 12.73 50.57
CA ALA B 157 11.14 12.10 49.29
C ALA B 157 9.96 11.25 48.79
N LEU B 158 9.79 11.22 47.48
CA LEU B 158 8.77 10.34 46.91
C LEU B 158 9.02 8.87 47.28
N SER B 159 7.92 8.16 47.54
CA SER B 159 8.00 6.78 48.00
C SER B 159 8.84 5.90 47.07
N GLN B 160 9.71 5.07 47.68
CA GLN B 160 10.54 4.14 46.92
C GLN B 160 10.00 2.70 47.00
N LYS B 161 8.82 2.54 47.57
CA LYS B 161 8.17 1.24 47.72
C LYS B 161 8.00 0.53 46.37
N ASP B 162 8.13 -0.79 46.37
CA ASP B 162 7.95 -1.57 45.15
C ASP B 162 7.32 -2.92 45.48
N THR B 163 6.01 -2.91 45.68
CA THR B 163 5.22 -4.12 45.98
C THR B 163 4.13 -4.33 44.94
N GLU B 164 3.44 -5.47 45.00
CA GLU B 164 2.32 -5.73 44.12
C GLU B 164 1.27 -4.63 44.25
N ASP B 165 0.96 -4.20 45.47
CA ASP B 165 -0.06 -3.18 45.69
C ASP B 165 0.43 -1.75 45.41
N GLU B 166 1.74 -1.53 45.54
CA GLU B 166 2.35 -0.19 45.34
C GLU B 166 3.63 -0.39 44.53
N PRO B 167 3.48 -0.60 43.21
CA PRO B 167 4.69 -0.81 42.40
C PRO B 167 5.55 0.46 42.33
N PHE B 168 6.84 0.25 42.11
CA PHE B 168 7.83 1.34 42.05
C PHE B 168 7.35 2.47 41.17
N GLY B 169 7.28 3.66 41.74
CA GLY B 169 6.83 4.86 41.01
C GLY B 169 5.38 5.23 41.24
N THR B 170 4.64 4.47 42.06
CA THR B 170 3.22 4.79 42.25
C THR B 170 3.00 6.25 42.72
N ALA B 171 3.76 6.68 43.73
CA ALA B 171 3.61 8.04 44.28
C ALA B 171 4.01 9.09 43.24
N SER B 172 5.10 8.83 42.54
CA SER B 172 5.55 9.73 41.46
C SER B 172 4.47 9.87 40.40
N GLY B 173 3.87 8.73 40.05
CA GLY B 173 2.80 8.71 39.04
C GLY B 173 1.56 9.43 39.47
N GLU B 174 1.18 9.28 40.73
CA GLU B 174 0.01 9.97 41.23
C GLU B 174 0.25 11.44 41.21
N PHE B 175 1.44 11.86 41.61
CA PHE B 175 1.78 13.27 41.51
C PHE B 175 1.59 13.78 40.08
N TYR B 176 2.16 13.05 39.13
CA TYR B 176 2.14 13.49 37.71
C TYR B 176 0.72 13.56 37.18
N GLY B 177 -0.06 12.52 37.47
CA GLY B 177 -1.45 12.48 37.02
C GLY B 177 -2.28 13.60 37.63
N ARG B 178 -2.15 13.80 38.93
CA ARG B 178 -2.87 14.87 39.63
C ARG B 178 -2.47 16.24 39.12
N TYR B 179 -1.17 16.42 38.87
CA TYR B 179 -0.68 17.72 38.39
C TYR B 179 -1.35 18.07 37.07
N ILE B 180 -1.36 17.11 36.16
CA ILE B 180 -1.92 17.32 34.82
C ILE B 180 -3.39 17.67 34.93
N LYS B 181 -4.11 16.91 35.73
CA LYS B 181 -5.54 17.14 35.90
C LYS B 181 -5.86 18.49 36.58
N GLU B 182 -5.07 18.88 37.56
CA GLU B 182 -5.36 20.05 38.42
C GLU B 182 -4.95 21.34 37.76
N TYR B 183 -3.80 21.34 37.07
CA TYR B 183 -3.23 22.59 36.58
C TYR B 183 -3.84 23.03 35.24
N PHE B 184 -3.92 22.11 34.28
CA PHE B 184 -4.30 22.47 32.92
C PHE B 184 -5.81 22.67 32.80
N GLY B 185 -6.19 23.62 31.97
CA GLY B 185 -7.57 23.85 31.56
C GLY B 185 -7.77 23.58 30.08
N GLU B 186 -8.53 24.47 29.43
CA GLU B 186 -8.90 24.33 28.02
C GLU B 186 -8.59 25.58 27.20
N GLY B 187 -7.72 26.45 27.70
CA GLY B 187 -7.26 27.62 26.99
C GLY B 187 -7.79 28.89 27.62
N GLY B 188 -6.98 29.94 27.51
CA GLY B 188 -7.34 31.28 27.94
C GLY B 188 -7.76 31.39 29.40
N GLU B 189 -8.96 31.94 29.60
CA GLU B 189 -9.46 32.15 30.96
C GLU B 189 -9.94 30.88 31.66
N SER B 190 -9.92 29.73 30.97
CA SER B 190 -10.11 28.41 31.60
C SER B 190 -8.80 27.76 32.04
N GLY B 191 -7.65 28.32 31.67
CA GLY B 191 -6.35 27.80 32.08
C GLY B 191 -5.56 27.31 30.87
N GLU B 192 -4.33 26.89 31.12
CA GLU B 192 -3.43 26.50 30.07
C GLU B 192 -3.93 25.23 29.38
N PRO B 193 -3.91 25.19 28.03
CA PRO B 193 -4.33 23.96 27.36
C PRO B 193 -3.50 22.74 27.79
N LYS B 194 -4.17 21.60 27.88
CA LYS B 194 -3.51 20.33 28.19
C LYS B 194 -2.32 20.07 27.28
N PRO B 195 -1.27 19.44 27.81
CA PRO B 195 -0.17 19.02 26.92
C PRO B 195 -0.64 18.03 25.87
N GLY B 196 -0.03 18.09 24.70
CA GLY B 196 -0.23 17.07 23.68
C GLY B 196 0.39 15.75 24.02
N PHE B 197 1.49 15.82 24.76
CA PHE B 197 2.32 14.64 25.02
C PHE B 197 2.94 14.77 26.41
N CYS B 198 2.95 13.67 27.15
CA CYS B 198 3.59 13.59 28.48
C CYS B 198 4.69 12.56 28.42
N GLU B 199 5.93 13.05 28.39
CA GLU B 199 7.08 12.18 28.55
C GLU B 199 7.17 11.86 30.04
N VAL B 200 7.62 10.65 30.36
CA VAL B 200 7.72 10.29 31.79
C VAL B 200 8.85 11.05 32.50
N ILE B 201 10.07 10.91 32.00
CA ILE B 201 11.24 11.41 32.69
C ILE B 201 12.39 11.69 31.73
N ASN B 202 13.06 12.80 31.95
CA ASN B 202 14.11 13.26 31.04
C ASN B 202 15.44 12.57 31.28
N GLU B 203 16.00 11.94 30.24
CA GLU B 203 17.37 11.39 30.29
C GLU B 203 17.69 10.58 31.55
N PRO B 204 16.86 9.59 31.86
CA PRO B 204 17.01 8.92 33.15
C PRO B 204 18.26 8.07 33.32
N LEU B 205 18.69 7.39 32.28
CA LEU B 205 19.86 6.53 32.40
C LEU B 205 21.14 7.32 32.47
N TRP B 206 21.12 8.57 32.01
CA TRP B 206 22.24 9.47 32.29
C TRP B 206 22.42 9.56 33.81
N ASP B 207 21.37 9.89 34.54
CA ASP B 207 21.50 10.05 35.99
C ASP B 207 21.66 8.71 36.72
N ILE B 208 20.97 7.68 36.26
CA ILE B 208 20.95 6.37 36.94
C ILE B 208 22.26 5.62 36.75
N TYR B 209 22.78 5.65 35.54
CA TYR B 209 23.83 4.72 35.12
C TYR B 209 25.12 5.31 34.55
N ASP B 210 25.01 6.36 33.73
CA ASP B 210 26.12 6.75 32.85
C ASP B 210 26.92 7.95 33.27
N LYS B 211 26.34 8.85 34.04
CA LYS B 211 27.03 10.08 34.41
C LYS B 211 28.16 9.76 35.39
N PRO B 212 29.12 10.68 35.54
CA PRO B 212 30.13 10.39 36.57
C PRO B 212 29.51 10.20 37.95
N LYS B 213 30.01 9.21 38.67
CA LYS B 213 29.53 8.83 40.01
C LYS B 213 28.06 8.39 40.04
N ALA B 214 27.52 7.93 38.91
CA ALA B 214 26.16 7.43 38.88
C ALA B 214 26.05 6.20 39.80
N PRO B 215 24.89 6.01 40.45
CA PRO B 215 24.74 4.91 41.37
C PRO B 215 24.61 3.55 40.71
N LYS B 216 24.33 3.51 39.41
CA LYS B 216 24.11 2.27 38.68
C LYS B 216 23.01 1.44 39.32
N SER B 217 21.91 2.12 39.64
CA SER B 217 20.72 1.47 40.11
C SER B 217 20.03 0.74 38.95
N SER B 218 18.98 0.01 39.28
CA SER B 218 18.37 -0.93 38.33
C SER B 218 17.77 -0.28 37.07
N ILE B 219 18.32 -0.68 35.93
CA ILE B 219 17.77 -0.28 34.63
C ILE B 219 16.40 -0.88 34.45
N THR B 220 16.23 -2.16 34.81
CA THR B 220 14.94 -2.82 34.75
C THR B 220 13.84 -2.04 35.49
N LYS B 221 14.15 -1.60 36.70
CA LYS B 221 13.17 -0.82 37.48
C LYS B 221 12.82 0.51 36.81
N LEU B 222 13.77 1.16 36.15
CA LEU B 222 13.45 2.37 35.38
C LEU B 222 12.38 2.07 34.31
N PHE B 223 12.51 0.93 33.67
CA PHE B 223 11.55 0.58 32.64
C PHE B 223 10.20 0.19 33.22
N GLU B 224 10.19 -0.55 34.33
CA GLU B 224 8.93 -0.85 35.02
C GLU B 224 8.25 0.44 35.48
N PHE B 225 9.07 1.39 35.93
CA PHE B 225 8.61 2.70 36.39
C PHE B 225 7.78 3.36 35.29
N HIS B 226 8.20 3.24 34.03
CA HIS B 226 7.45 3.84 32.94
C HIS B 226 6.04 3.30 32.82
N SER B 227 5.88 2.00 32.93
CA SER B 227 4.52 1.43 32.91
C SER B 227 3.68 1.93 34.06
N THR B 228 4.27 2.02 35.25
CA THR B 228 3.55 2.51 36.41
C THR B 228 3.14 3.97 36.29
N ILE B 229 4.04 4.80 35.79
CA ILE B 229 3.73 6.21 35.59
C ILE B 229 2.61 6.35 34.57
N ALA B 230 2.69 5.63 33.47
CA ALA B 230 1.63 5.69 32.46
C ALA B 230 0.29 5.35 33.07
N ALA B 231 0.25 4.29 33.88
CA ALA B 231 -1.04 3.85 34.44
C ALA B 231 -1.59 4.88 35.39
N GLN B 232 -0.72 5.52 36.17
CA GLN B 232 -1.17 6.58 37.10
C GLN B 232 -1.64 7.83 36.35
N VAL B 233 -0.89 8.26 35.34
CA VAL B 233 -1.28 9.41 34.56
C VAL B 233 -2.66 9.18 33.95
N LYS B 234 -2.89 7.99 33.40
N LYS B 234 -2.87 7.99 33.39
CA LYS B 234 -4.17 7.70 32.74
CA LYS B 234 -4.14 7.66 32.73
C LYS B 234 -5.32 7.36 33.69
C LYS B 234 -5.30 7.48 33.71
N LYS B 235 -5.01 7.06 34.94
CA LYS B 235 -6.04 6.99 35.99
C LYS B 235 -6.72 8.34 36.12
N PHE B 236 -5.92 9.41 36.13
CA PHE B 236 -6.44 10.77 36.26
C PHE B 236 -6.78 11.45 34.95
N ASN B 237 -6.15 11.01 33.85
CA ASN B 237 -6.24 11.67 32.54
C ASN B 237 -6.30 10.61 31.47
N PRO B 238 -7.47 9.97 31.31
CA PRO B 238 -7.52 8.76 30.49
C PRO B 238 -7.02 8.84 29.04
N ASP B 239 -7.15 9.99 28.43
CA ASP B 239 -6.80 10.13 27.02
C ASP B 239 -5.40 10.69 26.79
N MET B 240 -4.65 10.95 27.86
CA MET B 240 -3.32 11.57 27.70
C MET B 240 -2.31 10.58 27.10
N LYS B 241 -1.52 11.04 26.14
CA LYS B 241 -0.46 10.23 25.57
C LYS B 241 0.76 10.30 26.50
N VAL B 242 1.33 9.13 26.77
CA VAL B 242 2.48 9.00 27.63
C VAL B 242 3.59 8.29 26.86
N GLY B 243 4.84 8.72 27.05
CA GLY B 243 5.94 8.12 26.31
C GLY B 243 7.24 8.07 27.09
N GLY B 244 8.19 7.37 26.50
CA GLY B 244 9.52 7.23 27.09
C GLY B 244 10.48 6.56 26.13
N TYR B 245 11.73 6.32 26.55
CA TYR B 245 12.25 6.73 27.86
C TYR B 245 13.11 8.01 27.88
N CYS B 246 13.11 8.72 26.74
N CYS B 246 13.08 8.79 26.78
CA CYS B 246 13.69 10.03 26.62
CA CYS B 246 13.74 10.12 26.65
C CYS B 246 15.21 9.92 26.72
C CYS B 246 15.25 9.99 26.68
N THR B 247 15.75 9.09 25.84
CA THR B 247 17.14 8.65 25.88
C THR B 247 18.17 9.73 25.57
N ALA B 248 19.10 9.97 26.49
CA ALA B 248 20.15 10.94 26.29
C ALA B 248 21.06 10.60 25.14
N PHE B 249 21.47 9.33 25.08
CA PHE B 249 22.49 8.88 24.13
C PHE B 249 22.14 7.49 23.65
N PRO B 250 21.27 7.39 22.62
CA PRO B 250 20.86 6.09 22.09
C PRO B 250 21.98 5.52 21.21
N ASP B 251 22.82 4.68 21.80
CA ASP B 251 24.08 4.20 21.23
C ASP B 251 24.08 2.64 21.18
N PHE B 252 23.31 2.12 20.25
CA PHE B 252 22.84 0.72 20.28
C PHE B 252 23.95 -0.30 20.11
N GLU B 253 24.96 0.05 19.34
CA GLU B 253 26.00 -0.92 18.94
C GLU B 253 27.03 -1.12 20.05
N LEU B 254 27.02 -0.29 21.07
CA LEU B 254 28.07 -0.38 22.12
C LEU B 254 28.01 -1.73 22.82
N GLN B 255 29.15 -2.17 23.33
CA GLN B 255 29.30 -3.50 23.92
C GLN B 255 28.81 -4.64 23.01
N ASN B 256 29.10 -4.50 21.71
CA ASN B 256 28.75 -5.51 20.71
C ASN B 256 27.23 -5.75 20.68
N PHE B 257 26.49 -4.63 20.75
CA PHE B 257 25.02 -4.58 20.87
C PHE B 257 24.48 -5.02 22.22
N GLY B 258 25.37 -5.17 23.20
CA GLY B 258 24.93 -5.38 24.57
C GLY B 258 24.12 -4.21 25.09
N ARG B 259 24.43 -3.01 24.61
CA ARG B 259 23.72 -1.82 25.06
C ARG B 259 22.29 -1.83 24.52
N TRP B 260 22.13 -2.14 23.26
CA TRP B 260 20.80 -2.40 22.72
C TRP B 260 20.03 -3.42 23.54
N ASN B 261 20.64 -4.58 23.77
N ASN B 261 20.67 -4.56 23.77
CA ASN B 261 19.93 -5.67 24.44
CA ASN B 261 20.03 -5.66 24.46
C ASN B 261 19.53 -5.27 25.87
C ASN B 261 19.57 -5.29 25.86
N ALA B 262 20.40 -4.52 26.55
CA ALA B 262 20.12 -4.11 27.94
C ALA B 262 19.11 -2.97 28.09
N ARG B 263 19.03 -2.11 27.08
CA ARG B 263 18.29 -0.86 27.21
C ARG B 263 17.08 -0.84 26.29
N TRP B 264 17.18 -0.32 25.06
CA TRP B 264 15.97 -0.20 24.23
C TRP B 264 15.23 -1.54 24.02
N LYS B 265 15.97 -2.64 23.81
CA LYS B 265 15.31 -3.93 23.68
C LYS B 265 14.46 -4.27 24.90
N GLN B 266 15.08 -4.14 26.06
CA GLN B 266 14.38 -4.39 27.30
C GLN B 266 13.22 -3.44 27.53
N PHE B 267 13.38 -2.18 27.18
CA PHE B 267 12.33 -1.22 27.39
C PHE B 267 11.10 -1.58 26.52
N ILE B 268 11.36 -1.93 25.27
CA ILE B 268 10.27 -2.35 24.39
C ILE B 268 9.59 -3.61 24.96
N ASP B 269 10.40 -4.55 25.44
CA ASP B 269 9.84 -5.77 26.04
C ASP B 269 9.02 -5.55 27.31
N ILE B 270 9.44 -4.62 28.16
CA ILE B 270 8.78 -4.36 29.47
C ILE B 270 7.63 -3.38 29.40
N ALA B 271 7.88 -2.24 28.77
CA ALA B 271 6.98 -1.09 28.82
C ALA B 271 6.45 -0.69 27.44
N GLY B 272 6.93 -1.31 26.37
CA GLY B 272 6.58 -0.85 25.02
C GLY B 272 5.09 -0.86 24.78
N LYS B 273 4.44 -1.93 25.21
CA LYS B 273 2.98 -2.04 25.05
C LYS B 273 2.18 -0.94 25.80
N ASP B 274 2.79 -0.33 26.82
CA ASP B 274 2.14 0.70 27.65
C ASP B 274 2.42 2.15 27.22
N MET B 275 3.37 2.34 26.32
CA MET B 275 3.70 3.70 25.85
C MET B 275 2.88 4.02 24.61
N ASP B 276 2.37 5.23 24.55
CA ASP B 276 1.74 5.73 23.33
C ASP B 276 2.77 6.17 22.28
N PHE B 277 3.94 6.58 22.75
CA PHE B 277 5.01 7.00 21.85
C PHE B 277 6.34 6.70 22.48
N PHE B 278 7.35 6.63 21.63
CA PHE B 278 8.73 6.51 22.07
C PHE B 278 9.43 7.83 21.92
N THR B 279 10.43 8.09 22.76
CA THR B 279 11.10 9.37 22.73
C THR B 279 12.59 9.22 23.02
N ILE B 280 13.40 9.88 22.20
CA ILE B 280 14.84 9.89 22.29
C ILE B 280 15.38 11.30 22.04
N HIS B 281 16.63 11.52 22.40
CA HIS B 281 17.39 12.72 22.04
C HIS B 281 18.51 12.34 21.10
N LEU B 282 18.79 13.19 20.09
CA LEU B 282 19.82 12.92 19.10
C LEU B 282 20.74 14.09 18.93
N TYR B 283 21.94 14.00 19.52
CA TYR B 283 22.92 15.05 19.37
C TYR B 283 24.16 14.58 18.61
N ASP B 284 24.57 15.40 17.66
CA ASP B 284 25.87 15.24 17.01
C ASP B 284 26.96 15.73 17.96
N PHE B 285 28.17 15.19 17.81
CA PHE B 285 29.35 15.64 18.54
C PHE B 285 30.41 16.15 17.54
N PRO B 286 30.28 17.40 17.08
CA PRO B 286 31.24 17.91 16.08
C PRO B 286 32.64 18.18 16.62
N CYS B 287 32.79 18.24 17.94
CA CYS B 287 34.06 18.65 18.54
C CYS B 287 34.13 18.13 19.97
N LYS B 288 34.29 16.83 20.10
CA LYS B 288 34.49 16.19 21.40
C LYS B 288 35.93 15.69 21.47
N ASP B 289 36.77 16.41 22.21
CA ASP B 289 38.20 16.10 22.35
C ASP B 289 38.91 16.04 21.00
N GLY B 290 38.57 16.99 20.13
CA GLY B 290 39.08 17.03 18.76
C GLY B 290 38.50 16.04 17.75
N LYS B 291 37.57 15.17 18.18
CA LYS B 291 36.98 14.15 17.32
C LYS B 291 35.61 14.60 16.79
N GLN B 292 35.30 14.20 15.56
CA GLN B 292 33.98 14.45 14.92
C GLN B 292 33.16 13.16 14.91
N MET B 293 32.11 13.12 15.72
CA MET B 293 31.29 11.93 15.81
C MET B 293 29.83 12.30 15.54
N TYR B 294 29.37 11.96 14.34
CA TYR B 294 28.05 12.37 13.88
C TYR B 294 27.02 11.28 13.95
N ARG B 295 25.79 11.68 14.29
CA ARG B 295 24.60 10.91 14.09
C ARG B 295 23.98 11.23 12.71
N LYS B 296 24.04 12.51 12.30
CA LYS B 296 23.49 12.87 11.00
C LYS B 296 24.10 12.00 9.93
N GLY B 297 23.32 11.67 8.92
CA GLY B 297 23.69 10.64 7.96
C GLY B 297 23.26 9.25 8.39
N SER B 298 24.07 8.25 8.05
CA SER B 298 23.61 6.87 8.16
C SER B 298 23.48 6.34 9.59
N ASN B 299 24.17 6.96 10.55
CA ASN B 299 24.14 6.50 11.93
C ASN B 299 22.73 6.62 12.54
N MET B 300 22.15 7.83 12.46
N MET B 300 22.13 7.81 12.51
CA MET B 300 20.80 8.05 12.96
CA MET B 300 20.76 7.92 13.06
C MET B 300 19.75 7.18 12.26
C MET B 300 19.73 7.12 12.27
N GLU B 301 19.98 6.88 10.98
CA GLU B 301 19.11 6.01 10.21
C GLU B 301 19.09 4.61 10.82
N ALA B 302 20.27 4.13 11.24
CA ALA B 302 20.34 2.80 11.88
C ALA B 302 19.67 2.75 13.23
N THR B 303 19.83 3.81 14.02
CA THR B 303 19.18 3.93 15.31
C THR B 303 17.68 3.84 15.19
N MET B 304 17.12 4.68 14.32
CA MET B 304 15.69 4.73 14.14
C MET B 304 15.14 3.45 13.49
N ASP B 305 15.84 2.91 12.50
CA ASP B 305 15.41 1.64 11.92
C ASP B 305 15.38 0.50 12.94
N MET B 306 16.31 0.47 13.89
CA MET B 306 16.34 -0.62 14.87
C MET B 306 15.14 -0.51 15.84
N ILE B 307 14.80 0.71 16.29
CA ILE B 307 13.63 0.88 17.12
C ILE B 307 12.40 0.36 16.36
N GLU B 308 12.24 0.79 15.11
CA GLU B 308 11.05 0.41 14.33
C GLU B 308 10.97 -1.10 14.08
N GLN B 309 12.09 -1.66 13.67
CA GLN B 309 12.14 -3.09 13.33
C GLN B 309 11.84 -3.96 14.55
N TYR B 310 12.47 -3.64 15.69
CA TYR B 310 12.22 -4.46 16.88
C TYR B 310 10.79 -4.24 17.41
N SER B 311 10.27 -3.02 17.29
CA SER B 311 8.86 -2.76 17.63
C SER B 311 7.94 -3.65 16.79
N MET B 312 8.20 -3.75 15.50
CA MET B 312 7.46 -4.67 14.65
C MET B 312 7.52 -6.11 15.12
N ILE B 313 8.71 -6.57 15.47
CA ILE B 313 8.87 -7.98 15.88
C ILE B 313 8.14 -8.25 17.20
N LYS B 314 8.38 -7.40 18.18
CA LYS B 314 7.91 -7.64 19.54
C LYS B 314 6.47 -7.16 19.76
N LEU B 315 6.15 -5.96 19.29
CA LEU B 315 4.84 -5.35 19.53
C LEU B 315 3.89 -5.52 18.36
N GLY B 316 4.42 -5.89 17.20
CA GLY B 316 3.59 -5.99 15.98
C GLY B 316 3.19 -4.70 15.31
N GLU B 317 3.84 -3.59 15.67
CA GLU B 317 3.51 -2.28 15.13
C GLU B 317 4.64 -1.32 15.39
N VAL B 318 4.78 -0.31 14.55
CA VAL B 318 5.71 0.80 14.78
C VAL B 318 5.02 1.82 15.68
N LYS B 319 5.71 2.24 16.73
CA LYS B 319 5.21 3.27 17.64
C LYS B 319 5.64 4.62 17.12
N PRO B 320 4.79 5.66 17.29
CA PRO B 320 5.24 7.02 16.95
C PRO B 320 6.50 7.38 17.75
N LEU B 321 7.44 8.04 17.07
CA LEU B 321 8.69 8.46 17.63
C LEU B 321 8.76 9.97 17.79
N MET B 322 9.12 10.39 18.98
CA MET B 322 9.34 11.79 19.29
C MET B 322 10.85 11.97 19.46
N ILE B 323 11.39 13.03 18.86
N ILE B 323 11.39 13.04 18.88
CA ILE B 323 12.76 13.48 19.14
CA ILE B 323 12.76 13.45 19.16
C ILE B 323 12.67 14.78 19.90
C ILE B 323 12.65 14.78 19.89
N SER B 324 12.62 14.71 21.23
CA SER B 324 12.29 15.90 22.01
C SER B 324 13.45 16.89 22.18
N GLU B 325 14.67 16.46 21.84
CA GLU B 325 15.84 17.35 21.73
C GLU B 325 16.75 16.83 20.65
N TYR B 326 17.18 17.70 19.77
CA TYR B 326 18.23 17.38 18.81
C TYR B 326 19.00 18.61 18.41
N SER B 327 20.25 18.42 17.99
CA SER B 327 21.14 19.52 17.65
C SER B 327 22.54 18.93 17.66
N ALA B 328 23.50 19.79 17.94
CA ALA B 328 24.86 19.37 18.22
C ALA B 328 25.19 19.75 19.63
N GLN B 329 25.96 18.91 20.32
CA GLN B 329 26.59 19.31 21.57
C GLN B 329 27.98 19.75 21.23
N THR B 330 28.33 20.98 21.63
CA THR B 330 29.56 21.60 21.18
C THR B 330 30.62 21.60 22.31
N HIS B 331 31.11 20.41 22.69
CA HIS B 331 31.95 20.22 23.91
C HIS B 331 33.20 21.10 24.01
N ASP B 332 34.05 21.05 22.98
CA ASP B 332 35.33 21.79 22.99
C ASP B 332 35.13 23.32 23.05
N TYR B 333 33.95 23.79 22.66
CA TYR B 333 33.57 25.21 22.76
C TYR B 333 32.72 25.55 24.00
N ASN B 334 32.08 24.56 24.62
CA ASN B 334 31.31 24.77 25.87
C ASN B 334 32.19 25.31 26.99
N LYS B 336 33.99 27.84 26.41
CA LYS B 336 34.19 29.15 25.87
C LYS B 336 32.90 29.98 25.96
N PRO B 337 33.00 31.28 25.65
CA PRO B 337 31.78 32.07 25.48
C PRO B 337 30.95 31.65 24.25
N TRP B 338 29.79 32.25 24.10
CA TRP B 338 29.06 32.21 22.83
C TRP B 338 29.93 32.70 21.65
N SER B 339 29.75 32.09 20.49
CA SER B 339 30.30 32.60 19.24
C SER B 339 29.35 32.28 18.08
N PRO B 340 29.44 33.05 16.99
CA PRO B 340 28.69 32.66 15.78
C PRO B 340 29.04 31.28 15.26
N TYR B 341 30.31 30.89 15.36
CA TYR B 341 30.75 29.59 14.87
C TYR B 341 30.08 28.46 15.65
N ARG B 342 29.98 28.63 16.97
N ARG B 342 29.98 28.63 16.97
CA ARG B 342 29.28 27.67 17.79
CA ARG B 342 29.30 27.64 17.80
C ARG B 342 27.83 27.48 17.34
C ARG B 342 27.83 27.47 17.37
N ASP B 343 27.17 28.58 17.02
CA ASP B 343 25.81 28.51 16.48
C ASP B 343 25.79 27.79 15.12
N TRP B 344 26.80 28.04 14.28
CA TRP B 344 26.89 27.29 13.03
C TRP B 344 26.92 25.78 13.26
N LEU B 345 27.70 25.34 14.26
CA LEU B 345 27.78 23.92 14.55
C LEU B 345 26.40 23.33 14.87
N ARG B 346 25.57 24.09 15.57
CA ARG B 346 24.20 23.67 15.86
C ARG B 346 23.32 23.73 14.62
N LEU B 347 23.41 24.81 13.86
CA LEU B 347 22.61 24.96 12.64
C LEU B 347 22.79 23.81 11.64
N LYS B 348 24.03 23.42 11.39
CA LYS B 348 24.26 22.40 10.36
C LYS B 348 23.75 21.04 10.76
N SER B 349 23.83 20.73 12.07
CA SER B 349 23.26 19.50 12.59
C SER B 349 21.74 19.56 12.51
N THR B 350 21.17 20.67 12.93
CA THR B 350 19.72 20.78 12.94
C THR B 350 19.11 20.59 11.55
N ASN B 351 19.66 21.25 10.55
CA ASN B 351 19.09 21.18 9.22
C ASN B 351 19.16 19.75 8.64
N SER B 352 20.29 19.09 8.82
CA SER B 352 20.43 17.72 8.35
C SER B 352 19.49 16.78 9.07
N MET B 353 19.48 16.82 10.40
CA MET B 353 18.60 15.91 11.13
C MET B 353 17.16 16.13 10.75
N LEU B 354 16.76 17.40 10.63
CA LEU B 354 15.40 17.74 10.23
C LEU B 354 15.01 17.09 8.91
N MET B 355 15.86 17.18 7.90
CA MET B 355 15.59 16.52 6.64
C MET B 355 15.35 15.03 6.80
N GLN B 356 16.15 14.40 7.66
CA GLN B 356 16.01 12.97 7.90
C GLN B 356 14.71 12.66 8.62
N PHE B 357 14.30 13.49 9.58
CA PHE B 357 13.00 13.28 10.24
C PHE B 357 11.83 13.48 9.27
N MET B 358 11.97 14.44 8.38
CA MET B 358 10.94 14.69 7.36
C MET B 358 10.73 13.46 6.46
N GLU B 359 11.79 12.68 6.22
CA GLU B 359 11.69 11.45 5.42
C GLU B 359 10.86 10.36 6.06
N ARG B 360 10.68 10.41 7.36
CA ARG B 360 9.84 9.40 8.02
C ARG B 360 8.77 10.12 8.84
N THR B 361 8.18 11.14 8.21
CA THR B 361 7.17 11.96 8.86
C THR B 361 5.96 11.13 9.36
N ASP B 362 5.61 10.05 8.68
CA ASP B 362 4.49 9.24 9.13
C ASP B 362 4.68 8.64 10.51
N ASN B 363 5.92 8.34 10.87
CA ASN B 363 6.23 7.71 12.17
C ASN B 363 6.94 8.62 13.18
N ILE B 364 6.98 9.93 12.91
CA ILE B 364 7.54 10.90 13.84
C ILE B 364 6.38 11.74 14.29
N CYS B 365 6.15 11.83 15.60
CA CYS B 365 5.05 12.64 16.10
C CYS B 365 5.47 14.05 16.43
N TYR B 366 6.77 14.30 16.59
CA TYR B 366 7.24 15.62 17.02
C TYR B 366 8.76 15.55 16.99
N ALA B 367 9.42 16.55 16.42
CA ALA B 367 10.87 16.66 16.50
C ALA B 367 11.20 18.11 16.85
N MET B 368 11.97 18.31 17.90
CA MET B 368 12.18 19.64 18.47
C MET B 368 13.66 19.96 18.58
N PRO B 369 14.15 20.92 17.76
CA PRO B 369 15.54 21.33 17.93
C PRO B 369 15.77 21.91 19.32
N PHE B 370 16.90 21.60 19.95
CA PHE B 370 17.13 22.12 21.27
C PHE B 370 17.68 23.52 21.19
N ALA B 371 16.83 24.49 21.44
CA ALA B 371 17.27 25.85 21.69
C ALA B 371 16.23 26.43 22.57
N MET B 372 16.70 27.07 23.63
CA MET B 372 15.82 27.81 24.51
C MET B 372 15.86 29.27 24.14
N LEU B 373 14.92 30.03 24.67
CA LEU B 373 14.83 31.44 24.34
C LEU B 373 16.04 32.18 24.91
N LYS B 374 16.27 31.99 26.21
CA LYS B 374 17.42 32.52 26.94
C LYS B 374 17.83 31.48 27.99
N SER B 375 18.89 31.77 28.74
CA SER B 375 19.30 30.89 29.84
C SER B 375 20.11 31.65 30.88
N HIS B 387 23.81 22.39 25.51
CA HIS B 387 23.30 22.79 26.81
C HIS B 387 23.00 24.28 26.87
N THR B 388 23.78 25.09 26.14
CA THR B 388 23.67 26.55 26.15
C THR B 388 23.08 27.16 24.86
N ALA B 389 22.47 26.34 24.01
CA ALA B 389 21.84 26.80 22.78
C ALA B 389 20.71 27.77 23.09
N ARG B 390 20.90 29.04 22.70
CA ARG B 390 19.93 30.11 23.01
C ARG B 390 19.55 30.85 21.73
N MET B 391 18.27 31.16 21.59
CA MET B 391 17.79 32.01 20.49
C MET B 391 18.25 33.47 20.64
N LEU B 392 18.54 33.90 21.87
CA LEU B 392 18.99 35.27 22.15
C LEU B 392 20.27 35.28 22.95
N ARG B 393 21.05 36.31 22.73
CA ARG B 393 22.27 36.55 23.49
C ARG B 393 22.35 38.03 23.78
N ARG B 394 23.09 38.39 24.82
N ARG B 394 23.09 38.39 24.82
CA ARG B 394 23.22 39.81 25.16
CA ARG B 394 23.20 39.79 25.20
C ARG B 394 24.13 40.51 24.17
C ARG B 394 24.12 40.51 24.21
N GLU B 395 23.86 41.80 23.95
CA GLU B 395 24.42 42.49 22.79
C GLU B 395 25.94 42.58 22.72
N ASN B 396 26.60 42.67 23.87
CA ASN B 396 28.04 42.82 23.88
C ASN B 396 28.80 41.48 23.94
N GLU B 397 28.10 40.35 24.13
CA GLU B 397 28.70 39.02 24.00
C GLU B 397 29.37 38.93 22.62
N PRO B 398 30.56 38.32 22.49
CA PRO B 398 31.27 37.64 23.57
C PRO B 398 32.14 38.59 24.42
N GLU B 399 32.60 39.72 23.84
CA GLU B 399 33.53 40.67 24.50
C GLU B 399 33.21 40.89 25.98
N SER B 400 31.94 41.20 26.28
CA SER B 400 31.45 41.23 27.66
C SER B 400 30.01 40.73 27.72
N PHE B 401 29.57 40.36 28.92
CA PHE B 401 28.24 39.75 29.11
C PHE B 401 27.14 40.77 29.47
N THR B 402 27.13 41.90 28.76
CA THR B 402 26.30 43.05 29.08
C THR B 402 25.39 43.41 27.90
N GLY B 403 24.35 44.18 28.19
CA GLY B 403 23.49 44.78 27.16
C GLY B 403 22.19 44.03 27.02
N GLU B 404 21.28 44.60 26.22
CA GLU B 404 19.98 43.95 26.01
C GLU B 404 20.12 42.80 25.03
N TYR B 405 19.13 41.90 25.07
CA TYR B 405 19.16 40.68 24.27
C TYR B 405 18.85 40.97 22.78
N VAL B 406 19.61 40.30 21.92
CA VAL B 406 19.45 40.34 20.48
C VAL B 406 19.47 38.90 20.01
N TYR B 407 19.03 38.63 18.79
CA TYR B 407 19.09 37.26 18.30
C TYR B 407 20.51 36.78 18.21
N SER B 408 20.67 35.50 18.56
CA SER B 408 21.86 34.73 18.21
C SER B 408 21.76 34.36 16.73
N GLU B 409 22.75 33.61 16.24
N GLU B 409 22.74 33.60 16.25
CA GLU B 409 22.70 33.17 14.84
CA GLU B 409 22.70 33.14 14.86
C GLU B 409 21.65 32.07 14.64
C GLU B 409 21.67 32.04 14.65
N LEU B 410 21.10 31.49 15.71
CA LEU B 410 20.10 30.42 15.57
C LEU B 410 18.81 30.89 14.89
N ILE B 411 18.55 32.20 14.92
CA ILE B 411 17.40 32.75 14.21
C ILE B 411 17.48 32.42 12.70
N LYS B 412 18.68 32.19 12.15
CA LYS B 412 18.81 31.92 10.72
C LYS B 412 18.09 30.62 10.32
N PHE B 413 17.93 29.68 11.27
CA PHE B 413 17.19 28.47 10.99
C PHE B 413 15.75 28.82 10.63
N TYR B 414 15.15 29.69 11.44
CA TYR B 414 13.74 30.04 11.25
C TYR B 414 13.57 30.96 10.04
N GLN B 415 14.59 31.77 9.76
CA GLN B 415 14.60 32.57 8.54
C GLN B 415 14.70 31.68 7.31
N LEU B 416 15.57 30.68 7.35
CA LEU B 416 15.73 29.75 6.22
C LEU B 416 14.44 29.00 5.88
N TRP B 417 13.74 28.55 6.92
CA TRP B 417 12.52 27.74 6.78
C TRP B 417 11.22 28.55 6.74
N LYS B 418 11.31 29.89 6.69
N LYS B 418 11.33 29.88 6.69
CA LYS B 418 10.14 30.72 6.66
CA LYS B 418 10.15 30.76 6.64
C LYS B 418 9.26 30.39 5.46
C LYS B 418 9.27 30.41 5.45
N ASP B 419 7.96 30.34 5.70
CA ASP B 419 6.95 30.11 4.65
C ASP B 419 6.85 28.67 4.13
N VAL B 420 7.82 27.80 4.38
CA VAL B 420 7.83 26.46 3.79
C VAL B 420 6.62 25.70 4.29
N LYS B 421 5.81 25.24 3.34
CA LYS B 421 4.61 24.45 3.63
C LYS B 421 4.10 23.88 2.32
N GLY B 422 3.13 22.98 2.44
CA GLY B 422 2.45 22.45 1.28
C GLY B 422 2.49 20.96 1.06
N THR B 423 2.06 20.56 -0.12
CA THR B 423 1.99 19.15 -0.49
C THR B 423 3.36 18.66 -0.91
N ARG B 424 3.83 17.59 -0.28
CA ARG B 424 5.11 17.00 -0.65
C ARG B 424 5.11 16.46 -2.07
N VAL B 425 6.17 16.73 -2.81
CA VAL B 425 6.34 16.22 -4.16
C VAL B 425 7.68 15.54 -4.31
N GLU B 426 7.77 14.72 -5.34
CA GLU B 426 8.90 13.87 -5.53
C GLU B 426 10.16 14.64 -5.91
N THR B 427 11.26 14.29 -5.25
CA THR B 427 12.59 14.76 -5.59
C THR B 427 13.52 13.57 -5.67
N ASN B 428 14.55 13.70 -6.49
CA ASN B 428 15.62 12.74 -6.40
C ASN B 428 16.96 13.38 -6.67
N CYS B 429 17.93 12.91 -5.93
N CYS B 429 17.95 12.93 -5.90
CA CYS B 429 19.28 13.33 -6.09
CA CYS B 429 19.33 13.42 -5.98
C CYS B 429 20.10 12.08 -6.19
C CYS B 429 20.26 12.21 -6.00
N ASP B 430 21.11 12.12 -7.03
CA ASP B 430 21.95 10.94 -7.28
C ASP B 430 23.27 10.94 -6.50
N ASN B 431 23.23 11.42 -5.27
CA ASN B 431 24.39 11.45 -4.42
C ASN B 431 23.85 11.20 -3.03
N PRO B 432 24.26 10.10 -2.37
CA PRO B 432 23.70 9.83 -1.04
C PRO B 432 24.04 10.88 0.00
N ASP B 433 25.06 11.70 -0.24
CA ASP B 433 25.41 12.80 0.68
C ASP B 433 24.60 14.07 0.49
N ILE B 434 23.72 14.09 -0.49
CA ILE B 434 22.81 15.21 -0.71
C ILE B 434 21.42 14.73 -0.41
N MET B 435 20.70 15.45 0.45
CA MET B 435 19.31 15.13 0.76
C MET B 435 18.47 16.21 0.14
N CYS B 436 17.32 15.84 -0.41
N CYS B 436 17.32 15.82 -0.40
CA CYS B 436 16.45 16.82 -1.04
CA CYS B 436 16.41 16.72 -1.10
C CYS B 436 15.01 16.49 -0.72
C CYS B 436 15.00 16.48 -0.62
N ASP B 437 14.18 17.54 -0.70
CA ASP B 437 12.75 17.41 -0.44
C ASP B 437 12.08 18.62 -1.07
N ALA B 438 10.77 18.54 -1.23
CA ALA B 438 10.03 19.69 -1.83
C ALA B 438 8.57 19.67 -1.50
N TYR B 439 7.99 20.86 -1.36
CA TYR B 439 6.60 21.06 -0.98
C TYR B 439 5.97 22.12 -1.87
N VAL B 440 4.72 21.87 -2.30
CA VAL B 440 3.98 22.73 -3.24
C VAL B 440 2.79 23.34 -2.51
N ASP B 441 2.77 24.67 -2.41
CA ASP B 441 1.68 25.44 -1.79
C ASP B 441 1.09 26.39 -2.83
N GLY B 442 0.12 25.88 -3.57
CA GLY B 442 -0.57 26.68 -4.58
C GLY B 442 0.34 27.03 -5.74
N LYS B 443 0.75 28.29 -5.78
CA LYS B 443 1.68 28.80 -6.80
C LYS B 443 3.14 28.79 -6.35
N ASN B 444 3.38 28.49 -5.07
CA ASN B 444 4.71 28.54 -4.51
C ASN B 444 5.25 27.13 -4.29
N VAL B 445 6.51 26.94 -4.63
CA VAL B 445 7.17 25.64 -4.45
C VAL B 445 8.47 25.85 -3.65
N TYR B 446 8.69 25.02 -2.64
CA TYR B 446 9.88 25.09 -1.77
C TYR B 446 10.69 23.84 -2.04
N PHE B 447 11.91 24.03 -2.52
CA PHE B 447 12.82 22.95 -2.89
C PHE B 447 13.98 23.01 -1.90
N ILE B 448 14.13 22.02 -1.04
CA ILE B 448 15.13 22.08 0.04
C ILE B 448 16.22 21.07 -0.25
N ILE B 449 17.48 21.53 -0.18
CA ILE B 449 18.62 20.67 -0.46
C ILE B 449 19.64 20.82 0.67
N ASN B 450 20.11 19.68 1.19
CA ASN B 450 21.08 19.68 2.29
C ASN B 450 22.30 18.84 1.94
N ASN B 451 23.45 19.32 2.37
CA ASN B 451 24.71 18.66 2.11
C ASN B 451 25.26 18.01 3.40
N LEU B 452 25.44 16.68 3.34
CA LEU B 452 26.12 15.90 4.38
C LEU B 452 27.61 15.78 4.16
N ASP B 453 28.08 16.17 2.97
CA ASP B 453 29.53 16.10 2.66
C ASP B 453 30.28 17.24 3.30
N PHE B 454 31.60 17.05 3.49
CA PHE B 454 32.48 18.04 4.10
C PHE B 454 33.26 18.88 3.08
N LYS B 455 32.66 19.05 1.91
CA LYS B 455 33.16 19.90 0.87
C LYS B 455 31.95 20.43 0.11
N PRO B 456 32.14 21.51 -0.65
CA PRO B 456 31.07 21.97 -1.53
C PRO B 456 30.69 20.97 -2.62
N VAL B 457 29.43 20.97 -3.01
CA VAL B 457 28.94 20.07 -4.04
C VAL B 457 28.25 20.90 -5.12
N ASP B 458 28.69 20.71 -6.37
CA ASP B 458 28.06 21.37 -7.51
C ASP B 458 26.83 20.59 -7.92
N LEU B 459 25.68 21.26 -7.94
CA LEU B 459 24.42 20.66 -8.32
C LEU B 459 23.96 21.10 -9.69
N ASN B 460 23.41 20.16 -10.47
N ASN B 460 23.42 20.16 -10.47
CA ASN B 460 22.68 20.47 -11.68
CA ASN B 460 22.68 20.48 -11.68
C ASN B 460 21.21 20.23 -11.38
C ASN B 460 21.21 20.24 -11.37
N LEU B 461 20.41 21.30 -11.48
CA LEU B 461 18.99 21.25 -11.08
C LEU B 461 18.08 21.09 -12.28
N SER B 462 17.11 20.16 -12.17
CA SER B 462 16.05 20.00 -13.17
C SER B 462 14.72 20.10 -12.49
N VAL B 463 13.81 20.92 -13.03
CA VAL B 463 12.46 21.03 -12.48
C VAL B 463 11.53 20.55 -13.56
N ASN B 464 10.83 19.45 -13.30
CA ASN B 464 9.96 18.81 -14.27
C ASN B 464 8.51 18.88 -13.86
N GLY B 465 7.63 18.76 -14.84
CA GLY B 465 6.17 18.80 -14.63
C GLY B 465 5.52 20.17 -14.67
N THR B 466 6.26 21.19 -15.12
CA THR B 466 5.77 22.56 -15.18
C THR B 466 5.24 22.84 -16.58
N SER B 467 4.21 23.68 -16.65
CA SER B 467 3.62 24.12 -17.92
C SER B 467 4.29 25.41 -18.42
N LYS B 468 5.03 26.09 -17.53
CA LYS B 468 5.68 27.38 -17.82
C LYS B 468 6.82 27.55 -16.81
N ASP B 469 7.82 28.37 -17.15
CA ASP B 469 8.90 28.68 -16.21
C ASP B 469 8.34 29.49 -15.04
N ALA B 470 9.00 29.38 -13.91
CA ALA B 470 8.62 30.19 -12.75
C ALA B 470 8.62 31.68 -13.07
N LYS B 471 7.70 32.39 -12.44
CA LYS B 471 7.68 33.86 -12.43
C LYS B 471 8.88 34.42 -11.65
N SER B 472 9.20 33.76 -10.54
CA SER B 472 10.32 34.18 -9.73
C SER B 472 10.97 33.03 -8.99
N ILE B 473 12.24 33.24 -8.64
CA ILE B 473 13.04 32.26 -7.89
C ILE B 473 13.78 33.02 -6.79
N GLU B 474 13.58 32.63 -5.54
CA GLU B 474 14.34 33.13 -4.41
C GLU B 474 15.22 32.03 -3.91
N VAL B 475 16.50 32.31 -3.80
CA VAL B 475 17.47 31.36 -3.26
C VAL B 475 17.80 31.78 -1.86
N ARG B 476 17.71 30.83 -0.91
CA ARG B 476 18.18 31.03 0.47
C ARG B 476 19.27 30.00 0.70
N HIS B 477 20.46 30.44 1.10
CA HIS B 477 21.58 29.53 1.23
C HIS B 477 22.28 29.82 2.56
N LEU B 478 22.29 28.84 3.44
CA LEU B 478 22.91 28.94 4.77
C LEU B 478 24.19 28.15 4.82
N TYR B 479 25.30 28.85 5.05
CA TYR B 479 26.61 28.23 5.03
C TYR B 479 27.57 28.97 5.95
N LEU B 480 28.75 28.39 6.14
CA LEU B 480 29.80 29.00 6.95
C LEU B 480 30.78 29.80 6.10
N LYS B 481 31.01 31.06 6.48
CA LYS B 481 32.04 31.90 5.86
C LYS B 481 33.25 31.94 6.80
N GLY B 482 34.42 31.59 6.27
CA GLY B 482 35.71 31.77 7.00
C GLY B 482 36.26 30.55 7.70
N GLY B 483 35.67 29.39 7.48
CA GLY B 483 36.11 28.15 8.14
C GLY B 483 36.00 28.19 9.66
N LYS B 484 36.79 27.34 10.32
CA LYS B 484 36.79 27.25 11.78
C LYS B 484 36.85 28.65 12.39
N ASP B 485 35.95 28.89 13.36
CA ASP B 485 35.74 30.20 13.99
C ASP B 485 35.30 31.37 13.08
N GLY B 486 34.73 31.06 11.92
CA GLY B 486 34.04 32.06 11.08
C GLY B 486 32.59 32.30 11.48
N VAL B 487 31.74 32.70 10.53
CA VAL B 487 30.35 33.12 10.84
C VAL B 487 29.38 32.48 9.85
N PRO B 488 28.21 32.07 10.34
CA PRO B 488 27.23 31.62 9.39
C PRO B 488 26.63 32.79 8.61
N ILE B 489 26.36 32.53 7.34
CA ILE B 489 25.78 33.49 6.43
C ILE B 489 24.49 32.90 5.88
N LEU B 490 23.43 33.69 5.87
CA LEU B 490 22.20 33.35 5.15
C LEU B 490 22.06 34.30 3.97
N ASP B 491 22.41 33.79 2.81
N ASP B 491 22.50 33.83 2.81
CA ASP B 491 22.39 34.55 1.57
CA ASP B 491 22.36 34.59 1.58
C ASP B 491 21.01 34.39 0.93
C ASP B 491 20.94 34.39 1.11
N VAL B 492 20.27 35.49 0.79
CA VAL B 492 18.93 35.47 0.22
C VAL B 492 18.89 36.40 -0.99
N TYR B 493 18.58 35.85 -2.16
CA TYR B 493 18.61 36.62 -3.41
C TYR B 493 17.66 36.07 -4.45
N ASP B 494 17.32 36.90 -5.42
CA ASP B 494 16.51 36.46 -6.54
C ASP B 494 17.36 36.04 -7.69
N ALA B 495 16.86 35.04 -8.41
CA ALA B 495 17.56 34.49 -9.58
C ALA B 495 16.62 34.53 -10.76
N LYS B 496 17.20 34.85 -11.92
CA LYS B 496 16.49 34.83 -13.18
C LYS B 496 16.46 33.42 -13.80
N SER B 497 17.44 32.58 -13.46
CA SER B 497 17.42 31.16 -13.78
C SER B 497 18.24 30.44 -12.70
N LEU B 498 18.07 29.14 -12.58
CA LEU B 498 18.86 28.39 -11.61
C LEU B 498 19.07 26.96 -12.06
N ASP B 499 19.83 26.81 -13.14
CA ASP B 499 20.14 25.48 -13.67
C ASP B 499 21.27 24.79 -12.92
N HIS B 500 22.13 25.58 -12.28
CA HIS B 500 23.29 25.09 -11.54
C HIS B 500 23.39 25.85 -10.21
N PHE B 501 23.89 25.17 -9.18
CA PHE B 501 24.08 25.79 -7.88
C PHE B 501 25.14 25.02 -7.11
N THR B 502 26.09 25.73 -6.49
CA THR B 502 27.09 25.13 -5.62
C THR B 502 26.64 25.27 -4.17
N LEU B 503 26.30 24.12 -3.60
CA LEU B 503 25.88 24.04 -2.21
C LEU B 503 27.15 23.86 -1.37
N GLU B 504 27.36 24.78 -0.43
CA GLU B 504 28.55 24.80 0.40
C GLU B 504 28.63 23.61 1.37
N THR B 505 29.81 23.47 1.94
CA THR B 505 30.09 22.42 2.91
C THR B 505 29.05 22.38 4.01
N GLU B 506 28.43 21.21 4.17
CA GLU B 506 27.43 20.98 5.21
C GLU B 506 26.29 22.02 5.19
N ALA B 507 26.05 22.63 4.02
CA ALA B 507 25.11 23.75 3.90
C ALA B 507 23.71 23.26 3.55
N THR B 508 22.77 24.21 3.64
CA THR B 508 21.41 23.98 3.20
C THR B 508 20.97 25.12 2.31
N CYS B 509 20.19 24.81 1.31
CA CYS B 509 19.48 25.84 0.58
C CYS B 509 18.00 25.53 0.53
N VAL B 510 17.21 26.58 0.58
CA VAL B 510 15.79 26.50 0.31
C VAL B 510 15.54 27.40 -0.89
N ILE B 511 15.06 26.79 -1.97
CA ILE B 511 14.78 27.50 -3.22
C ILE B 511 13.27 27.65 -3.34
N CYS B 512 12.82 28.90 -3.50
CA CYS B 512 11.40 29.24 -3.49
C CYS B 512 11.02 29.68 -4.90
N TYR B 513 10.25 28.84 -5.60
CA TYR B 513 9.73 29.14 -6.93
C TYR B 513 8.33 29.66 -6.79
N ASN B 514 7.99 30.71 -7.53
CA ASN B 514 6.61 31.17 -7.61
C ASN B 514 6.20 31.10 -9.06
N PHE B 515 5.02 30.57 -9.29
CA PHE B 515 4.45 30.46 -10.64
C PHE B 515 3.26 31.38 -10.84
N ASP B 516 2.98 31.70 -12.10
CA ASP B 516 1.81 32.48 -12.45
C ASP B 516 0.50 31.75 -12.20
N ARG B 517 0.46 30.45 -12.47
CA ARG B 517 -0.72 29.62 -12.24
C ARG B 517 -0.41 28.59 -11.17
N LYS B 518 -1.46 28.12 -10.50
CA LYS B 518 -1.28 27.06 -9.48
C LYS B 518 -0.63 25.82 -10.10
N VAL B 519 0.29 25.22 -9.35
CA VAL B 519 0.98 24.03 -9.81
C VAL B 519 -0.01 22.86 -9.79
N LYS B 520 -0.06 22.11 -10.88
CA LYS B 520 -0.98 20.97 -11.04
C LYS B 520 -0.26 19.69 -10.63
N ILE B 521 -0.74 19.09 -9.55
CA ILE B 521 -0.20 17.83 -9.06
C ILE B 521 -1.15 16.76 -9.54
N ASN B 522 -0.70 16.00 -10.54
CA ASN B 522 -1.59 15.05 -11.23
C ASN B 522 -1.14 13.60 -11.19
N GLU B 523 -0.05 13.31 -10.46
CA GLU B 523 0.45 11.94 -10.30
C GLU B 523 0.78 11.74 -8.82
N THR B 524 0.90 10.48 -8.40
CA THR B 524 1.26 10.12 -7.03
C THR B 524 2.35 9.06 -7.01
N MET B 525 3.34 9.27 -6.14
CA MET B 525 4.30 8.25 -5.76
C MET B 525 4.00 7.92 -4.32
N GLU B 526 3.69 6.66 -4.06
CA GLU B 526 3.40 6.24 -2.70
C GLU B 526 4.56 5.46 -2.17
N GLU B 527 5.12 5.93 -1.05
CA GLU B 527 6.21 5.25 -0.38
C GLU B 527 5.64 4.34 0.70
N VAL B 528 6.09 3.08 0.72
CA VAL B 528 5.76 2.15 1.80
C VAL B 528 7.07 1.52 2.30
N LYS B 529 7.21 1.41 3.62
CA LYS B 529 8.38 0.84 4.23
C LYS B 529 8.01 -0.51 4.83
N TYR B 530 8.76 -1.53 4.45
CA TYR B 530 8.51 -2.91 4.87
C TYR B 530 9.63 -3.41 5.76
N TYR B 531 9.27 -4.24 6.73
CA TYR B 531 10.25 -4.76 7.71
C TYR B 531 10.46 -6.25 7.48
N ALA B 532 11.61 -6.72 7.91
CA ALA B 532 11.96 -8.14 7.84
C ALA B 532 11.33 -8.91 8.97
N THR B 533 11.30 -10.24 8.85
CA THR B 533 10.73 -11.07 9.90
C THR B 533 11.67 -11.22 11.09
N ASP B 534 12.94 -10.91 10.90
CA ASP B 534 13.92 -11.03 11.98
C ASP B 534 14.97 -9.92 11.87
N TYR B 535 15.89 -9.87 12.84
CA TYR B 535 16.87 -8.78 12.90
C TYR B 535 18.07 -9.23 13.74
N LEU B 536 19.10 -8.39 13.78
CA LEU B 536 20.24 -8.51 14.70
C LEU B 536 20.95 -9.85 14.60
N LYS B 537 21.64 -10.04 13.49
CA LYS B 537 22.33 -11.31 13.19
C LYS B 537 23.84 -11.13 13.19
N GLU B 538 24.54 -12.05 13.86
CA GLU B 538 26.00 -12.03 13.91
C GLU B 538 26.58 -12.38 12.56
N ILE B 539 27.66 -11.72 12.18
CA ILE B 539 28.29 -11.92 10.88
C ILE B 539 29.48 -12.86 11.06
N ALA B 540 29.48 -13.94 10.27
CA ALA B 540 30.61 -14.87 10.20
C ALA B 540 31.09 -14.90 8.76
N ALA B 541 32.41 -14.99 8.58
CA ALA B 541 33.01 -15.00 7.23
C ALA B 541 32.46 -16.13 6.36
N GLY B 542 31.98 -15.77 5.18
CA GLY B 542 31.46 -16.74 4.22
C GLY B 542 30.12 -17.38 4.54
N LYS B 543 29.47 -16.97 5.64
CA LYS B 543 28.20 -17.56 6.03
C LYS B 543 27.06 -16.65 5.57
N GLU B 544 26.18 -17.18 4.73
CA GLU B 544 25.03 -16.45 4.21
C GLU B 544 24.07 -16.08 5.35
N LEU B 545 23.69 -14.80 5.42
N LEU B 545 23.74 -14.79 5.46
CA LEU B 545 22.64 -14.34 6.32
CA LEU B 545 22.65 -14.35 6.31
C LEU B 545 21.40 -14.02 5.50
C LEU B 545 21.45 -14.16 5.40
N VAL B 546 20.30 -14.69 5.78
CA VAL B 546 19.09 -14.59 4.98
C VAL B 546 18.00 -13.88 5.77
N PHE B 547 17.46 -12.84 5.15
CA PHE B 547 16.34 -12.08 5.69
C PHE B 547 15.16 -12.20 4.74
N ASN B 548 13.97 -12.12 5.28
CA ASN B 548 12.75 -12.18 4.50
C ASN B 548 11.88 -10.95 4.72
N ILE B 549 11.47 -10.33 3.61
CA ILE B 549 10.59 -9.17 3.65
C ILE B 549 9.36 -9.51 2.81
N ASN B 550 8.23 -9.66 3.49
CA ASN B 550 7.03 -10.26 2.88
C ASN B 550 5.84 -9.35 2.81
N ASN B 551 4.85 -9.74 2.00
CA ASN B 551 3.60 -9.01 1.75
C ASN B 551 3.88 -7.62 1.14
N VAL B 552 4.92 -7.53 0.31
CA VAL B 552 5.25 -6.27 -0.40
C VAL B 552 4.28 -6.08 -1.57
N LYS B 553 3.70 -4.90 -1.69
CA LYS B 553 2.72 -4.62 -2.74
C LYS B 553 3.38 -3.85 -3.86
N LYS B 554 3.39 -4.44 -5.04
CA LYS B 554 3.95 -3.81 -6.24
C LYS B 554 2.88 -3.32 -7.16
N THR B 555 3.24 -2.33 -7.96
CA THR B 555 2.43 -1.81 -9.04
C THR B 555 3.24 -1.98 -10.32
N GLU B 556 2.72 -1.51 -11.44
CA GLU B 556 3.42 -1.63 -12.70
C GLU B 556 4.78 -0.91 -12.70
N TYR B 557 4.79 0.31 -12.18
CA TYR B 557 5.96 1.15 -12.18
C TYR B 557 6.31 1.51 -10.75
N GLY B 558 7.60 1.44 -10.45
CA GLY B 558 8.07 1.69 -9.10
C GLY B 558 9.57 1.68 -9.01
N GLU B 559 10.06 2.07 -7.84
CA GLU B 559 11.46 2.03 -7.50
C GLU B 559 11.58 1.49 -6.09
N ALA B 560 12.79 1.10 -5.71
CA ALA B 560 13.01 0.47 -4.42
C ALA B 560 14.41 0.65 -3.88
N VAL B 561 14.49 0.72 -2.55
CA VAL B 561 15.75 0.87 -1.83
C VAL B 561 15.78 -0.15 -0.70
N ILE B 562 16.79 -0.99 -0.67
CA ILE B 562 17.03 -1.90 0.46
C ILE B 562 17.94 -1.18 1.47
N ARG B 563 17.61 -1.33 2.75
CA ARG B 563 18.24 -0.57 3.82
C ARG B 563 18.98 -1.53 4.75
N LEU B 564 20.30 -1.58 4.61
CA LEU B 564 21.15 -2.52 5.38
C LEU B 564 21.77 -1.85 6.58
N GLY B 565 21.27 -2.17 7.76
CA GLY B 565 21.84 -1.68 8.99
C GLY B 565 22.99 -2.59 9.39
N LEU B 566 24.19 -2.02 9.46
CA LEU B 566 25.42 -2.75 9.80
C LEU B 566 26.09 -2.10 10.99
N GLY B 567 26.51 -2.94 11.95
CA GLY B 567 27.33 -2.51 13.05
C GLY B 567 28.58 -3.36 13.09
N ARG B 568 29.68 -2.80 12.63
CA ARG B 568 30.95 -3.53 12.57
C ARG B 568 32.11 -2.65 12.97
N ASN B 569 33.10 -3.27 13.63
CA ASN B 569 34.34 -2.58 13.86
C ASN B 569 34.96 -2.07 12.57
N HIS B 570 35.75 -1.01 12.71
CA HIS B 570 36.48 -0.46 11.58
C HIS B 570 37.45 -1.51 11.06
N GLY B 571 37.69 -1.47 9.76
CA GLY B 571 38.48 -2.49 9.05
C GLY B 571 37.71 -3.69 8.54
N LEU B 572 36.46 -3.86 8.97
CA LEU B 572 35.61 -4.93 8.46
C LEU B 572 34.79 -4.42 7.29
N SER B 573 34.50 -5.32 6.35
CA SER B 573 33.84 -4.96 5.09
C SER B 573 32.44 -4.41 5.27
N LEU B 574 32.12 -3.35 4.54
CA LEU B 574 30.75 -2.87 4.42
C LEU B 574 30.21 -3.14 3.00
N LEU B 575 30.80 -4.13 2.32
CA LEU B 575 30.45 -4.50 0.94
C LEU B 575 30.18 -6.00 0.83
N PRO B 576 29.12 -6.47 1.52
CA PRO B 576 28.77 -7.87 1.41
C PRO B 576 28.29 -8.19 -0.01
N GLU B 577 28.39 -9.46 -0.38
CA GLU B 577 27.67 -9.99 -1.52
C GLU B 577 26.19 -9.95 -1.18
N LEU B 578 25.39 -9.33 -2.05
CA LEU B 578 23.96 -9.20 -1.85
C LEU B 578 23.22 -9.92 -2.96
N LEU B 579 22.34 -10.84 -2.57
CA LEU B 579 21.40 -11.47 -3.48
C LEU B 579 19.99 -11.13 -3.05
N VAL B 580 19.18 -10.67 -3.99
CA VAL B 580 17.78 -10.39 -3.74
C VAL B 580 16.99 -11.32 -4.63
N ASN B 581 16.20 -12.22 -4.04
CA ASN B 581 15.47 -13.25 -4.77
C ASN B 581 16.38 -14.00 -5.73
N GLY B 582 17.59 -14.26 -5.25
CA GLY B 582 18.64 -15.00 -6.00
C GLY B 582 19.38 -14.21 -7.07
N LYS B 583 19.12 -12.91 -7.19
CA LYS B 583 19.75 -12.07 -8.21
C LYS B 583 20.77 -11.17 -7.53
N LYS B 584 21.96 -11.07 -8.12
CA LYS B 584 22.99 -10.18 -7.62
C LYS B 584 22.58 -8.71 -7.72
N VAL B 585 22.79 -7.98 -6.63
CA VAL B 585 22.56 -6.55 -6.52
C VAL B 585 23.84 -5.91 -6.00
N ASP B 586 24.36 -4.93 -6.74
CA ASP B 586 25.60 -4.25 -6.33
C ASP B 586 25.34 -3.30 -5.18
N ILE B 587 26.29 -3.23 -4.26
CA ILE B 587 26.21 -2.32 -3.11
C ILE B 587 27.07 -1.10 -3.45
N PRO B 588 26.51 0.11 -3.33
CA PRO B 588 27.29 1.31 -3.64
C PRO B 588 28.46 1.51 -2.68
N ASP B 589 29.54 2.11 -3.18
CA ASP B 589 30.69 2.46 -2.34
C ASP B 589 30.32 3.60 -1.40
N ASN B 590 29.53 4.55 -1.90
CA ASN B 590 29.14 5.73 -1.13
C ASN B 590 27.79 5.49 -0.49
N PHE B 591 27.68 5.88 0.78
CA PHE B 591 26.43 5.82 1.54
C PHE B 591 26.19 7.20 2.15
N ARG B 592 25.03 7.33 2.80
CA ARG B 592 24.60 8.59 3.36
C ARG B 592 25.46 9.04 4.53
N GLY B 593 26.18 10.13 4.33
CA GLY B 593 27.01 10.73 5.37
C GLY B 593 28.41 10.16 5.45
N ASP B 594 29.03 10.34 6.62
CA ASP B 594 30.47 10.17 6.77
C ASP B 594 30.84 8.74 7.10
N VAL B 595 32.11 8.41 6.90
CA VAL B 595 32.60 7.04 7.17
C VAL B 595 32.79 6.66 8.64
N GLN B 596 32.55 7.61 9.54
CA GLN B 596 32.53 7.38 10.98
C GLN B 596 33.92 7.09 11.52
N LYS B 597 34.91 7.74 10.92
CA LYS B 597 36.32 7.49 11.28
C LYS B 597 36.60 7.65 12.78
N ASP B 598 36.15 8.75 13.39
CA ASP B 598 36.41 9.00 14.81
C ASP B 598 35.50 8.25 15.79
N ARG B 599 34.43 7.61 15.29
CA ARG B 599 33.60 6.76 16.15
C ARG B 599 34.32 5.44 16.41
N ALA B 600 34.01 4.79 17.52
CA ALA B 600 34.68 3.54 17.91
C ALA B 600 34.49 2.40 16.91
N SER B 601 33.33 2.40 16.23
CA SER B 601 33.01 1.43 15.21
C SER B 601 32.00 2.05 14.26
N PHE B 602 31.70 1.35 13.19
CA PHE B 602 30.69 1.80 12.22
C PHE B 602 29.34 1.28 12.62
N PHE B 603 28.35 2.17 12.75
CA PHE B 603 26.97 1.75 12.88
C PHE B 603 26.15 2.66 11.97
N GLY B 604 25.58 2.10 10.92
CA GLY B 604 24.85 2.91 9.94
C GLY B 604 24.07 2.06 8.96
N VAL B 605 23.10 2.69 8.32
CA VAL B 605 22.34 2.05 7.24
C VAL B 605 22.95 2.39 5.90
N ILE B 606 23.31 1.34 5.18
CA ILE B 606 23.73 1.44 3.77
C ILE B 606 22.48 1.27 2.92
N GLU B 607 22.16 2.30 2.16
CA GLU B 607 20.98 2.28 1.29
C GLU B 607 21.40 1.77 -0.09
N VAL B 608 20.66 0.77 -0.57
CA VAL B 608 21.00 0.03 -1.76
C VAL B 608 19.85 0.09 -2.74
N PRO B 609 19.99 0.87 -3.82
CA PRO B 609 18.95 0.86 -4.86
C PRO B 609 18.84 -0.54 -5.45
N VAL B 610 17.62 -0.96 -5.75
CA VAL B 610 17.41 -2.30 -6.31
C VAL B 610 16.42 -2.20 -7.44
N ASP B 611 16.74 -2.90 -8.52
CA ASP B 611 15.89 -2.90 -9.70
C ASP B 611 14.52 -3.42 -9.28
N TYR B 612 13.49 -2.62 -9.57
CA TYR B 612 12.12 -2.95 -9.17
C TYR B 612 11.65 -4.29 -9.72
N SER B 613 12.15 -4.66 -10.90
CA SER B 613 11.78 -5.95 -11.52
C SER B 613 12.27 -7.18 -10.76
N ILE B 614 13.28 -7.02 -9.91
CA ILE B 614 13.80 -8.10 -9.07
C ILE B 614 12.88 -8.42 -7.88
N LEU B 615 12.13 -7.43 -7.46
CA LEU B 615 11.28 -7.58 -6.30
C LEU B 615 10.00 -8.36 -6.60
N LYS B 616 9.47 -9.00 -5.58
CA LYS B 616 8.10 -9.53 -5.67
C LYS B 616 7.41 -9.32 -4.35
N GLY B 617 6.39 -10.09 -4.03
CA GLY B 617 5.65 -9.87 -2.79
C GLY B 617 6.39 -10.40 -1.60
N ASN B 618 6.90 -11.62 -1.71
CA ASN B 618 7.73 -12.20 -0.66
C ASN B 618 9.17 -12.28 -1.16
N ASN B 619 10.09 -11.67 -0.42
CA ASN B 619 11.45 -11.42 -0.91
C ASN B 619 12.48 -12.00 0.01
N THR B 620 13.51 -12.59 -0.56
N THR B 620 13.48 -12.66 -0.56
CA THR B 620 14.64 -13.14 0.19
CA THR B 620 14.68 -13.07 0.19
C THR B 620 15.86 -12.25 -0.07
C THR B 620 15.75 -12.05 -0.07
N ILE B 621 16.47 -11.73 1.01
CA ILE B 621 17.61 -10.86 0.92
C ILE B 621 18.74 -11.59 1.62
N SER B 622 19.75 -11.97 0.84
CA SER B 622 20.86 -12.76 1.33
C SER B 622 22.13 -11.91 1.34
N LEU B 623 22.86 -11.94 2.46
CA LEU B 623 24.10 -11.22 2.61
C LEU B 623 25.25 -12.16 2.98
N LYS B 624 26.41 -11.98 2.36
CA LYS B 624 27.60 -12.78 2.71
C LYS B 624 28.82 -11.87 2.77
N PHE B 625 29.44 -11.83 3.96
CA PHE B 625 30.61 -11.01 4.19
C PHE B 625 31.86 -11.88 4.14
N PRO B 626 32.99 -11.29 3.73
CA PRO B 626 34.24 -12.03 3.61
C PRO B 626 35.00 -12.22 4.92
N ASP B 627 34.57 -11.54 5.98
CA ASP B 627 35.32 -11.44 7.24
C ASP B 627 34.39 -11.59 8.44
N ASN B 628 34.96 -11.97 9.59
CA ASN B 628 34.22 -12.22 10.82
C ASN B 628 34.01 -10.95 11.65
N GLY B 629 32.83 -10.85 12.27
CA GLY B 629 32.60 -9.91 13.35
C GLY B 629 31.50 -8.91 13.08
N GLY B 630 30.91 -8.42 14.16
CA GLY B 630 29.82 -7.49 14.03
C GLY B 630 28.49 -8.12 13.71
N HIS B 631 27.53 -7.25 13.36
CA HIS B 631 26.15 -7.65 13.16
C HIS B 631 25.51 -6.92 11.99
N VAL B 632 24.55 -7.58 11.35
CA VAL B 632 23.53 -6.91 10.55
C VAL B 632 22.42 -6.57 11.56
N SER B 633 22.23 -5.29 11.86
CA SER B 633 21.24 -4.88 12.85
C SER B 633 19.79 -4.99 12.30
N THR B 634 19.57 -4.46 11.11
CA THR B 634 18.26 -4.48 10.47
C THR B 634 18.39 -4.61 8.97
N VAL B 635 17.38 -5.22 8.36
CA VAL B 635 17.17 -5.15 6.92
C VAL B 635 15.73 -4.72 6.68
N THR B 636 15.57 -3.57 6.05
CA THR B 636 14.25 -3.04 5.77
C THR B 636 14.25 -2.58 4.33
N MET B 637 13.09 -2.22 3.82
CA MET B 637 13.03 -1.83 2.39
C MET B 637 12.01 -0.74 2.19
N GLN B 638 12.38 0.27 1.40
CA GLN B 638 11.40 1.26 0.97
C GLN B 638 11.02 0.96 -0.46
N ILE B 639 9.72 0.98 -0.74
CA ILE B 639 9.16 0.78 -2.07
C ILE B 639 8.45 2.06 -2.44
N PHE B 640 8.63 2.50 -3.68
CA PHE B 640 8.01 3.72 -4.19
C PHE B 640 7.19 3.35 -5.39
N ASN B 641 5.86 3.34 -5.25
CA ASN B 641 4.95 2.94 -6.33
C ASN B 641 4.35 4.14 -6.99
N PHE B 642 4.33 4.12 -8.32
N PHE B 642 4.33 4.14 -8.32
CA PHE B 642 3.88 5.24 -9.13
CA PHE B 642 3.90 5.30 -9.12
C PHE B 642 2.46 5.04 -9.63
C PHE B 642 2.54 5.10 -9.80
N SER B 643 1.74 6.15 -9.79
CA SER B 643 0.37 6.12 -10.38
C SER B 643 0.41 5.90 -11.88
N ASN B 644 1.51 6.29 -12.53
CA ASN B 644 1.68 6.11 -13.99
C ASN B 644 3.17 5.91 -14.30
N ASN B 645 3.50 5.72 -15.58
CA ASN B 645 4.89 5.62 -16.03
C ASN B 645 5.57 6.99 -15.98
N ILE B 646 5.87 7.48 -14.78
CA ILE B 646 6.36 8.85 -14.65
C ILE B 646 7.83 9.03 -15.08
N ARG B 647 8.59 7.93 -15.17
CA ARG B 647 9.98 7.96 -15.66
C ARG B 647 10.09 7.89 -17.19
N GLY B 648 9.00 7.54 -17.88
CA GLY B 648 9.01 7.42 -19.35
C GLY B 648 9.84 6.24 -19.84
#